data_7ZFU
# 
_entry.id   7ZFU 
# 
_audit_conform.dict_name       mmcif_pdbx.dic 
_audit_conform.dict_version    5.384 
_audit_conform.dict_location   http://mmcif.pdb.org/dictionaries/ascii/mmcif_pdbx.dic 
# 
loop_
_database_2.database_id 
_database_2.database_code 
_database_2.pdbx_database_accession 
_database_2.pdbx_DOI 
PDB   7ZFU         pdb_00007zfu 10.2210/pdb7zfu/pdb 
WWPDB D_1292122181 ?            ?                   
# 
loop_
_pdbx_audit_revision_history.ordinal 
_pdbx_audit_revision_history.data_content_type 
_pdbx_audit_revision_history.major_revision 
_pdbx_audit_revision_history.minor_revision 
_pdbx_audit_revision_history.revision_date 
1 'Structure model' 1 0 2022-11-23 
2 'Structure model' 1 1 2022-12-07 
3 'Structure model' 1 2 2024-01-31 
# 
_pdbx_audit_revision_details.ordinal             1 
_pdbx_audit_revision_details.revision_ordinal    1 
_pdbx_audit_revision_details.data_content_type   'Structure model' 
_pdbx_audit_revision_details.provider            repository 
_pdbx_audit_revision_details.type                'Initial release' 
_pdbx_audit_revision_details.description         ? 
_pdbx_audit_revision_details.details             ? 
# 
loop_
_pdbx_audit_revision_group.ordinal 
_pdbx_audit_revision_group.revision_ordinal 
_pdbx_audit_revision_group.data_content_type 
_pdbx_audit_revision_group.group 
1 2 'Structure model' 'Database references'    
2 3 'Structure model' 'Data collection'        
3 3 'Structure model' 'Refinement description' 
# 
loop_
_pdbx_audit_revision_category.ordinal 
_pdbx_audit_revision_category.revision_ordinal 
_pdbx_audit_revision_category.data_content_type 
_pdbx_audit_revision_category.category 
1 2 'Structure model' citation                      
2 2 'Structure model' citation_author               
3 3 'Structure model' chem_comp_atom                
4 3 'Structure model' chem_comp_bond                
5 3 'Structure model' pdbx_initial_refinement_model 
# 
loop_
_pdbx_audit_revision_item.ordinal 
_pdbx_audit_revision_item.revision_ordinal 
_pdbx_audit_revision_item.data_content_type 
_pdbx_audit_revision_item.item 
1 2 'Structure model' '_citation.journal_volume'          
2 2 'Structure model' '_citation.page_first'              
3 2 'Structure model' '_citation.page_last'               
4 2 'Structure model' '_citation_author.identifier_ORCID' 
# 
_pdbx_database_status.status_code                     REL 
_pdbx_database_status.status_code_sf                  REL 
_pdbx_database_status.status_code_mr                  ? 
_pdbx_database_status.entry_id                        7ZFU 
_pdbx_database_status.recvd_initial_deposition_date   2022-04-01 
_pdbx_database_status.SG_entry                        N 
_pdbx_database_status.deposit_site                    PDBE 
_pdbx_database_status.process_site                    PDBE 
_pdbx_database_status.status_code_cs                  ? 
_pdbx_database_status.status_code_nmr_data            ? 
_pdbx_database_status.methods_development_category    ? 
_pdbx_database_status.pdb_format_compatible           N 
# 
_pdbx_contact_author.id                 2 
_pdbx_contact_author.email              martin.noble@ncl.ac.uk 
_pdbx_contact_author.name_first         Martin 
_pdbx_contact_author.name_last          Noble 
_pdbx_contact_author.name_mi            E.M. 
_pdbx_contact_author.role               'principal investigator/group leader' 
_pdbx_contact_author.identifier_ORCID   0000-0002-3595-9807 
# 
loop_
_audit_author.name 
_audit_author.pdbx_ordinal 
_audit_author.identifier_ORCID 
'Turberville, S.' 1 0000-0003-2173-9675 
'Martin, M.P.'    2 0000-0003-4810-3351 
'Hope, I.'        3 ?                   
'Noble, M.E.M.'   4 0000-0002-3595-9807 
# 
_citation.abstract                  ? 
_citation.abstract_id_CAS           ? 
_citation.book_id_ISBN              ? 
_citation.book_publisher            ? 
_citation.book_publisher_city       ? 
_citation.book_title                ? 
_citation.coordinate_linkage        ? 
_citation.country                   US 
_citation.database_id_Medline       ? 
_citation.details                   ? 
_citation.id                        primary 
_citation.journal_abbrev            J.Med.Chem. 
_citation.journal_id_ASTM           JMCMAR 
_citation.journal_id_CSD            0151 
_citation.journal_id_ISSN           0022-2623 
_citation.journal_full              ? 
_citation.journal_issue             ? 
_citation.journal_volume            65 
_citation.language                  ? 
_citation.page_first                15416 
_citation.page_last                 15432 
_citation.title                     
;Mapping Ligand Interactions of Bromodomains BRD4 and ATAD2 with FragLites and PepLites&#9472;Halogenated Probes of Druglike and Peptide-like Molecular Interactions.
;
_citation.year                      2022 
_citation.database_id_CSD           ? 
_citation.pdbx_database_id_DOI      10.1021/acs.jmedchem.2c01357 
_citation.pdbx_database_id_PubMed   36367089 
_citation.pdbx_database_id_patent   ? 
_citation.unpublished_flag          ? 
# 
loop_
_citation_author.citation_id 
_citation_author.name 
_citation_author.ordinal 
_citation_author.identifier_ORCID 
primary 'Davison, G.'       1  ? 
primary 'Martin, M.P.'      2  ? 
primary 'Turberville, S.'   3  ? 
primary 'Dormen, S.'        4  ? 
primary 'Heath, R.'         5  ? 
primary 'Heptinstall, A.B.' 6  ? 
primary 'Lawson, M.'        7  ? 
primary 'Miller, D.C.'      8  ? 
primary 'Ng, Y.M.'          9  ? 
primary 'Sanderson, J.N.'   10 ? 
primary 'Hope, I.'          11 ? 
primary 'Wood, D.J.'        12 ? 
primary 'Cano, C.'          13 ? 
primary 'Endicott, J.A.'    14 ? 
primary 'Hardcastle, I.R.'  15 ? 
primary 'Noble, M.E.M.'     16 ? 
primary 'Waring, M.J.'      17 ? 
# 
loop_
_entity.id 
_entity.type 
_entity.src_method 
_entity.pdbx_description 
_entity.formula_weight 
_entity.pdbx_number_of_molecules 
_entity.pdbx_ec 
_entity.pdbx_mutation 
_entity.pdbx_fragment 
_entity.details 
1 polymer     man 'Bromodomain-containing protein 4'                                    15294.578 1   ? ? ? ? 
2 non-polymer syn '(2R)-N-(3-bromanylprop-2-ynyl)-1-ethanoyl-pyrrolidine-2-carboxamide' 273.126   1   ? ? ? ? 
3 non-polymer syn GLYCEROL                                                              92.094    3   ? ? ? ? 
4 water       nat water                                                                 18.015    107 ? ? ? ? 
# 
_entity_name_com.entity_id   1 
_entity_name_com.name        'Protein HUNK1' 
# 
_entity_poly.entity_id                      1 
_entity_poly.type                           'polypeptide(L)' 
_entity_poly.nstd_linkage                   no 
_entity_poly.nstd_monomer                   no 
_entity_poly.pdbx_seq_one_letter_code       
;GSHMNPPPPETSNPNKPKRQTNQLQYLLRVVLKTLWKHQFAWPFQQPVDAVKLNLPDYYKIIKTPMDMGTIKKRLENNYY
WNAQECIQDFNTMFTNCYIYNKPGDDIVLMAEALEKLFLQKINELPTEE
;
_entity_poly.pdbx_seq_one_letter_code_can   
;GSHMNPPPPETSNPNKPKRQTNQLQYLLRVVLKTLWKHQFAWPFQQPVDAVKLNLPDYYKIIKTPMDMGTIKKRLENNYY
WNAQECIQDFNTMFTNCYIYNKPGDDIVLMAEALEKLFLQKINELPTEE
;
_entity_poly.pdbx_strand_id                 AAA 
_entity_poly.pdbx_target_identifier         ? 
# 
loop_
_pdbx_entity_nonpoly.entity_id 
_pdbx_entity_nonpoly.name 
_pdbx_entity_nonpoly.comp_id 
2 '(2R)-N-(3-bromanylprop-2-ynyl)-1-ethanoyl-pyrrolidine-2-carboxamide' IS6 
3 GLYCEROL                                                              GOL 
4 water                                                                 HOH 
# 
loop_
_entity_poly_seq.entity_id 
_entity_poly_seq.num 
_entity_poly_seq.mon_id 
_entity_poly_seq.hetero 
1 1   GLY n 
1 2   SER n 
1 3   HIS n 
1 4   MET n 
1 5   ASN n 
1 6   PRO n 
1 7   PRO n 
1 8   PRO n 
1 9   PRO n 
1 10  GLU n 
1 11  THR n 
1 12  SER n 
1 13  ASN n 
1 14  PRO n 
1 15  ASN n 
1 16  LYS n 
1 17  PRO n 
1 18  LYS n 
1 19  ARG n 
1 20  GLN n 
1 21  THR n 
1 22  ASN n 
1 23  GLN n 
1 24  LEU n 
1 25  GLN n 
1 26  TYR n 
1 27  LEU n 
1 28  LEU n 
1 29  ARG n 
1 30  VAL n 
1 31  VAL n 
1 32  LEU n 
1 33  LYS n 
1 34  THR n 
1 35  LEU n 
1 36  TRP n 
1 37  LYS n 
1 38  HIS n 
1 39  GLN n 
1 40  PHE n 
1 41  ALA n 
1 42  TRP n 
1 43  PRO n 
1 44  PHE n 
1 45  GLN n 
1 46  GLN n 
1 47  PRO n 
1 48  VAL n 
1 49  ASP n 
1 50  ALA n 
1 51  VAL n 
1 52  LYS n 
1 53  LEU n 
1 54  ASN n 
1 55  LEU n 
1 56  PRO n 
1 57  ASP n 
1 58  TYR n 
1 59  TYR n 
1 60  LYS n 
1 61  ILE n 
1 62  ILE n 
1 63  LYS n 
1 64  THR n 
1 65  PRO n 
1 66  MET n 
1 67  ASP n 
1 68  MET n 
1 69  GLY n 
1 70  THR n 
1 71  ILE n 
1 72  LYS n 
1 73  LYS n 
1 74  ARG n 
1 75  LEU n 
1 76  GLU n 
1 77  ASN n 
1 78  ASN n 
1 79  TYR n 
1 80  TYR n 
1 81  TRP n 
1 82  ASN n 
1 83  ALA n 
1 84  GLN n 
1 85  GLU n 
1 86  CYS n 
1 87  ILE n 
1 88  GLN n 
1 89  ASP n 
1 90  PHE n 
1 91  ASN n 
1 92  THR n 
1 93  MET n 
1 94  PHE n 
1 95  THR n 
1 96  ASN n 
1 97  CYS n 
1 98  TYR n 
1 99  ILE n 
1 100 TYR n 
1 101 ASN n 
1 102 LYS n 
1 103 PRO n 
1 104 GLY n 
1 105 ASP n 
1 106 ASP n 
1 107 ILE n 
1 108 VAL n 
1 109 LEU n 
1 110 MET n 
1 111 ALA n 
1 112 GLU n 
1 113 ALA n 
1 114 LEU n 
1 115 GLU n 
1 116 LYS n 
1 117 LEU n 
1 118 PHE n 
1 119 LEU n 
1 120 GLN n 
1 121 LYS n 
1 122 ILE n 
1 123 ASN n 
1 124 GLU n 
1 125 LEU n 
1 126 PRO n 
1 127 THR n 
1 128 GLU n 
1 129 GLU n 
# 
_entity_src_gen.entity_id                          1 
_entity_src_gen.pdbx_src_id                        1 
_entity_src_gen.pdbx_alt_source_flag               sample 
_entity_src_gen.pdbx_seq_type                      'Biological sequence' 
_entity_src_gen.pdbx_beg_seq_num                   1 
_entity_src_gen.pdbx_end_seq_num                   129 
_entity_src_gen.gene_src_common_name               human 
_entity_src_gen.gene_src_genus                     ? 
_entity_src_gen.pdbx_gene_src_gene                 'BRD4, HUNK1' 
_entity_src_gen.gene_src_species                   ? 
_entity_src_gen.gene_src_strain                    ? 
_entity_src_gen.gene_src_tissue                    ? 
_entity_src_gen.gene_src_tissue_fraction           ? 
_entity_src_gen.gene_src_details                   ? 
_entity_src_gen.pdbx_gene_src_fragment             ? 
_entity_src_gen.pdbx_gene_src_scientific_name      'Homo sapiens' 
_entity_src_gen.pdbx_gene_src_ncbi_taxonomy_id     9606 
_entity_src_gen.pdbx_gene_src_variant              ? 
_entity_src_gen.pdbx_gene_src_cell_line            ? 
_entity_src_gen.pdbx_gene_src_atcc                 ? 
_entity_src_gen.pdbx_gene_src_organ                ? 
_entity_src_gen.pdbx_gene_src_organelle            ? 
_entity_src_gen.pdbx_gene_src_cell                 ? 
_entity_src_gen.pdbx_gene_src_cellular_location    ? 
_entity_src_gen.host_org_common_name               ? 
_entity_src_gen.pdbx_host_org_scientific_name      'Escherichia coli BL21(DE3)' 
_entity_src_gen.pdbx_host_org_ncbi_taxonomy_id     469008 
_entity_src_gen.host_org_genus                     ? 
_entity_src_gen.pdbx_host_org_gene                 ? 
_entity_src_gen.pdbx_host_org_organ                ? 
_entity_src_gen.host_org_species                   ? 
_entity_src_gen.pdbx_host_org_tissue               ? 
_entity_src_gen.pdbx_host_org_tissue_fraction      ? 
_entity_src_gen.pdbx_host_org_strain               ? 
_entity_src_gen.pdbx_host_org_variant              ? 
_entity_src_gen.pdbx_host_org_cell_line            ? 
_entity_src_gen.pdbx_host_org_atcc                 ? 
_entity_src_gen.pdbx_host_org_culture_collection   ? 
_entity_src_gen.pdbx_host_org_cell                 ? 
_entity_src_gen.pdbx_host_org_organelle            ? 
_entity_src_gen.pdbx_host_org_cellular_location    ? 
_entity_src_gen.pdbx_host_org_vector_type          ? 
_entity_src_gen.pdbx_host_org_vector               ? 
_entity_src_gen.host_org_details                   ? 
_entity_src_gen.expression_system_id               ? 
_entity_src_gen.plasmid_name                       pET28b 
_entity_src_gen.plasmid_details                    ? 
_entity_src_gen.pdbx_description                   ? 
# 
loop_
_chem_comp.id 
_chem_comp.type 
_chem_comp.mon_nstd_flag 
_chem_comp.name 
_chem_comp.pdbx_synonyms 
_chem_comp.formula 
_chem_comp.formula_weight 
ALA 'L-peptide linking' y ALANINE                                                               ?                               
'C3 H7 N O2'       89.093  
ARG 'L-peptide linking' y ARGININE                                                              ?                               
'C6 H15 N4 O2 1'   175.209 
ASN 'L-peptide linking' y ASPARAGINE                                                            ?                               
'C4 H8 N2 O3'      132.118 
ASP 'L-peptide linking' y 'ASPARTIC ACID'                                                       ?                               
'C4 H7 N O4'       133.103 
CYS 'L-peptide linking' y CYSTEINE                                                              ?                               
'C3 H7 N O2 S'     121.158 
GLN 'L-peptide linking' y GLUTAMINE                                                             ?                               
'C5 H10 N2 O3'     146.144 
GLU 'L-peptide linking' y 'GLUTAMIC ACID'                                                       ?                               
'C5 H9 N O4'       147.129 
GLY 'peptide linking'   y GLYCINE                                                               ?                               
'C2 H5 N O2'       75.067  
GOL non-polymer         . GLYCEROL                                                              'GLYCERIN; PROPANE-1,2,3-TRIOL' 
'C3 H8 O3'         92.094  
HIS 'L-peptide linking' y HISTIDINE                                                             ?                               
'C6 H10 N3 O2 1'   156.162 
HOH non-polymer         . WATER                                                                 ?                               
'H2 O'             18.015  
ILE 'L-peptide linking' y ISOLEUCINE                                                            ?                               
'C6 H13 N O2'      131.173 
IS6 non-polymer         . '(2R)-N-(3-bromanylprop-2-ynyl)-1-ethanoyl-pyrrolidine-2-carboxamide' ?                               
'C10 H13 Br N2 O2' 273.126 
LEU 'L-peptide linking' y LEUCINE                                                               ?                               
'C6 H13 N O2'      131.173 
LYS 'L-peptide linking' y LYSINE                                                                ?                               
'C6 H15 N2 O2 1'   147.195 
MET 'L-peptide linking' y METHIONINE                                                            ?                               
'C5 H11 N O2 S'    149.211 
PHE 'L-peptide linking' y PHENYLALANINE                                                         ?                               
'C9 H11 N O2'      165.189 
PRO 'L-peptide linking' y PROLINE                                                               ?                               
'C5 H9 N O2'       115.130 
SER 'L-peptide linking' y SERINE                                                                ?                               
'C3 H7 N O3'       105.093 
THR 'L-peptide linking' y THREONINE                                                             ?                               
'C4 H9 N O3'       119.119 
TRP 'L-peptide linking' y TRYPTOPHAN                                                            ?                               
'C11 H12 N2 O2'    204.225 
TYR 'L-peptide linking' y TYROSINE                                                              ?                               
'C9 H11 N O3'      181.189 
VAL 'L-peptide linking' y VALINE                                                                ?                               
'C5 H11 N O2'      117.146 
# 
loop_
_pdbx_poly_seq_scheme.asym_id 
_pdbx_poly_seq_scheme.entity_id 
_pdbx_poly_seq_scheme.seq_id 
_pdbx_poly_seq_scheme.mon_id 
_pdbx_poly_seq_scheme.ndb_seq_num 
_pdbx_poly_seq_scheme.pdb_seq_num 
_pdbx_poly_seq_scheme.auth_seq_num 
_pdbx_poly_seq_scheme.pdb_mon_id 
_pdbx_poly_seq_scheme.auth_mon_id 
_pdbx_poly_seq_scheme.pdb_strand_id 
_pdbx_poly_seq_scheme.pdb_ins_code 
_pdbx_poly_seq_scheme.hetero 
A 1 1   GLY 1   40  40  GLY GLY AAA . n 
A 1 2   SER 2   41  41  SER SER AAA . n 
A 1 3   HIS 3   42  42  HIS HIS AAA . n 
A 1 4   MET 4   43  43  MET MET AAA . n 
A 1 5   ASN 5   44  44  ASN ASN AAA . n 
A 1 6   PRO 6   45  45  PRO PRO AAA . n 
A 1 7   PRO 7   46  46  PRO PRO AAA . n 
A 1 8   PRO 8   47  47  PRO PRO AAA . n 
A 1 9   PRO 9   48  48  PRO PRO AAA . n 
A 1 10  GLU 10  49  49  GLU GLU AAA . n 
A 1 11  THR 11  50  50  THR THR AAA . n 
A 1 12  SER 12  51  51  SER SER AAA . n 
A 1 13  ASN 13  52  52  ASN ASN AAA . n 
A 1 14  PRO 14  53  53  PRO PRO AAA . n 
A 1 15  ASN 15  54  54  ASN ASN AAA . n 
A 1 16  LYS 16  55  55  LYS LYS AAA . n 
A 1 17  PRO 17  56  56  PRO PRO AAA . n 
A 1 18  LYS 18  57  57  LYS LYS AAA . n 
A 1 19  ARG 19  58  58  ARG ARG AAA . n 
A 1 20  GLN 20  59  59  GLN GLN AAA . n 
A 1 21  THR 21  60  60  THR THR AAA . n 
A 1 22  ASN 22  61  61  ASN ASN AAA . n 
A 1 23  GLN 23  62  62  GLN GLN AAA . n 
A 1 24  LEU 24  63  63  LEU LEU AAA . n 
A 1 25  GLN 25  64  64  GLN GLN AAA . n 
A 1 26  TYR 26  65  65  TYR TYR AAA . n 
A 1 27  LEU 27  66  66  LEU LEU AAA . n 
A 1 28  LEU 28  67  67  LEU LEU AAA . n 
A 1 29  ARG 29  68  68  ARG ARG AAA . n 
A 1 30  VAL 30  69  69  VAL VAL AAA . n 
A 1 31  VAL 31  70  70  VAL VAL AAA . n 
A 1 32  LEU 32  71  71  LEU LEU AAA . n 
A 1 33  LYS 33  72  72  LYS LYS AAA . n 
A 1 34  THR 34  73  73  THR THR AAA . n 
A 1 35  LEU 35  74  74  LEU LEU AAA . n 
A 1 36  TRP 36  75  75  TRP TRP AAA . n 
A 1 37  LYS 37  76  76  LYS LYS AAA . n 
A 1 38  HIS 38  77  77  HIS HIS AAA . n 
A 1 39  GLN 39  78  78  GLN GLN AAA . n 
A 1 40  PHE 40  79  79  PHE PHE AAA . n 
A 1 41  ALA 41  80  80  ALA ALA AAA . n 
A 1 42  TRP 42  81  81  TRP TRP AAA . n 
A 1 43  PRO 43  82  82  PRO PRO AAA . n 
A 1 44  PHE 44  83  83  PHE PHE AAA . n 
A 1 45  GLN 45  84  84  GLN GLN AAA . n 
A 1 46  GLN 46  85  85  GLN GLN AAA . n 
A 1 47  PRO 47  86  86  PRO PRO AAA . n 
A 1 48  VAL 48  87  87  VAL VAL AAA . n 
A 1 49  ASP 49  88  88  ASP ASP AAA . n 
A 1 50  ALA 50  89  89  ALA ALA AAA . n 
A 1 51  VAL 51  90  90  VAL VAL AAA . n 
A 1 52  LYS 52  91  91  LYS LYS AAA . n 
A 1 53  LEU 53  92  92  LEU LEU AAA . n 
A 1 54  ASN 54  93  93  ASN ASN AAA . n 
A 1 55  LEU 55  94  94  LEU LEU AAA . n 
A 1 56  PRO 56  95  95  PRO PRO AAA . n 
A 1 57  ASP 57  96  96  ASP ASP AAA . n 
A 1 58  TYR 58  97  97  TYR TYR AAA . n 
A 1 59  TYR 59  98  98  TYR TYR AAA . n 
A 1 60  LYS 60  99  99  LYS LYS AAA . n 
A 1 61  ILE 61  100 100 ILE ILE AAA . n 
A 1 62  ILE 62  101 101 ILE ILE AAA . n 
A 1 63  LYS 63  102 102 LYS LYS AAA . n 
A 1 64  THR 64  103 103 THR THR AAA . n 
A 1 65  PRO 65  104 104 PRO PRO AAA . n 
A 1 66  MET 66  105 105 MET MET AAA . n 
A 1 67  ASP 67  106 106 ASP ASP AAA . n 
A 1 68  MET 68  107 107 MET MET AAA . n 
A 1 69  GLY 69  108 108 GLY GLY AAA . n 
A 1 70  THR 70  109 109 THR THR AAA . n 
A 1 71  ILE 71  110 110 ILE ILE AAA . n 
A 1 72  LYS 72  111 111 LYS LYS AAA . n 
A 1 73  LYS 73  112 112 LYS LYS AAA . n 
A 1 74  ARG 74  113 113 ARG ARG AAA . n 
A 1 75  LEU 75  114 114 LEU LEU AAA . n 
A 1 76  GLU 76  115 115 GLU GLU AAA . n 
A 1 77  ASN 77  116 116 ASN ASN AAA . n 
A 1 78  ASN 78  117 117 ASN ASN AAA . n 
A 1 79  TYR 79  118 118 TYR TYR AAA . n 
A 1 80  TYR 80  119 119 TYR TYR AAA . n 
A 1 81  TRP 81  120 120 TRP TRP AAA . n 
A 1 82  ASN 82  121 121 ASN ASN AAA . n 
A 1 83  ALA 83  122 122 ALA ALA AAA . n 
A 1 84  GLN 84  123 123 GLN GLN AAA . n 
A 1 85  GLU 85  124 124 GLU GLU AAA . n 
A 1 86  CYS 86  125 125 CYS CYS AAA . n 
A 1 87  ILE 87  126 126 ILE ILE AAA . n 
A 1 88  GLN 88  127 127 GLN GLN AAA . n 
A 1 89  ASP 89  128 128 ASP ASP AAA . n 
A 1 90  PHE 90  129 129 PHE PHE AAA . n 
A 1 91  ASN 91  130 130 ASN ASN AAA . n 
A 1 92  THR 92  131 131 THR THR AAA . n 
A 1 93  MET 93  132 132 MET MET AAA . n 
A 1 94  PHE 94  133 133 PHE PHE AAA . n 
A 1 95  THR 95  134 134 THR THR AAA . n 
A 1 96  ASN 96  135 135 ASN ASN AAA . n 
A 1 97  CYS 97  136 136 CYS CYS AAA . n 
A 1 98  TYR 98  137 137 TYR TYR AAA . n 
A 1 99  ILE 99  138 138 ILE ILE AAA . n 
A 1 100 TYR 100 139 139 TYR TYR AAA . n 
A 1 101 ASN 101 140 140 ASN ASN AAA . n 
A 1 102 LYS 102 141 141 LYS LYS AAA . n 
A 1 103 PRO 103 142 142 PRO PRO AAA . n 
A 1 104 GLY 104 143 143 GLY GLY AAA . n 
A 1 105 ASP 105 144 144 ASP ASP AAA . n 
A 1 106 ASP 106 145 145 ASP ASP AAA . n 
A 1 107 ILE 107 146 146 ILE ILE AAA . n 
A 1 108 VAL 108 147 147 VAL VAL AAA . n 
A 1 109 LEU 109 148 148 LEU LEU AAA . n 
A 1 110 MET 110 149 149 MET MET AAA . n 
A 1 111 ALA 111 150 150 ALA ALA AAA . n 
A 1 112 GLU 112 151 151 GLU GLU AAA . n 
A 1 113 ALA 113 152 152 ALA ALA AAA . n 
A 1 114 LEU 114 153 153 LEU LEU AAA . n 
A 1 115 GLU 115 154 154 GLU GLU AAA . n 
A 1 116 LYS 116 155 155 LYS LYS AAA . n 
A 1 117 LEU 117 156 156 LEU LEU AAA . n 
A 1 118 PHE 118 157 157 PHE PHE AAA . n 
A 1 119 LEU 119 158 158 LEU LEU AAA . n 
A 1 120 GLN 120 159 159 GLN GLN AAA . n 
A 1 121 LYS 121 160 160 LYS LYS AAA . n 
A 1 122 ILE 122 161 161 ILE ILE AAA . n 
A 1 123 ASN 123 162 162 ASN ASN AAA . n 
A 1 124 GLU 124 163 163 GLU GLU AAA . n 
A 1 125 LEU 125 164 164 LEU LEU AAA . n 
A 1 126 PRO 126 165 165 PRO PRO AAA . n 
A 1 127 THR 127 166 166 THR THR AAA . n 
A 1 128 GLU 128 167 167 GLU GLU AAA . n 
A 1 129 GLU 129 168 168 GLU GLU AAA . n 
# 
loop_
_pdbx_nonpoly_scheme.asym_id 
_pdbx_nonpoly_scheme.entity_id 
_pdbx_nonpoly_scheme.mon_id 
_pdbx_nonpoly_scheme.ndb_seq_num 
_pdbx_nonpoly_scheme.pdb_seq_num 
_pdbx_nonpoly_scheme.auth_seq_num 
_pdbx_nonpoly_scheme.pdb_mon_id 
_pdbx_nonpoly_scheme.auth_mon_id 
_pdbx_nonpoly_scheme.pdb_strand_id 
_pdbx_nonpoly_scheme.pdb_ins_code 
B 2 IS6 1   201 201 IS6 DRG AAA . 
C 3 GOL 1   202 301 GOL GOL AAA . 
D 3 GOL 1   203 401 GOL GOL AAA . 
E 3 GOL 1   204 501 GOL GOL AAA . 
F 4 HOH 1   301 88  HOH HOH AAA . 
F 4 HOH 2   302 164 HOH HOH AAA . 
F 4 HOH 3   303 67  HOH HOH AAA . 
F 4 HOH 4   304 209 HOH HOH AAA . 
F 4 HOH 5   305 205 HOH HOH AAA . 
F 4 HOH 6   306 110 HOH HOH AAA . 
F 4 HOH 7   307 175 HOH HOH AAA . 
F 4 HOH 8   308 185 HOH HOH AAA . 
F 4 HOH 9   309 176 HOH HOH AAA . 
F 4 HOH 10  310 180 HOH HOH AAA . 
F 4 HOH 11  311 121 HOH HOH AAA . 
F 4 HOH 12  312 81  HOH HOH AAA . 
F 4 HOH 13  313 83  HOH HOH AAA . 
F 4 HOH 14  314 206 HOH HOH AAA . 
F 4 HOH 15  315 82  HOH HOH AAA . 
F 4 HOH 16  316 25  HOH HOH AAA . 
F 4 HOH 17  317 27  HOH HOH AAA . 
F 4 HOH 18  318 109 HOH HOH AAA . 
F 4 HOH 19  319 90  HOH HOH AAA . 
F 4 HOH 20  320 26  HOH HOH AAA . 
F 4 HOH 21  321 128 HOH HOH AAA . 
F 4 HOH 22  322 10  HOH HOH AAA . 
F 4 HOH 23  323 42  HOH HOH AAA . 
F 4 HOH 24  324 8   HOH HOH AAA . 
F 4 HOH 25  325 20  HOH HOH AAA . 
F 4 HOH 26  326 92  HOH HOH AAA . 
F 4 HOH 27  327 70  HOH HOH AAA . 
F 4 HOH 28  328 111 HOH HOH AAA . 
F 4 HOH 29  329 14  HOH HOH AAA . 
F 4 HOH 30  330 172 HOH HOH AAA . 
F 4 HOH 31  331 77  HOH HOH AAA . 
F 4 HOH 32  332 49  HOH HOH AAA . 
F 4 HOH 33  333 103 HOH HOH AAA . 
F 4 HOH 34  334 204 HOH HOH AAA . 
F 4 HOH 35  335 13  HOH HOH AAA . 
F 4 HOH 36  336 202 HOH HOH AAA . 
F 4 HOH 37  337 69  HOH HOH AAA . 
F 4 HOH 38  338 94  HOH HOH AAA . 
F 4 HOH 39  339 17  HOH HOH AAA . 
F 4 HOH 40  340 186 HOH HOH AAA . 
F 4 HOH 41  341 6   HOH HOH AAA . 
F 4 HOH 42  342 179 HOH HOH AAA . 
F 4 HOH 43  343 137 HOH HOH AAA . 
F 4 HOH 44  344 200 HOH HOH AAA . 
F 4 HOH 45  345 3   HOH HOH AAA . 
F 4 HOH 46  346 203 HOH HOH AAA . 
F 4 HOH 47  347 24  HOH HOH AAA . 
F 4 HOH 48  348 23  HOH HOH AAA . 
F 4 HOH 49  349 9   HOH HOH AAA . 
F 4 HOH 50  350 135 HOH HOH AAA . 
F 4 HOH 51  351 212 HOH HOH AAA . 
F 4 HOH 52  352 57  HOH HOH AAA . 
F 4 HOH 53  353 19  HOH HOH AAA . 
F 4 HOH 54  354 98  HOH HOH AAA . 
F 4 HOH 55  355 33  HOH HOH AAA . 
F 4 HOH 56  356 21  HOH HOH AAA . 
F 4 HOH 57  357 41  HOH HOH AAA . 
F 4 HOH 58  358 187 HOH HOH AAA . 
F 4 HOH 59  359 93  HOH HOH AAA . 
F 4 HOH 60  360 31  HOH HOH AAA . 
F 4 HOH 61  361 18  HOH HOH AAA . 
F 4 HOH 62  362 36  HOH HOH AAA . 
F 4 HOH 63  363 199 HOH HOH AAA . 
F 4 HOH 64  364 163 HOH HOH AAA . 
F 4 HOH 65  365 153 HOH HOH AAA . 
F 4 HOH 66  366 5   HOH HOH AAA . 
F 4 HOH 67  367 166 HOH HOH AAA . 
F 4 HOH 68  368 45  HOH HOH AAA . 
F 4 HOH 69  369 168 HOH HOH AAA . 
F 4 HOH 70  370 208 HOH HOH AAA . 
F 4 HOH 71  371 122 HOH HOH AAA . 
F 4 HOH 72  372 152 HOH HOH AAA . 
F 4 HOH 73  373 58  HOH HOH AAA . 
F 4 HOH 74  374 63  HOH HOH AAA . 
F 4 HOH 75  375 11  HOH HOH AAA . 
F 4 HOH 76  376 28  HOH HOH AAA . 
F 4 HOH 77  377 7   HOH HOH AAA . 
F 4 HOH 78  378 39  HOH HOH AAA . 
F 4 HOH 79  379 65  HOH HOH AAA . 
F 4 HOH 80  380 1   HOH HOH AAA . 
F 4 HOH 81  381 148 HOH HOH AAA . 
F 4 HOH 82  382 161 HOH HOH AAA . 
F 4 HOH 83  383 213 HOH HOH AAA . 
F 4 HOH 84  384 198 HOH HOH AAA . 
F 4 HOH 85  385 106 HOH HOH AAA . 
F 4 HOH 86  386 43  HOH HOH AAA . 
F 4 HOH 87  387 162 HOH HOH AAA . 
F 4 HOH 88  388 197 HOH HOH AAA . 
F 4 HOH 89  389 207 HOH HOH AAA . 
F 4 HOH 90  390 101 HOH HOH AAA . 
F 4 HOH 91  391 108 HOH HOH AAA . 
F 4 HOH 92  392 167 HOH HOH AAA . 
F 4 HOH 93  393 74  HOH HOH AAA . 
F 4 HOH 94  394 15  HOH HOH AAA . 
F 4 HOH 95  395 127 HOH HOH AAA . 
F 4 HOH 96  396 210 HOH HOH AAA . 
F 4 HOH 97  397 73  HOH HOH AAA . 
F 4 HOH 98  398 61  HOH HOH AAA . 
F 4 HOH 99  399 160 HOH HOH AAA . 
F 4 HOH 100 400 211 HOH HOH AAA . 
F 4 HOH 101 401 132 HOH HOH AAA . 
F 4 HOH 102 402 201 HOH HOH AAA . 
F 4 HOH 103 403 30  HOH HOH AAA . 
F 4 HOH 104 404 189 HOH HOH AAA . 
F 4 HOH 105 405 66  HOH HOH AAA . 
F 4 HOH 106 406 85  HOH HOH AAA . 
F 4 HOH 107 407 78  HOH HOH AAA . 
# 
loop_
_software.citation_id 
_software.classification 
_software.compiler_name 
_software.compiler_version 
_software.contact_author 
_software.contact_author_email 
_software.date 
_software.description 
_software.dependencies 
_software.hardware 
_software.language 
_software.location 
_software.mods 
_software.name 
_software.os 
_software.os_version 
_software.type 
_software.version 
_software.pdbx_ordinal 
? refinement       ? ? ? ? ? ? ? ? ? ? ? REFMAC  ? ? ? 5.8.0258 1 
? refinement       ? ? ? ? ? ? ? ? ? ? ? REFMAC  ? ? ? 5.8.0258 2 
? 'data scaling'   ? ? ? ? ? ? ? ? ? ? ? Aimless ? ? ? 0.7.4    3 
? 'data reduction' ? ? ? ? ? ? ? ? ? ? ? xia2    ? ? ? .        4 
? phasing          ? ? ? ? ? ? ? ? ? ? ? PHASER  ? ? ? .        5 
# 
_cell.angle_alpha                  90.000 
_cell.angle_alpha_esd              ? 
_cell.angle_beta                   90.000 
_cell.angle_beta_esd               ? 
_cell.angle_gamma                  90.000 
_cell.angle_gamma_esd              ? 
_cell.entry_id                     7ZFU 
_cell.details                      ? 
_cell.formula_units_Z              ? 
_cell.length_a                     37.868 
_cell.length_a_esd                 ? 
_cell.length_b                     43.397 
_cell.length_b_esd                 ? 
_cell.length_c                     80.407 
_cell.length_c_esd                 ? 
_cell.volume                       ? 
_cell.volume_esd                   ? 
_cell.Z_PDB                        4 
_cell.reciprocal_angle_alpha       ? 
_cell.reciprocal_angle_beta        ? 
_cell.reciprocal_angle_gamma       ? 
_cell.reciprocal_angle_alpha_esd   ? 
_cell.reciprocal_angle_beta_esd    ? 
_cell.reciprocal_angle_gamma_esd   ? 
_cell.reciprocal_length_a          ? 
_cell.reciprocal_length_b          ? 
_cell.reciprocal_length_c          ? 
_cell.reciprocal_length_a_esd      ? 
_cell.reciprocal_length_b_esd      ? 
_cell.reciprocal_length_c_esd      ? 
_cell.pdbx_unique_axis             ? 
# 
_symmetry.entry_id                         7ZFU 
_symmetry.cell_setting                     ? 
_symmetry.Int_Tables_number                19 
_symmetry.space_group_name_Hall            ? 
_symmetry.space_group_name_H-M             'P 21 21 21' 
_symmetry.pdbx_full_space_group_name_H-M   ? 
# 
_exptl.absorpt_coefficient_mu     ? 
_exptl.absorpt_correction_T_max   ? 
_exptl.absorpt_correction_T_min   ? 
_exptl.absorpt_correction_type    ? 
_exptl.absorpt_process_details    ? 
_exptl.entry_id                   7ZFU 
_exptl.crystals_number            1 
_exptl.details                    ? 
_exptl.method                     'X-RAY DIFFRACTION' 
_exptl.method_details             ? 
# 
_exptl_crystal.colour                      ? 
_exptl_crystal.density_diffrn              ? 
_exptl_crystal.density_Matthews            2.16 
_exptl_crystal.density_method              ? 
_exptl_crystal.density_percent_sol         43.05 
_exptl_crystal.description                 ? 
_exptl_crystal.F_000                       ? 
_exptl_crystal.id                          1 
_exptl_crystal.preparation                 ? 
_exptl_crystal.size_max                    ? 
_exptl_crystal.size_mid                    ? 
_exptl_crystal.size_min                    ? 
_exptl_crystal.size_rad                    ? 
_exptl_crystal.colour_lustre               ? 
_exptl_crystal.colour_modifier             ? 
_exptl_crystal.colour_primary              ? 
_exptl_crystal.density_meas                ? 
_exptl_crystal.density_meas_esd            ? 
_exptl_crystal.density_meas_gt             ? 
_exptl_crystal.density_meas_lt             ? 
_exptl_crystal.density_meas_temp           ? 
_exptl_crystal.density_meas_temp_esd       ? 
_exptl_crystal.density_meas_temp_gt        ? 
_exptl_crystal.density_meas_temp_lt        ? 
_exptl_crystal.pdbx_crystal_image_url      ? 
_exptl_crystal.pdbx_crystal_image_format   ? 
_exptl_crystal.pdbx_mosaicity              ? 
_exptl_crystal.pdbx_mosaicity_esd          ? 
# 
_exptl_crystal_grow.apparatus       ? 
_exptl_crystal_grow.atmosphere      ? 
_exptl_crystal_grow.crystal_id      1 
_exptl_crystal_grow.details         ? 
_exptl_crystal_grow.method          'VAPOR DIFFUSION, SITTING DROP' 
_exptl_crystal_grow.method_ref      ? 
_exptl_crystal_grow.pH              8.5 
_exptl_crystal_grow.pressure        ? 
_exptl_crystal_grow.pressure_esd    ? 
_exptl_crystal_grow.seeding         ? 
_exptl_crystal_grow.seeding_ref     ? 
_exptl_crystal_grow.temp            293 
_exptl_crystal_grow.temp_details    ? 
_exptl_crystal_grow.temp_esd        ? 
_exptl_crystal_grow.time            ? 
_exptl_crystal_grow.pdbx_details    
;0.1 M Buffer system 3 (1 M Tris, 1 M BICINE, pH 8.5), 34-44% Precipitant Solution 3 (20% PEG 4000, 40%) and 60-80 mM Halogens Mix (NaF, NaBr and NaI) solution
;
_exptl_crystal_grow.pdbx_pH_range   ? 
# 
_diffrn.ambient_environment              ? 
_diffrn.ambient_temp                     100 
_diffrn.ambient_temp_details             ? 
_diffrn.ambient_temp_esd                 ? 
_diffrn.crystal_id                       1 
_diffrn.crystal_support                  ? 
_diffrn.crystal_treatment                ? 
_diffrn.details                          ? 
_diffrn.id                               1 
_diffrn.ambient_pressure                 ? 
_diffrn.ambient_pressure_esd             ? 
_diffrn.ambient_pressure_gt              ? 
_diffrn.ambient_pressure_lt              ? 
_diffrn.ambient_temp_gt                  ? 
_diffrn.ambient_temp_lt                  ? 
_diffrn.pdbx_serial_crystal_experiment   N 
# 
_diffrn_detector.details                      ? 
_diffrn_detector.detector                     PIXEL 
_diffrn_detector.diffrn_id                    1 
_diffrn_detector.type                         'DECTRIS PILATUS 6M' 
_diffrn_detector.area_resol_mean              ? 
_diffrn_detector.dtime                        ? 
_diffrn_detector.pdbx_frames_total            ? 
_diffrn_detector.pdbx_collection_time_total   ? 
_diffrn_detector.pdbx_collection_date         2019-07-28 
_diffrn_detector.pdbx_frequency               ? 
# 
_diffrn_radiation.collimation                      ? 
_diffrn_radiation.diffrn_id                        1 
_diffrn_radiation.filter_edge                      ? 
_diffrn_radiation.inhomogeneity                    ? 
_diffrn_radiation.monochromator                    ? 
_diffrn_radiation.polarisn_norm                    ? 
_diffrn_radiation.polarisn_ratio                   ? 
_diffrn_radiation.probe                            ? 
_diffrn_radiation.type                             ? 
_diffrn_radiation.xray_symbol                      ? 
_diffrn_radiation.wavelength_id                    1 
_diffrn_radiation.pdbx_monochromatic_or_laue_m_l   M 
_diffrn_radiation.pdbx_wavelength_list             ? 
_diffrn_radiation.pdbx_wavelength                  ? 
_diffrn_radiation.pdbx_diffrn_protocol             'SINGLE WAVELENGTH' 
_diffrn_radiation.pdbx_analyzer                    ? 
_diffrn_radiation.pdbx_scattering_type             x-ray 
# 
_diffrn_radiation_wavelength.id           1 
_diffrn_radiation_wavelength.wavelength   0.976230 
_diffrn_radiation_wavelength.wt           1.0 
# 
_diffrn_source.current                     ? 
_diffrn_source.details                     ? 
_diffrn_source.diffrn_id                   1 
_diffrn_source.power                       ? 
_diffrn_source.size                        ? 
_diffrn_source.source                      SYNCHROTRON 
_diffrn_source.target                      ? 
_diffrn_source.type                        'DIAMOND BEAMLINE I04-1' 
_diffrn_source.voltage                     ? 
_diffrn_source.take-off_angle              ? 
_diffrn_source.pdbx_wavelength_list        0.976230 
_diffrn_source.pdbx_wavelength             ? 
_diffrn_source.pdbx_synchrotron_beamline   I04-1 
_diffrn_source.pdbx_synchrotron_site       Diamond 
# 
_reflns.B_iso_Wilson_estimate                          ? 
_reflns.entry_id                                       7ZFU 
_reflns.data_reduction_details                         ? 
_reflns.data_reduction_method                          ? 
_reflns.d_resolution_high                              1.29 
_reflns.d_resolution_low                               38.19 
_reflns.details                                        ? 
_reflns.limit_h_max                                    ? 
_reflns.limit_h_min                                    ? 
_reflns.limit_k_max                                    ? 
_reflns.limit_k_min                                    ? 
_reflns.limit_l_max                                    ? 
_reflns.limit_l_min                                    ? 
_reflns.number_all                                     ? 
_reflns.number_obs                                     33926 
_reflns.observed_criterion                             ? 
_reflns.observed_criterion_F_max                       ? 
_reflns.observed_criterion_F_min                       ? 
_reflns.observed_criterion_I_max                       ? 
_reflns.observed_criterion_I_min                       ? 
_reflns.observed_criterion_sigma_F                     ? 
_reflns.observed_criterion_sigma_I                     ? 
_reflns.percent_possible_obs                           99.3 
_reflns.R_free_details                                 ? 
_reflns.Rmerge_F_all                                   ? 
_reflns.Rmerge_F_obs                                   ? 
_reflns.Friedel_coverage                               ? 
_reflns.number_gt                                      ? 
_reflns.threshold_expression                           ? 
_reflns.pdbx_redundancy                                7.1 
_reflns.pdbx_Rmerge_I_obs                              0.097 
_reflns.pdbx_Rmerge_I_all                              ? 
_reflns.pdbx_Rsym_value                                ? 
_reflns.pdbx_netI_over_av_sigmaI                       ? 
_reflns.pdbx_netI_over_sigmaI                          8.5 
_reflns.pdbx_res_netI_over_av_sigmaI_2                 ? 
_reflns.pdbx_res_netI_over_sigmaI_2                    ? 
_reflns.pdbx_chi_squared                               ? 
_reflns.pdbx_scaling_rejects                           ? 
_reflns.pdbx_d_res_high_opt                            ? 
_reflns.pdbx_d_res_low_opt                             ? 
_reflns.pdbx_d_res_opt_method                          ? 
_reflns.phase_calculation_details                      ? 
_reflns.pdbx_Rrim_I_all                                0.112 
_reflns.pdbx_Rpim_I_all                                0.056 
_reflns.pdbx_d_opt                                     ? 
_reflns.pdbx_number_measured_all                       ? 
_reflns.pdbx_diffrn_id                                 1 
_reflns.pdbx_ordinal                                   1 
_reflns.pdbx_CC_half                                   0.988 
_reflns.pdbx_CC_star                                   ? 
_reflns.pdbx_R_split                                   ? 
_reflns.pdbx_aniso_diffraction_limit_axis_1_ortho[1]   ? 
_reflns.pdbx_aniso_diffraction_limit_axis_1_ortho[2]   ? 
_reflns.pdbx_aniso_diffraction_limit_axis_1_ortho[3]   ? 
_reflns.pdbx_aniso_diffraction_limit_axis_2_ortho[1]   ? 
_reflns.pdbx_aniso_diffraction_limit_axis_2_ortho[2]   ? 
_reflns.pdbx_aniso_diffraction_limit_axis_2_ortho[3]   ? 
_reflns.pdbx_aniso_diffraction_limit_axis_3_ortho[1]   ? 
_reflns.pdbx_aniso_diffraction_limit_axis_3_ortho[2]   ? 
_reflns.pdbx_aniso_diffraction_limit_axis_3_ortho[3]   ? 
_reflns.pdbx_aniso_diffraction_limit_1                 ? 
_reflns.pdbx_aniso_diffraction_limit_2                 ? 
_reflns.pdbx_aniso_diffraction_limit_3                 ? 
_reflns.pdbx_aniso_B_tensor_eigenvector_1_ortho[1]     ? 
_reflns.pdbx_aniso_B_tensor_eigenvector_1_ortho[2]     ? 
_reflns.pdbx_aniso_B_tensor_eigenvector_1_ortho[3]     ? 
_reflns.pdbx_aniso_B_tensor_eigenvector_2_ortho[1]     ? 
_reflns.pdbx_aniso_B_tensor_eigenvector_2_ortho[2]     ? 
_reflns.pdbx_aniso_B_tensor_eigenvector_2_ortho[3]     ? 
_reflns.pdbx_aniso_B_tensor_eigenvector_3_ortho[1]     ? 
_reflns.pdbx_aniso_B_tensor_eigenvector_3_ortho[2]     ? 
_reflns.pdbx_aniso_B_tensor_eigenvector_3_ortho[3]     ? 
_reflns.pdbx_aniso_B_tensor_eigenvalue_1               ? 
_reflns.pdbx_aniso_B_tensor_eigenvalue_2               ? 
_reflns.pdbx_aniso_B_tensor_eigenvalue_3               ? 
_reflns.pdbx_orthogonalization_convention              ? 
_reflns.pdbx_percent_possible_ellipsoidal              ? 
_reflns.pdbx_percent_possible_spherical                ? 
_reflns.pdbx_percent_possible_ellipsoidal_anomalous    ? 
_reflns.pdbx_percent_possible_spherical_anomalous      ? 
_reflns.pdbx_redundancy_anomalous                      ? 
_reflns.pdbx_CC_half_anomalous                         ? 
_reflns.pdbx_absDiff_over_sigma_anomalous              ? 
_reflns.pdbx_percent_possible_anomalous                ? 
_reflns.pdbx_observed_signal_threshold                 ? 
_reflns.pdbx_signal_type                               ? 
_reflns.pdbx_signal_details                            ? 
_reflns.pdbx_signal_software_id                        ? 
# 
loop_
_reflns_shell.d_res_high 
_reflns_shell.d_res_low 
_reflns_shell.meanI_over_sigI_all 
_reflns_shell.meanI_over_sigI_obs 
_reflns_shell.number_measured_all 
_reflns_shell.number_measured_obs 
_reflns_shell.number_possible 
_reflns_shell.number_unique_all 
_reflns_shell.number_unique_obs 
_reflns_shell.percent_possible_all 
_reflns_shell.percent_possible_obs 
_reflns_shell.Rmerge_F_all 
_reflns_shell.Rmerge_F_obs 
_reflns_shell.Rmerge_I_all 
_reflns_shell.Rmerge_I_obs 
_reflns_shell.meanI_over_sigI_gt 
_reflns_shell.meanI_over_uI_all 
_reflns_shell.meanI_over_uI_gt 
_reflns_shell.number_measured_gt 
_reflns_shell.number_unique_gt 
_reflns_shell.percent_possible_gt 
_reflns_shell.Rmerge_F_gt 
_reflns_shell.Rmerge_I_gt 
_reflns_shell.pdbx_redundancy 
_reflns_shell.pdbx_Rsym_value 
_reflns_shell.pdbx_chi_squared 
_reflns_shell.pdbx_netI_over_sigmaI_all 
_reflns_shell.pdbx_netI_over_sigmaI_obs 
_reflns_shell.pdbx_Rrim_I_all 
_reflns_shell.pdbx_Rpim_I_all 
_reflns_shell.pdbx_rejects 
_reflns_shell.pdbx_ordinal 
_reflns_shell.pdbx_diffrn_id 
_reflns_shell.pdbx_CC_half 
_reflns_shell.pdbx_CC_star 
_reflns_shell.pdbx_R_split 
_reflns_shell.pdbx_percent_possible_ellipsoidal 
_reflns_shell.pdbx_percent_possible_spherical 
_reflns_shell.pdbx_percent_possible_ellipsoidal_anomalous 
_reflns_shell.pdbx_percent_possible_spherical_anomalous 
_reflns_shell.pdbx_redundancy_anomalous 
_reflns_shell.pdbx_CC_half_anomalous 
_reflns_shell.pdbx_absDiff_over_sigma_anomalous 
_reflns_shell.pdbx_percent_possible_anomalous 
7.07 38.19 ? ? ? ? ? ? 263  ? ? ? ? ? 0.111 ? ? ? ? ? ? ? ? 5.9 ? ? ? ? 0.130 0.066 ? 1 1 0.856 ? ? ? ? ? ? ? ? ? ? 
1.29 1.31  ? ? ? ? ? ? 1592 ? ? ? ? ? 2.160 ? ? ? ? ? ? ? ? 5.5 ? ? ? ? 2.626 1.466 ? 2 1 0.305 ? ? ? ? ? ? ? ? ? ? 
# 
_refine.aniso_B[1][1]                            0.392 
_refine.aniso_B[1][2]                            0.000 
_refine.aniso_B[1][3]                            -0.000 
_refine.aniso_B[2][2]                            -0.456 
_refine.aniso_B[2][3]                            0.000 
_refine.aniso_B[3][3]                            0.064 
_refine.B_iso_max                                ? 
_refine.B_iso_mean                               20.689 
_refine.B_iso_min                                ? 
_refine.correlation_coeff_Fo_to_Fc               0.965 
_refine.correlation_coeff_Fo_to_Fc_free          0.965 
_refine.details                                  'Hydrogens have been added in their riding positions' 
_refine.diff_density_max                         ? 
_refine.diff_density_max_esd                     ? 
_refine.diff_density_min                         ? 
_refine.diff_density_min_esd                     ? 
_refine.diff_density_rms                         ? 
_refine.diff_density_rms_esd                     ? 
_refine.entry_id                                 7ZFU 
_refine.pdbx_refine_id                           'X-RAY DIFFRACTION' 
_refine.ls_abs_structure_details                 ? 
_refine.ls_abs_structure_Flack                   ? 
_refine.ls_abs_structure_Flack_esd               ? 
_refine.ls_abs_structure_Rogers                  ? 
_refine.ls_abs_structure_Rogers_esd              ? 
_refine.ls_d_res_high                            1.290 
_refine.ls_d_res_low                             38.19 
_refine.ls_extinction_coef                       ? 
_refine.ls_extinction_coef_esd                   ? 
_refine.ls_extinction_expression                 ? 
_refine.ls_extinction_method                     ? 
_refine.ls_goodness_of_fit_all                   ? 
_refine.ls_goodness_of_fit_all_esd               ? 
_refine.ls_goodness_of_fit_obs                   ? 
_refine.ls_goodness_of_fit_obs_esd               ? 
_refine.ls_hydrogen_treatment                    ? 
_refine.ls_matrix_type                           ? 
_refine.ls_number_constraints                    ? 
_refine.ls_number_parameters                     ? 
_refine.ls_number_reflns_all                     ? 
_refine.ls_number_reflns_obs                     33871 
_refine.ls_number_reflns_R_free                  1606 
_refine.ls_number_reflns_R_work                  32265 
_refine.ls_number_restraints                     ? 
_refine.ls_percent_reflns_obs                    99.209 
_refine.ls_percent_reflns_R_free                 4.742 
_refine.ls_R_factor_all                          0.191 
_refine.ls_R_factor_obs                          ? 
_refine.ls_R_factor_R_free                       0.2041 
_refine.ls_R_factor_R_free_error                 ? 
_refine.ls_R_factor_R_free_error_details         ? 
_refine.ls_R_factor_R_work                       0.1903 
_refine.ls_R_Fsqd_factor_obs                     ? 
_refine.ls_R_I_factor_obs                        ? 
_refine.ls_redundancy_reflns_all                 ? 
_refine.ls_redundancy_reflns_obs                 ? 
_refine.ls_restrained_S_all                      ? 
_refine.ls_restrained_S_obs                      ? 
_refine.ls_shift_over_esd_max                    ? 
_refine.ls_shift_over_esd_mean                   ? 
_refine.ls_structure_factor_coef                 ? 
_refine.ls_weighting_details                     ? 
_refine.ls_weighting_scheme                      ? 
_refine.ls_wR_factor_all                         ? 
_refine.ls_wR_factor_obs                         ? 
_refine.ls_wR_factor_R_free                      ? 
_refine.ls_wR_factor_R_work                      ? 
_refine.occupancy_max                            ? 
_refine.occupancy_min                            ? 
_refine.solvent_model_details                    'MASK BULK SOLVENT' 
_refine.solvent_model_param_bsol                 ? 
_refine.solvent_model_param_ksol                 ? 
_refine.pdbx_R_complete                          ? 
_refine.ls_R_factor_gt                           ? 
_refine.ls_goodness_of_fit_gt                    ? 
_refine.ls_goodness_of_fit_ref                   ? 
_refine.ls_shift_over_su_max                     ? 
_refine.ls_shift_over_su_max_lt                  ? 
_refine.ls_shift_over_su_mean                    ? 
_refine.ls_shift_over_su_mean_lt                 ? 
_refine.pdbx_ls_sigma_I                          ? 
_refine.pdbx_ls_sigma_F                          ? 
_refine.pdbx_ls_sigma_Fsqd                       ? 
_refine.pdbx_data_cutoff_high_absF               ? 
_refine.pdbx_data_cutoff_high_rms_absF           ? 
_refine.pdbx_data_cutoff_low_absF                ? 
_refine.pdbx_isotropic_thermal_model             ? 
_refine.pdbx_ls_cross_valid_method               'FREE R-VALUE' 
_refine.pdbx_method_to_determine_struct          'MOLECULAR REPLACEMENT' 
_refine.pdbx_starting_model                      5LRQ 
_refine.pdbx_stereochemistry_target_values       ? 
_refine.pdbx_R_Free_selection_details            ? 
_refine.pdbx_stereochem_target_val_spec_case     ? 
_refine.pdbx_overall_ESU_R                       0.053 
_refine.pdbx_overall_ESU_R_Free                  0.052 
_refine.pdbx_solvent_vdw_probe_radii             1.200 
_refine.pdbx_solvent_ion_probe_radii             0.800 
_refine.pdbx_solvent_shrinkage_radii             0.800 
_refine.pdbx_real_space_R                        ? 
_refine.pdbx_density_correlation                 ? 
_refine.pdbx_pd_number_of_powder_patterns        ? 
_refine.pdbx_pd_number_of_points                 ? 
_refine.pdbx_pd_meas_number_of_points            ? 
_refine.pdbx_pd_proc_ls_prof_R_factor            ? 
_refine.pdbx_pd_proc_ls_prof_wR_factor           ? 
_refine.pdbx_pd_Marquardt_correlation_coeff      ? 
_refine.pdbx_pd_Fsqrd_R_factor                   ? 
_refine.pdbx_pd_ls_matrix_band_width             ? 
_refine.pdbx_overall_phase_error                 ? 
_refine.pdbx_overall_SU_R_free_Cruickshank_DPI   ? 
_refine.pdbx_overall_SU_R_free_Blow_DPI          ? 
_refine.pdbx_overall_SU_R_Blow_DPI               ? 
_refine.pdbx_TLS_residual_ADP_flag               ? 
_refine.pdbx_diffrn_id                           1 
_refine.overall_SU_B                             0.992 
_refine.overall_SU_ML                            0.040 
_refine.overall_SU_R_Cruickshank_DPI             ? 
_refine.overall_SU_R_free                        ? 
_refine.overall_FOM_free_R_set                   ? 
_refine.overall_FOM_work_R_set                   ? 
_refine.pdbx_average_fsc_overall                 ? 
_refine.pdbx_average_fsc_work                    ? 
_refine.pdbx_average_fsc_free                    ? 
# 
_refine_hist.pdbx_refine_id                   'X-RAY DIFFRACTION' 
_refine_hist.cycle_id                         LAST 
_refine_hist.details                          ? 
_refine_hist.d_res_high                       1.290 
_refine_hist.d_res_low                        38.19 
_refine_hist.number_atoms_solvent             107 
_refine_hist.number_atoms_total               1216 
_refine_hist.number_reflns_all                ? 
_refine_hist.number_reflns_obs                ? 
_refine_hist.number_reflns_R_free             ? 
_refine_hist.number_reflns_R_work             ? 
_refine_hist.R_factor_all                     ? 
_refine_hist.R_factor_obs                     ? 
_refine_hist.R_factor_R_free                  ? 
_refine_hist.R_factor_R_work                  ? 
_refine_hist.pdbx_number_residues_total       ? 
_refine_hist.pdbx_B_iso_mean_ligand           ? 
_refine_hist.pdbx_B_iso_mean_solvent          ? 
_refine_hist.pdbx_number_atoms_protein        1076 
_refine_hist.pdbx_number_atoms_nucleic_acid   0 
_refine_hist.pdbx_number_atoms_ligand         33 
_refine_hist.pdbx_number_atoms_lipid          ? 
_refine_hist.pdbx_number_atoms_carb           ? 
_refine_hist.pdbx_pseudo_atom_details         ? 
# 
loop_
_refine_ls_restr.pdbx_refine_id 
_refine_ls_restr.criterion 
_refine_ls_restr.dev_ideal 
_refine_ls_restr.dev_ideal_target 
_refine_ls_restr.number 
_refine_ls_restr.rejects 
_refine_ls_restr.type 
_refine_ls_restr.weight 
_refine_ls_restr.pdbx_restraint_function 
'X-RAY DIFFRACTION' ? 0.015  0.012  1151 ? r_bond_refined_d               ? ? 
'X-RAY DIFFRACTION' ? 2.233  1.657  1563 ? r_angle_refined_deg            ? ? 
'X-RAY DIFFRACTION' ? 6.838  5.000  132  ? r_dihedral_angle_1_deg         ? ? 
'X-RAY DIFFRACTION' ? 36.052 24.500 60   ? r_dihedral_angle_2_deg         ? ? 
'X-RAY DIFFRACTION' ? 12.631 15.000 201  ? r_dihedral_angle_3_deg         ? ? 
'X-RAY DIFFRACTION' ? 29.716 15.000 3    ? r_dihedral_angle_4_deg         ? ? 
'X-RAY DIFFRACTION' ? 0.126  0.200  146  ? r_chiral_restr                 ? ? 
'X-RAY DIFFRACTION' ? 0.013  0.020  883  ? r_gen_planes_refined           ? ? 
'X-RAY DIFFRACTION' ? 0.241  0.200  537  ? r_nbd_refined                  ? ? 
'X-RAY DIFFRACTION' ? 0.328  0.200  797  ? r_nbtor_refined                ? ? 
'X-RAY DIFFRACTION' ? 0.204  0.200  73   ? r_xyhbond_nbd_refined          ? ? 
'X-RAY DIFFRACTION' ? 0.274  0.200  48   ? r_symmetry_nbd_refined         ? ? 
'X-RAY DIFFRACTION' ? 0.395  0.200  18   ? r_symmetry_xyhbond_nbd_refined ? ? 
'X-RAY DIFFRACTION' ? 1.718  1.585  522  ? r_mcbond_it                    ? ? 
'X-RAY DIFFRACTION' ? 2.531  2.367  653  ? r_mcangle_it                   ? ? 
'X-RAY DIFFRACTION' ? 3.831  2.057  629  ? r_scbond_it                    ? ? 
'X-RAY DIFFRACTION' ? 5.457  2.915  909  ? r_scangle_it                   ? ? 
'X-RAY DIFFRACTION' ? 7.809  24.279 1798 ? r_lrange_it                    ? ? 
# 
loop_
_refine_ls_shell.pdbx_refine_id 
_refine_ls_shell.d_res_high 
_refine_ls_shell.d_res_low 
_refine_ls_shell.number_reflns_all 
_refine_ls_shell.number_reflns_obs 
_refine_ls_shell.number_reflns_R_free 
_refine_ls_shell.number_reflns_R_work 
_refine_ls_shell.percent_reflns_obs 
_refine_ls_shell.percent_reflns_R_free 
_refine_ls_shell.R_factor_all 
_refine_ls_shell.R_factor_obs 
_refine_ls_shell.R_factor_R_free 
_refine_ls_shell.R_factor_R_free_error 
_refine_ls_shell.R_factor_R_work 
_refine_ls_shell.redundancy_reflns_all 
_refine_ls_shell.redundancy_reflns_obs 
_refine_ls_shell.wR_factor_all 
_refine_ls_shell.wR_factor_obs 
_refine_ls_shell.wR_factor_R_free 
_refine_ls_shell.wR_factor_R_work 
_refine_ls_shell.pdbx_R_complete 
_refine_ls_shell.pdbx_total_number_of_bins_used 
_refine_ls_shell.pdbx_phase_error 
_refine_ls_shell.pdbx_fsc_work 
_refine_ls_shell.pdbx_fsc_free 
'X-RAY DIFFRACTION' 1.290 1.323 . . 99  2256 94.7305  . . . 0.359 . 0.326 . . . . . . . . . . . 
'X-RAY DIFFRACTION' 1.323 1.360 . . 107 2232 96.7729  . . . 0.307 . 0.290 . . . . . . . . . . . 
'X-RAY DIFFRACTION' 1.360 1.399 . . 99  2250 99.2815  . . . 0.315 . 0.253 . . . . . . . . . . . 
'X-RAY DIFFRACTION' 1.399 1.442 . . 102 2166 99.7361  . . . 0.221 . 0.253 . . . . . . . . . . . 
'X-RAY DIFFRACTION' 1.442 1.489 . . 114 2106 99.5516  . . . 0.258 . 0.219 . . . . . . . . . . . 
'X-RAY DIFFRACTION' 1.489 1.542 . . 127 2018 99.6747  . . . 0.198 . 0.204 . . . . . . . . . . . 
'X-RAY DIFFRACTION' 1.542 1.600 . . 98  1990 99.7135  . . . 0.227 . 0.187 . . . . . . . . . . . 
'X-RAY DIFFRACTION' 1.600 1.665 . . 94  1898 99.8496  . . . 0.216 . 0.180 . . . . . . . . . . . 
'X-RAY DIFFRACTION' 1.665 1.739 . . 94  1854 99.8974  . . . 0.179 . 0.168 . . . . . . . . . . . 
'X-RAY DIFFRACTION' 1.739 1.824 . . 101 1731 100.0000 . . . 0.194 . 0.174 . . . . . . . . . . . 
'X-RAY DIFFRACTION' 1.824 1.923 . . 74  1682 100.0000 . . . 0.186 . 0.174 . . . . . . . . . . . 
'X-RAY DIFFRACTION' 1.923 2.039 . . 85  1581 99.9400  . . . 0.215 . 0.176 . . . . . . . . . . . 
'X-RAY DIFFRACTION' 2.039 2.180 . . 72  1504 99.9366  . . . 0.207 . 0.188 . . . . . . . . . . . 
'X-RAY DIFFRACTION' 2.180 2.354 . . 62  1412 100.0000 . . . 0.183 . 0.183 . . . . . . . . . . . 
'X-RAY DIFFRACTION' 2.354 2.579 . . 70  1286 100.0000 . . . 0.247 . 0.181 . . . . . . . . . . . 
'X-RAY DIFFRACTION' 2.579 2.883 . . 57  1201 100.0000 . . . 0.197 . 0.173 . . . . . . . . . . . 
'X-RAY DIFFRACTION' 2.883 3.328 . . 60  1040 100.0000 . . . 0.188 . 0.174 . . . . . . . . . . . 
'X-RAY DIFFRACTION' 3.328 4.075 . . 39  908  100.0000 . . . 0.143 . 0.152 . . . . . . . . . . . 
'X-RAY DIFFRACTION' 4.075 5.755 . . 30  722  100.0000 . . . 0.164 . 0.196 . . . . . . . . . . . 
'X-RAY DIFFRACTION' 5.755 38.19 . . 22  429  99.5585  . . . 0.282 . 0.272 . . . . . . . . . . . 
# 
_struct.entry_id                     7ZFU 
_struct.title                        'BRD4 in complex with PepLite-Pro' 
_struct.pdbx_model_details           ? 
_struct.pdbx_formula_weight          ? 
_struct.pdbx_formula_weight_method   ? 
_struct.pdbx_model_type_details      ? 
_struct.pdbx_CASP_flag               N 
# 
_struct_keywords.entry_id        7ZFU 
_struct_keywords.text            'FragLites, anomalous, BRD4, Fragment screening, TRANSCRIPTION' 
_struct_keywords.pdbx_keywords   TRANSCRIPTION 
# 
loop_
_struct_asym.id 
_struct_asym.pdbx_blank_PDB_chainid_flag 
_struct_asym.pdbx_modified 
_struct_asym.entity_id 
_struct_asym.details 
A N N 1 ? 
B N N 2 ? 
C N N 3 ? 
D N N 3 ? 
E N N 3 ? 
F N N 4 ? 
# 
_struct_ref.id                         1 
_struct_ref.db_name                    UNP 
_struct_ref.db_code                    BRD4_HUMAN 
_struct_ref.pdbx_db_accession          O60885 
_struct_ref.pdbx_db_isoform            ? 
_struct_ref.entity_id                  1 
_struct_ref.pdbx_seq_one_letter_code   
;NPPPPETSNPNKPKRQTNQLQYLLRVVLKTLWKHQFAWPFQQPVDAVKLNLPDYYKIIKTPMDMGTIKKRLENNYYWNAQ
ECIQDFNTMFTNCYIYNKPGDDIVLMAEALEKLFLQKINELPTEE
;
_struct_ref.pdbx_align_begin           44 
# 
_struct_ref_seq.align_id                      1 
_struct_ref_seq.ref_id                        1 
_struct_ref_seq.pdbx_PDB_id_code              7ZFU 
_struct_ref_seq.pdbx_strand_id                AAA 
_struct_ref_seq.seq_align_beg                 5 
_struct_ref_seq.pdbx_seq_align_beg_ins_code   ? 
_struct_ref_seq.seq_align_end                 129 
_struct_ref_seq.pdbx_seq_align_end_ins_code   ? 
_struct_ref_seq.pdbx_db_accession             O60885 
_struct_ref_seq.db_align_beg                  44 
_struct_ref_seq.pdbx_db_align_beg_ins_code    ? 
_struct_ref_seq.db_align_end                  168 
_struct_ref_seq.pdbx_db_align_end_ins_code    ? 
_struct_ref_seq.pdbx_auth_seq_align_beg       44 
_struct_ref_seq.pdbx_auth_seq_align_end       168 
# 
loop_
_struct_ref_seq_dif.align_id 
_struct_ref_seq_dif.pdbx_pdb_id_code 
_struct_ref_seq_dif.mon_id 
_struct_ref_seq_dif.pdbx_pdb_strand_id 
_struct_ref_seq_dif.seq_num 
_struct_ref_seq_dif.pdbx_pdb_ins_code 
_struct_ref_seq_dif.pdbx_seq_db_name 
_struct_ref_seq_dif.pdbx_seq_db_accession_code 
_struct_ref_seq_dif.db_mon_id 
_struct_ref_seq_dif.pdbx_seq_db_seq_num 
_struct_ref_seq_dif.details 
_struct_ref_seq_dif.pdbx_auth_seq_num 
_struct_ref_seq_dif.pdbx_ordinal 
1 7ZFU GLY AAA 1 ? UNP O60885 ? ? 'expression tag' 40 1 
1 7ZFU SER AAA 2 ? UNP O60885 ? ? 'expression tag' 41 2 
1 7ZFU HIS AAA 3 ? UNP O60885 ? ? 'expression tag' 42 3 
1 7ZFU MET AAA 4 ? UNP O60885 ? ? 'expression tag' 43 4 
# 
_pdbx_struct_assembly.id                   1 
_pdbx_struct_assembly.details              author_and_software_defined_assembly 
_pdbx_struct_assembly.method_details       PISA 
_pdbx_struct_assembly.oligomeric_details   monomeric 
_pdbx_struct_assembly.oligomeric_count     1 
# 
loop_
_pdbx_struct_assembly_prop.biol_id 
_pdbx_struct_assembly_prop.type 
_pdbx_struct_assembly_prop.value 
_pdbx_struct_assembly_prop.details 
1 'ABSA (A^2)' 620  ? 
1 MORE         -1   ? 
1 'SSA (A^2)'  7790 ? 
# 
_pdbx_struct_assembly_gen.assembly_id       1 
_pdbx_struct_assembly_gen.oper_expression   1 
_pdbx_struct_assembly_gen.asym_id_list      A,B,C,D,E,F 
# 
_pdbx_struct_assembly_auth_evidence.id                     1 
_pdbx_struct_assembly_auth_evidence.assembly_id            1 
_pdbx_struct_assembly_auth_evidence.experimental_support   'gel filtration' 
_pdbx_struct_assembly_auth_evidence.details                ? 
# 
_pdbx_struct_oper_list.id                   1 
_pdbx_struct_oper_list.type                 'identity operation' 
_pdbx_struct_oper_list.name                 1_555 
_pdbx_struct_oper_list.symmetry_operation   x,y,z 
_pdbx_struct_oper_list.matrix[1][1]         1.0000000000 
_pdbx_struct_oper_list.matrix[1][2]         0.0000000000 
_pdbx_struct_oper_list.matrix[1][3]         0.0000000000 
_pdbx_struct_oper_list.vector[1]            0.0000000000 
_pdbx_struct_oper_list.matrix[2][1]         0.0000000000 
_pdbx_struct_oper_list.matrix[2][2]         1.0000000000 
_pdbx_struct_oper_list.matrix[2][3]         0.0000000000 
_pdbx_struct_oper_list.vector[2]            0.0000000000 
_pdbx_struct_oper_list.matrix[3][1]         0.0000000000 
_pdbx_struct_oper_list.matrix[3][2]         0.0000000000 
_pdbx_struct_oper_list.matrix[3][3]         1.0000000000 
_pdbx_struct_oper_list.vector[3]            0.0000000000 
# 
loop_
_struct_conf.conf_type_id 
_struct_conf.id 
_struct_conf.pdbx_PDB_helix_id 
_struct_conf.beg_label_comp_id 
_struct_conf.beg_label_asym_id 
_struct_conf.beg_label_seq_id 
_struct_conf.pdbx_beg_PDB_ins_code 
_struct_conf.end_label_comp_id 
_struct_conf.end_label_asym_id 
_struct_conf.end_label_seq_id 
_struct_conf.pdbx_end_PDB_ins_code 
_struct_conf.beg_auth_comp_id 
_struct_conf.beg_auth_asym_id 
_struct_conf.beg_auth_seq_id 
_struct_conf.end_auth_comp_id 
_struct_conf.end_auth_asym_id 
_struct_conf.end_auth_seq_id 
_struct_conf.pdbx_PDB_helix_class 
_struct_conf.details 
_struct_conf.pdbx_PDB_helix_length 
HELX_P HELX_P1 AA1 THR A 21  ? VAL A 30  ? THR AAA 60  VAL AAA 69  1 ? 10 
HELX_P HELX_P2 AA2 VAL A 30  ? LYS A 37  ? VAL AAA 69  LYS AAA 76  1 ? 8  
HELX_P HELX_P3 AA3 ALA A 41  ? GLN A 45  ? ALA AAA 80  GLN AAA 84  5 ? 5  
HELX_P HELX_P4 AA4 ASP A 57  ? ILE A 62  ? ASP AAA 96  ILE AAA 101 1 ? 6  
HELX_P HELX_P5 AA5 ASP A 67  ? ASN A 77  ? ASP AAA 106 ASN AAA 116 1 ? 11 
HELX_P HELX_P6 AA6 ASN A 82  ? ASN A 101 ? ASN AAA 121 ASN AAA 140 1 ? 20 
HELX_P HELX_P7 AA7 ASP A 105 ? GLU A 124 ? ASP AAA 144 GLU AAA 163 1 ? 20 
# 
_struct_conf_type.id          HELX_P 
_struct_conf_type.criteria    ? 
_struct_conf_type.reference   ? 
# 
_pdbx_validate_close_contact.id               1 
_pdbx_validate_close_contact.PDB_model_num    1 
_pdbx_validate_close_contact.auth_atom_id_1   OE2 
_pdbx_validate_close_contact.auth_asym_id_1   AAA 
_pdbx_validate_close_contact.auth_comp_id_1   GLU 
_pdbx_validate_close_contact.auth_seq_id_1    167 
_pdbx_validate_close_contact.PDB_ins_code_1   ? 
_pdbx_validate_close_contact.label_alt_id_1   ? 
_pdbx_validate_close_contact.auth_atom_id_2   O 
_pdbx_validate_close_contact.auth_asym_id_2   AAA 
_pdbx_validate_close_contact.auth_comp_id_2   HOH 
_pdbx_validate_close_contact.auth_seq_id_2    301 
_pdbx_validate_close_contact.PDB_ins_code_2   ? 
_pdbx_validate_close_contact.label_alt_id_2   ? 
_pdbx_validate_close_contact.dist             1.55 
# 
_pdbx_validate_symm_contact.id                1 
_pdbx_validate_symm_contact.PDB_model_num     1 
_pdbx_validate_symm_contact.auth_atom_id_1    O 
_pdbx_validate_symm_contact.auth_asym_id_1    AAA 
_pdbx_validate_symm_contact.auth_comp_id_1    HOH 
_pdbx_validate_symm_contact.auth_seq_id_1     302 
_pdbx_validate_symm_contact.PDB_ins_code_1    ? 
_pdbx_validate_symm_contact.label_alt_id_1    ? 
_pdbx_validate_symm_contact.site_symmetry_1   1_555 
_pdbx_validate_symm_contact.auth_atom_id_2    O 
_pdbx_validate_symm_contact.auth_asym_id_2    AAA 
_pdbx_validate_symm_contact.auth_comp_id_2    HOH 
_pdbx_validate_symm_contact.auth_seq_id_2     334 
_pdbx_validate_symm_contact.PDB_ins_code_2    ? 
_pdbx_validate_symm_contact.label_alt_id_2    ? 
_pdbx_validate_symm_contact.site_symmetry_2   4_455 
_pdbx_validate_symm_contact.dist              2.11 
# 
_pdbx_validate_rmsd_bond.id                        1 
_pdbx_validate_rmsd_bond.PDB_model_num             1 
_pdbx_validate_rmsd_bond.auth_atom_id_1            CD 
_pdbx_validate_rmsd_bond.auth_asym_id_1            AAA 
_pdbx_validate_rmsd_bond.auth_comp_id_1            GLU 
_pdbx_validate_rmsd_bond.auth_seq_id_1             124 
_pdbx_validate_rmsd_bond.PDB_ins_code_1            ? 
_pdbx_validate_rmsd_bond.label_alt_id_1            ? 
_pdbx_validate_rmsd_bond.auth_atom_id_2            OE2 
_pdbx_validate_rmsd_bond.auth_asym_id_2            AAA 
_pdbx_validate_rmsd_bond.auth_comp_id_2            GLU 
_pdbx_validate_rmsd_bond.auth_seq_id_2             124 
_pdbx_validate_rmsd_bond.PDB_ins_code_2            ? 
_pdbx_validate_rmsd_bond.label_alt_id_2            ? 
_pdbx_validate_rmsd_bond.bond_value                1.174 
_pdbx_validate_rmsd_bond.bond_target_value         1.252 
_pdbx_validate_rmsd_bond.bond_deviation            -0.078 
_pdbx_validate_rmsd_bond.bond_standard_deviation   0.011 
_pdbx_validate_rmsd_bond.linker_flag               N 
# 
_pdbx_validate_torsion.id              1 
_pdbx_validate_torsion.PDB_model_num   1 
_pdbx_validate_torsion.auth_comp_id    ASN 
_pdbx_validate_torsion.auth_asym_id    AAA 
_pdbx_validate_torsion.auth_seq_id     52 
_pdbx_validate_torsion.PDB_ins_code    ? 
_pdbx_validate_torsion.label_alt_id    ? 
_pdbx_validate_torsion.phi             -165.42 
_pdbx_validate_torsion.psi             110.07 
# 
_pdbx_validate_peptide_omega.id               1 
_pdbx_validate_peptide_omega.PDB_model_num    1 
_pdbx_validate_peptide_omega.auth_comp_id_1   GLY 
_pdbx_validate_peptide_omega.auth_asym_id_1   AAA 
_pdbx_validate_peptide_omega.auth_seq_id_1    143 
_pdbx_validate_peptide_omega.PDB_ins_code_1   ? 
_pdbx_validate_peptide_omega.label_alt_id_1   ? 
_pdbx_validate_peptide_omega.auth_comp_id_2   ASP 
_pdbx_validate_peptide_omega.auth_asym_id_2   AAA 
_pdbx_validate_peptide_omega.auth_seq_id_2    144 
_pdbx_validate_peptide_omega.PDB_ins_code_2   ? 
_pdbx_validate_peptide_omega.label_alt_id_2   ? 
_pdbx_validate_peptide_omega.omega            -133.13 
# 
_pdbx_entry_details.entry_id                 7ZFU 
_pdbx_entry_details.has_ligand_of_interest   Y 
_pdbx_entry_details.compound_details         ? 
_pdbx_entry_details.source_details           ? 
_pdbx_entry_details.nonpolymer_details       ? 
_pdbx_entry_details.sequence_details         ? 
# 
loop_
_chem_comp_atom.comp_id 
_chem_comp_atom.atom_id 
_chem_comp_atom.type_symbol 
_chem_comp_atom.pdbx_aromatic_flag 
_chem_comp_atom.pdbx_stereo_config 
_chem_comp_atom.pdbx_ordinal 
ALA N    N  N N 1   
ALA CA   C  N S 2   
ALA C    C  N N 3   
ALA O    O  N N 4   
ALA CB   C  N N 5   
ALA OXT  O  N N 6   
ALA H    H  N N 7   
ALA H2   H  N N 8   
ALA HA   H  N N 9   
ALA HB1  H  N N 10  
ALA HB2  H  N N 11  
ALA HB3  H  N N 12  
ALA HXT  H  N N 13  
ARG N    N  N N 14  
ARG CA   C  N S 15  
ARG C    C  N N 16  
ARG O    O  N N 17  
ARG CB   C  N N 18  
ARG CG   C  N N 19  
ARG CD   C  N N 20  
ARG NE   N  N N 21  
ARG CZ   C  N N 22  
ARG NH1  N  N N 23  
ARG NH2  N  N N 24  
ARG OXT  O  N N 25  
ARG H    H  N N 26  
ARG H2   H  N N 27  
ARG HA   H  N N 28  
ARG HB2  H  N N 29  
ARG HB3  H  N N 30  
ARG HG2  H  N N 31  
ARG HG3  H  N N 32  
ARG HD2  H  N N 33  
ARG HD3  H  N N 34  
ARG HE   H  N N 35  
ARG HH11 H  N N 36  
ARG HH12 H  N N 37  
ARG HH21 H  N N 38  
ARG HH22 H  N N 39  
ARG HXT  H  N N 40  
ASN N    N  N N 41  
ASN CA   C  N S 42  
ASN C    C  N N 43  
ASN O    O  N N 44  
ASN CB   C  N N 45  
ASN CG   C  N N 46  
ASN OD1  O  N N 47  
ASN ND2  N  N N 48  
ASN OXT  O  N N 49  
ASN H    H  N N 50  
ASN H2   H  N N 51  
ASN HA   H  N N 52  
ASN HB2  H  N N 53  
ASN HB3  H  N N 54  
ASN HD21 H  N N 55  
ASN HD22 H  N N 56  
ASN HXT  H  N N 57  
ASP N    N  N N 58  
ASP CA   C  N S 59  
ASP C    C  N N 60  
ASP O    O  N N 61  
ASP CB   C  N N 62  
ASP CG   C  N N 63  
ASP OD1  O  N N 64  
ASP OD2  O  N N 65  
ASP OXT  O  N N 66  
ASP H    H  N N 67  
ASP H2   H  N N 68  
ASP HA   H  N N 69  
ASP HB2  H  N N 70  
ASP HB3  H  N N 71  
ASP HD2  H  N N 72  
ASP HXT  H  N N 73  
CYS N    N  N N 74  
CYS CA   C  N R 75  
CYS C    C  N N 76  
CYS O    O  N N 77  
CYS CB   C  N N 78  
CYS SG   S  N N 79  
CYS OXT  O  N N 80  
CYS H    H  N N 81  
CYS H2   H  N N 82  
CYS HA   H  N N 83  
CYS HB2  H  N N 84  
CYS HB3  H  N N 85  
CYS HG   H  N N 86  
CYS HXT  H  N N 87  
GLN N    N  N N 88  
GLN CA   C  N S 89  
GLN C    C  N N 90  
GLN O    O  N N 91  
GLN CB   C  N N 92  
GLN CG   C  N N 93  
GLN CD   C  N N 94  
GLN OE1  O  N N 95  
GLN NE2  N  N N 96  
GLN OXT  O  N N 97  
GLN H    H  N N 98  
GLN H2   H  N N 99  
GLN HA   H  N N 100 
GLN HB2  H  N N 101 
GLN HB3  H  N N 102 
GLN HG2  H  N N 103 
GLN HG3  H  N N 104 
GLN HE21 H  N N 105 
GLN HE22 H  N N 106 
GLN HXT  H  N N 107 
GLU N    N  N N 108 
GLU CA   C  N S 109 
GLU C    C  N N 110 
GLU O    O  N N 111 
GLU CB   C  N N 112 
GLU CG   C  N N 113 
GLU CD   C  N N 114 
GLU OE1  O  N N 115 
GLU OE2  O  N N 116 
GLU OXT  O  N N 117 
GLU H    H  N N 118 
GLU H2   H  N N 119 
GLU HA   H  N N 120 
GLU HB2  H  N N 121 
GLU HB3  H  N N 122 
GLU HG2  H  N N 123 
GLU HG3  H  N N 124 
GLU HE2  H  N N 125 
GLU HXT  H  N N 126 
GLY N    N  N N 127 
GLY CA   C  N N 128 
GLY C    C  N N 129 
GLY O    O  N N 130 
GLY OXT  O  N N 131 
GLY H    H  N N 132 
GLY H2   H  N N 133 
GLY HA2  H  N N 134 
GLY HA3  H  N N 135 
GLY HXT  H  N N 136 
GOL C1   C  N N 137 
GOL O1   O  N N 138 
GOL C2   C  N N 139 
GOL O2   O  N N 140 
GOL C3   C  N N 141 
GOL O3   O  N N 142 
GOL H11  H  N N 143 
GOL H12  H  N N 144 
GOL HO1  H  N N 145 
GOL H2   H  N N 146 
GOL HO2  H  N N 147 
GOL H31  H  N N 148 
GOL H32  H  N N 149 
GOL HO3  H  N N 150 
HIS N    N  N N 151 
HIS CA   C  N S 152 
HIS C    C  N N 153 
HIS O    O  N N 154 
HIS CB   C  N N 155 
HIS CG   C  Y N 156 
HIS ND1  N  Y N 157 
HIS CD2  C  Y N 158 
HIS CE1  C  Y N 159 
HIS NE2  N  Y N 160 
HIS OXT  O  N N 161 
HIS H    H  N N 162 
HIS H2   H  N N 163 
HIS HA   H  N N 164 
HIS HB2  H  N N 165 
HIS HB3  H  N N 166 
HIS HD1  H  N N 167 
HIS HD2  H  N N 168 
HIS HE1  H  N N 169 
HIS HE2  H  N N 170 
HIS HXT  H  N N 171 
HOH O    O  N N 172 
HOH H1   H  N N 173 
HOH H2   H  N N 174 
ILE N    N  N N 175 
ILE CA   C  N S 176 
ILE C    C  N N 177 
ILE O    O  N N 178 
ILE CB   C  N S 179 
ILE CG1  C  N N 180 
ILE CG2  C  N N 181 
ILE CD1  C  N N 182 
ILE OXT  O  N N 183 
ILE H    H  N N 184 
ILE H2   H  N N 185 
ILE HA   H  N N 186 
ILE HB   H  N N 187 
ILE HG12 H  N N 188 
ILE HG13 H  N N 189 
ILE HG21 H  N N 190 
ILE HG22 H  N N 191 
ILE HG23 H  N N 192 
ILE HD11 H  N N 193 
ILE HD12 H  N N 194 
ILE HD13 H  N N 195 
ILE HXT  H  N N 196 
IS6 C4   C  N N 197 
IS6 C5   C  N N 198 
IS6 C6   C  N R 199 
IS6 C7   C  N N 200 
IS6 C8   C  N N 201 
IS6 C9   C  N N 202 
IS6 C10  C  N N 203 
IS6 N1   N  N N 204 
IS6 N2   N  N N 205 
IS6 C3   C  N N 206 
IS6 C1   C  N N 207 
IS6 C2   C  N N 208 
IS6 O1   O  N N 209 
IS6 O2   O  N N 210 
IS6 BR1  BR N N 211 
IS6 H1   H  N N 212 
IS6 H2   H  N N 213 
IS6 H3   H  N N 214 
IS6 H4   H  N N 215 
IS6 H5   H  N N 216 
IS6 H6   H  N N 217 
IS6 H7   H  N N 218 
IS6 H12  H  N N 219 
IS6 H13  H  N N 220 
IS6 H14  H  N N 221 
IS6 H15  H  N N 222 
IS6 H16  H  N N 223 
IS6 H17  H  N N 224 
LEU N    N  N N 225 
LEU CA   C  N S 226 
LEU C    C  N N 227 
LEU O    O  N N 228 
LEU CB   C  N N 229 
LEU CG   C  N N 230 
LEU CD1  C  N N 231 
LEU CD2  C  N N 232 
LEU OXT  O  N N 233 
LEU H    H  N N 234 
LEU H2   H  N N 235 
LEU HA   H  N N 236 
LEU HB2  H  N N 237 
LEU HB3  H  N N 238 
LEU HG   H  N N 239 
LEU HD11 H  N N 240 
LEU HD12 H  N N 241 
LEU HD13 H  N N 242 
LEU HD21 H  N N 243 
LEU HD22 H  N N 244 
LEU HD23 H  N N 245 
LEU HXT  H  N N 246 
LYS N    N  N N 247 
LYS CA   C  N S 248 
LYS C    C  N N 249 
LYS O    O  N N 250 
LYS CB   C  N N 251 
LYS CG   C  N N 252 
LYS CD   C  N N 253 
LYS CE   C  N N 254 
LYS NZ   N  N N 255 
LYS OXT  O  N N 256 
LYS H    H  N N 257 
LYS H2   H  N N 258 
LYS HA   H  N N 259 
LYS HB2  H  N N 260 
LYS HB3  H  N N 261 
LYS HG2  H  N N 262 
LYS HG3  H  N N 263 
LYS HD2  H  N N 264 
LYS HD3  H  N N 265 
LYS HE2  H  N N 266 
LYS HE3  H  N N 267 
LYS HZ1  H  N N 268 
LYS HZ2  H  N N 269 
LYS HZ3  H  N N 270 
LYS HXT  H  N N 271 
MET N    N  N N 272 
MET CA   C  N S 273 
MET C    C  N N 274 
MET O    O  N N 275 
MET CB   C  N N 276 
MET CG   C  N N 277 
MET SD   S  N N 278 
MET CE   C  N N 279 
MET OXT  O  N N 280 
MET H    H  N N 281 
MET H2   H  N N 282 
MET HA   H  N N 283 
MET HB2  H  N N 284 
MET HB3  H  N N 285 
MET HG2  H  N N 286 
MET HG3  H  N N 287 
MET HE1  H  N N 288 
MET HE2  H  N N 289 
MET HE3  H  N N 290 
MET HXT  H  N N 291 
PHE N    N  N N 292 
PHE CA   C  N S 293 
PHE C    C  N N 294 
PHE O    O  N N 295 
PHE CB   C  N N 296 
PHE CG   C  Y N 297 
PHE CD1  C  Y N 298 
PHE CD2  C  Y N 299 
PHE CE1  C  Y N 300 
PHE CE2  C  Y N 301 
PHE CZ   C  Y N 302 
PHE OXT  O  N N 303 
PHE H    H  N N 304 
PHE H2   H  N N 305 
PHE HA   H  N N 306 
PHE HB2  H  N N 307 
PHE HB3  H  N N 308 
PHE HD1  H  N N 309 
PHE HD2  H  N N 310 
PHE HE1  H  N N 311 
PHE HE2  H  N N 312 
PHE HZ   H  N N 313 
PHE HXT  H  N N 314 
PRO N    N  N N 315 
PRO CA   C  N S 316 
PRO C    C  N N 317 
PRO O    O  N N 318 
PRO CB   C  N N 319 
PRO CG   C  N N 320 
PRO CD   C  N N 321 
PRO OXT  O  N N 322 
PRO H    H  N N 323 
PRO HA   H  N N 324 
PRO HB2  H  N N 325 
PRO HB3  H  N N 326 
PRO HG2  H  N N 327 
PRO HG3  H  N N 328 
PRO HD2  H  N N 329 
PRO HD3  H  N N 330 
PRO HXT  H  N N 331 
SER N    N  N N 332 
SER CA   C  N S 333 
SER C    C  N N 334 
SER O    O  N N 335 
SER CB   C  N N 336 
SER OG   O  N N 337 
SER OXT  O  N N 338 
SER H    H  N N 339 
SER H2   H  N N 340 
SER HA   H  N N 341 
SER HB2  H  N N 342 
SER HB3  H  N N 343 
SER HG   H  N N 344 
SER HXT  H  N N 345 
THR N    N  N N 346 
THR CA   C  N S 347 
THR C    C  N N 348 
THR O    O  N N 349 
THR CB   C  N R 350 
THR OG1  O  N N 351 
THR CG2  C  N N 352 
THR OXT  O  N N 353 
THR H    H  N N 354 
THR H2   H  N N 355 
THR HA   H  N N 356 
THR HB   H  N N 357 
THR HG1  H  N N 358 
THR HG21 H  N N 359 
THR HG22 H  N N 360 
THR HG23 H  N N 361 
THR HXT  H  N N 362 
TRP N    N  N N 363 
TRP CA   C  N S 364 
TRP C    C  N N 365 
TRP O    O  N N 366 
TRP CB   C  N N 367 
TRP CG   C  Y N 368 
TRP CD1  C  Y N 369 
TRP CD2  C  Y N 370 
TRP NE1  N  Y N 371 
TRP CE2  C  Y N 372 
TRP CE3  C  Y N 373 
TRP CZ2  C  Y N 374 
TRP CZ3  C  Y N 375 
TRP CH2  C  Y N 376 
TRP OXT  O  N N 377 
TRP H    H  N N 378 
TRP H2   H  N N 379 
TRP HA   H  N N 380 
TRP HB2  H  N N 381 
TRP HB3  H  N N 382 
TRP HD1  H  N N 383 
TRP HE1  H  N N 384 
TRP HE3  H  N N 385 
TRP HZ2  H  N N 386 
TRP HZ3  H  N N 387 
TRP HH2  H  N N 388 
TRP HXT  H  N N 389 
TYR N    N  N N 390 
TYR CA   C  N S 391 
TYR C    C  N N 392 
TYR O    O  N N 393 
TYR CB   C  N N 394 
TYR CG   C  Y N 395 
TYR CD1  C  Y N 396 
TYR CD2  C  Y N 397 
TYR CE1  C  Y N 398 
TYR CE2  C  Y N 399 
TYR CZ   C  Y N 400 
TYR OH   O  N N 401 
TYR OXT  O  N N 402 
TYR H    H  N N 403 
TYR H2   H  N N 404 
TYR HA   H  N N 405 
TYR HB2  H  N N 406 
TYR HB3  H  N N 407 
TYR HD1  H  N N 408 
TYR HD2  H  N N 409 
TYR HE1  H  N N 410 
TYR HE2  H  N N 411 
TYR HH   H  N N 412 
TYR HXT  H  N N 413 
VAL N    N  N N 414 
VAL CA   C  N S 415 
VAL C    C  N N 416 
VAL O    O  N N 417 
VAL CB   C  N N 418 
VAL CG1  C  N N 419 
VAL CG2  C  N N 420 
VAL OXT  O  N N 421 
VAL H    H  N N 422 
VAL H2   H  N N 423 
VAL HA   H  N N 424 
VAL HB   H  N N 425 
VAL HG11 H  N N 426 
VAL HG12 H  N N 427 
VAL HG13 H  N N 428 
VAL HG21 H  N N 429 
VAL HG22 H  N N 430 
VAL HG23 H  N N 431 
VAL HXT  H  N N 432 
# 
loop_
_chem_comp_bond.comp_id 
_chem_comp_bond.atom_id_1 
_chem_comp_bond.atom_id_2 
_chem_comp_bond.value_order 
_chem_comp_bond.pdbx_aromatic_flag 
_chem_comp_bond.pdbx_stereo_config 
_chem_comp_bond.pdbx_ordinal 
ALA N   CA   sing N N 1   
ALA N   H    sing N N 2   
ALA N   H2   sing N N 3   
ALA CA  C    sing N N 4   
ALA CA  CB   sing N N 5   
ALA CA  HA   sing N N 6   
ALA C   O    doub N N 7   
ALA C   OXT  sing N N 8   
ALA CB  HB1  sing N N 9   
ALA CB  HB2  sing N N 10  
ALA CB  HB3  sing N N 11  
ALA OXT HXT  sing N N 12  
ARG N   CA   sing N N 13  
ARG N   H    sing N N 14  
ARG N   H2   sing N N 15  
ARG CA  C    sing N N 16  
ARG CA  CB   sing N N 17  
ARG CA  HA   sing N N 18  
ARG C   O    doub N N 19  
ARG C   OXT  sing N N 20  
ARG CB  CG   sing N N 21  
ARG CB  HB2  sing N N 22  
ARG CB  HB3  sing N N 23  
ARG CG  CD   sing N N 24  
ARG CG  HG2  sing N N 25  
ARG CG  HG3  sing N N 26  
ARG CD  NE   sing N N 27  
ARG CD  HD2  sing N N 28  
ARG CD  HD3  sing N N 29  
ARG NE  CZ   sing N N 30  
ARG NE  HE   sing N N 31  
ARG CZ  NH1  sing N N 32  
ARG CZ  NH2  doub N N 33  
ARG NH1 HH11 sing N N 34  
ARG NH1 HH12 sing N N 35  
ARG NH2 HH21 sing N N 36  
ARG NH2 HH22 sing N N 37  
ARG OXT HXT  sing N N 38  
ASN N   CA   sing N N 39  
ASN N   H    sing N N 40  
ASN N   H2   sing N N 41  
ASN CA  C    sing N N 42  
ASN CA  CB   sing N N 43  
ASN CA  HA   sing N N 44  
ASN C   O    doub N N 45  
ASN C   OXT  sing N N 46  
ASN CB  CG   sing N N 47  
ASN CB  HB2  sing N N 48  
ASN CB  HB3  sing N N 49  
ASN CG  OD1  doub N N 50  
ASN CG  ND2  sing N N 51  
ASN ND2 HD21 sing N N 52  
ASN ND2 HD22 sing N N 53  
ASN OXT HXT  sing N N 54  
ASP N   CA   sing N N 55  
ASP N   H    sing N N 56  
ASP N   H2   sing N N 57  
ASP CA  C    sing N N 58  
ASP CA  CB   sing N N 59  
ASP CA  HA   sing N N 60  
ASP C   O    doub N N 61  
ASP C   OXT  sing N N 62  
ASP CB  CG   sing N N 63  
ASP CB  HB2  sing N N 64  
ASP CB  HB3  sing N N 65  
ASP CG  OD1  doub N N 66  
ASP CG  OD2  sing N N 67  
ASP OD2 HD2  sing N N 68  
ASP OXT HXT  sing N N 69  
CYS N   CA   sing N N 70  
CYS N   H    sing N N 71  
CYS N   H2   sing N N 72  
CYS CA  C    sing N N 73  
CYS CA  CB   sing N N 74  
CYS CA  HA   sing N N 75  
CYS C   O    doub N N 76  
CYS C   OXT  sing N N 77  
CYS CB  SG   sing N N 78  
CYS CB  HB2  sing N N 79  
CYS CB  HB3  sing N N 80  
CYS SG  HG   sing N N 81  
CYS OXT HXT  sing N N 82  
GLN N   CA   sing N N 83  
GLN N   H    sing N N 84  
GLN N   H2   sing N N 85  
GLN CA  C    sing N N 86  
GLN CA  CB   sing N N 87  
GLN CA  HA   sing N N 88  
GLN C   O    doub N N 89  
GLN C   OXT  sing N N 90  
GLN CB  CG   sing N N 91  
GLN CB  HB2  sing N N 92  
GLN CB  HB3  sing N N 93  
GLN CG  CD   sing N N 94  
GLN CG  HG2  sing N N 95  
GLN CG  HG3  sing N N 96  
GLN CD  OE1  doub N N 97  
GLN CD  NE2  sing N N 98  
GLN NE2 HE21 sing N N 99  
GLN NE2 HE22 sing N N 100 
GLN OXT HXT  sing N N 101 
GLU N   CA   sing N N 102 
GLU N   H    sing N N 103 
GLU N   H2   sing N N 104 
GLU CA  C    sing N N 105 
GLU CA  CB   sing N N 106 
GLU CA  HA   sing N N 107 
GLU C   O    doub N N 108 
GLU C   OXT  sing N N 109 
GLU CB  CG   sing N N 110 
GLU CB  HB2  sing N N 111 
GLU CB  HB3  sing N N 112 
GLU CG  CD   sing N N 113 
GLU CG  HG2  sing N N 114 
GLU CG  HG3  sing N N 115 
GLU CD  OE1  doub N N 116 
GLU CD  OE2  sing N N 117 
GLU OE2 HE2  sing N N 118 
GLU OXT HXT  sing N N 119 
GLY N   CA   sing N N 120 
GLY N   H    sing N N 121 
GLY N   H2   sing N N 122 
GLY CA  C    sing N N 123 
GLY CA  HA2  sing N N 124 
GLY CA  HA3  sing N N 125 
GLY C   O    doub N N 126 
GLY C   OXT  sing N N 127 
GLY OXT HXT  sing N N 128 
GOL C1  O1   sing N N 129 
GOL C1  C2   sing N N 130 
GOL C1  H11  sing N N 131 
GOL C1  H12  sing N N 132 
GOL O1  HO1  sing N N 133 
GOL C2  O2   sing N N 134 
GOL C2  C3   sing N N 135 
GOL C2  H2   sing N N 136 
GOL O2  HO2  sing N N 137 
GOL C3  O3   sing N N 138 
GOL C3  H31  sing N N 139 
GOL C3  H32  sing N N 140 
GOL O3  HO3  sing N N 141 
HIS N   CA   sing N N 142 
HIS N   H    sing N N 143 
HIS N   H2   sing N N 144 
HIS CA  C    sing N N 145 
HIS CA  CB   sing N N 146 
HIS CA  HA   sing N N 147 
HIS C   O    doub N N 148 
HIS C   OXT  sing N N 149 
HIS CB  CG   sing N N 150 
HIS CB  HB2  sing N N 151 
HIS CB  HB3  sing N N 152 
HIS CG  ND1  sing Y N 153 
HIS CG  CD2  doub Y N 154 
HIS ND1 CE1  doub Y N 155 
HIS ND1 HD1  sing N N 156 
HIS CD2 NE2  sing Y N 157 
HIS CD2 HD2  sing N N 158 
HIS CE1 NE2  sing Y N 159 
HIS CE1 HE1  sing N N 160 
HIS NE2 HE2  sing N N 161 
HIS OXT HXT  sing N N 162 
HOH O   H1   sing N N 163 
HOH O   H2   sing N N 164 
ILE N   CA   sing N N 165 
ILE N   H    sing N N 166 
ILE N   H2   sing N N 167 
ILE CA  C    sing N N 168 
ILE CA  CB   sing N N 169 
ILE CA  HA   sing N N 170 
ILE C   O    doub N N 171 
ILE C   OXT  sing N N 172 
ILE CB  CG1  sing N N 173 
ILE CB  CG2  sing N N 174 
ILE CB  HB   sing N N 175 
ILE CG1 CD1  sing N N 176 
ILE CG1 HG12 sing N N 177 
ILE CG1 HG13 sing N N 178 
ILE CG2 HG21 sing N N 179 
ILE CG2 HG22 sing N N 180 
ILE CG2 HG23 sing N N 181 
ILE CD1 HD11 sing N N 182 
ILE CD1 HD12 sing N N 183 
ILE CD1 HD13 sing N N 184 
ILE OXT HXT  sing N N 185 
IS6 C3  C4   sing N N 186 
IS6 C3  N1   sing N N 187 
IS6 C1  C2   sing N N 188 
IS6 C4  C5   sing N N 189 
IS6 C5  C6   sing N N 190 
IS6 N1  C2   sing N N 191 
IS6 N1  C6   sing N N 192 
IS6 C2  O1   doub N N 193 
IS6 C6  C7   sing N N 194 
IS6 O2  C7   doub N N 195 
IS6 C7  N2   sing N N 196 
IS6 N2  C8   sing N N 197 
IS6 C8  C9   sing N N 198 
IS6 C9  C10  trip N N 199 
IS6 C10 BR1  sing N N 200 
IS6 C4  H1   sing N N 201 
IS6 C4  H2   sing N N 202 
IS6 C5  H3   sing N N 203 
IS6 C5  H4   sing N N 204 
IS6 C6  H5   sing N N 205 
IS6 C8  H6   sing N N 206 
IS6 C8  H7   sing N N 207 
IS6 N2  H12  sing N N 208 
IS6 C3  H13  sing N N 209 
IS6 C3  H14  sing N N 210 
IS6 C1  H15  sing N N 211 
IS6 C1  H16  sing N N 212 
IS6 C1  H17  sing N N 213 
LEU N   CA   sing N N 214 
LEU N   H    sing N N 215 
LEU N   H2   sing N N 216 
LEU CA  C    sing N N 217 
LEU CA  CB   sing N N 218 
LEU CA  HA   sing N N 219 
LEU C   O    doub N N 220 
LEU C   OXT  sing N N 221 
LEU CB  CG   sing N N 222 
LEU CB  HB2  sing N N 223 
LEU CB  HB3  sing N N 224 
LEU CG  CD1  sing N N 225 
LEU CG  CD2  sing N N 226 
LEU CG  HG   sing N N 227 
LEU CD1 HD11 sing N N 228 
LEU CD1 HD12 sing N N 229 
LEU CD1 HD13 sing N N 230 
LEU CD2 HD21 sing N N 231 
LEU CD2 HD22 sing N N 232 
LEU CD2 HD23 sing N N 233 
LEU OXT HXT  sing N N 234 
LYS N   CA   sing N N 235 
LYS N   H    sing N N 236 
LYS N   H2   sing N N 237 
LYS CA  C    sing N N 238 
LYS CA  CB   sing N N 239 
LYS CA  HA   sing N N 240 
LYS C   O    doub N N 241 
LYS C   OXT  sing N N 242 
LYS CB  CG   sing N N 243 
LYS CB  HB2  sing N N 244 
LYS CB  HB3  sing N N 245 
LYS CG  CD   sing N N 246 
LYS CG  HG2  sing N N 247 
LYS CG  HG3  sing N N 248 
LYS CD  CE   sing N N 249 
LYS CD  HD2  sing N N 250 
LYS CD  HD3  sing N N 251 
LYS CE  NZ   sing N N 252 
LYS CE  HE2  sing N N 253 
LYS CE  HE3  sing N N 254 
LYS NZ  HZ1  sing N N 255 
LYS NZ  HZ2  sing N N 256 
LYS NZ  HZ3  sing N N 257 
LYS OXT HXT  sing N N 258 
MET N   CA   sing N N 259 
MET N   H    sing N N 260 
MET N   H2   sing N N 261 
MET CA  C    sing N N 262 
MET CA  CB   sing N N 263 
MET CA  HA   sing N N 264 
MET C   O    doub N N 265 
MET C   OXT  sing N N 266 
MET CB  CG   sing N N 267 
MET CB  HB2  sing N N 268 
MET CB  HB3  sing N N 269 
MET CG  SD   sing N N 270 
MET CG  HG2  sing N N 271 
MET CG  HG3  sing N N 272 
MET SD  CE   sing N N 273 
MET CE  HE1  sing N N 274 
MET CE  HE2  sing N N 275 
MET CE  HE3  sing N N 276 
MET OXT HXT  sing N N 277 
PHE N   CA   sing N N 278 
PHE N   H    sing N N 279 
PHE N   H2   sing N N 280 
PHE CA  C    sing N N 281 
PHE CA  CB   sing N N 282 
PHE CA  HA   sing N N 283 
PHE C   O    doub N N 284 
PHE C   OXT  sing N N 285 
PHE CB  CG   sing N N 286 
PHE CB  HB2  sing N N 287 
PHE CB  HB3  sing N N 288 
PHE CG  CD1  doub Y N 289 
PHE CG  CD2  sing Y N 290 
PHE CD1 CE1  sing Y N 291 
PHE CD1 HD1  sing N N 292 
PHE CD2 CE2  doub Y N 293 
PHE CD2 HD2  sing N N 294 
PHE CE1 CZ   doub Y N 295 
PHE CE1 HE1  sing N N 296 
PHE CE2 CZ   sing Y N 297 
PHE CE2 HE2  sing N N 298 
PHE CZ  HZ   sing N N 299 
PHE OXT HXT  sing N N 300 
PRO N   CA   sing N N 301 
PRO N   CD   sing N N 302 
PRO N   H    sing N N 303 
PRO CA  C    sing N N 304 
PRO CA  CB   sing N N 305 
PRO CA  HA   sing N N 306 
PRO C   O    doub N N 307 
PRO C   OXT  sing N N 308 
PRO CB  CG   sing N N 309 
PRO CB  HB2  sing N N 310 
PRO CB  HB3  sing N N 311 
PRO CG  CD   sing N N 312 
PRO CG  HG2  sing N N 313 
PRO CG  HG3  sing N N 314 
PRO CD  HD2  sing N N 315 
PRO CD  HD3  sing N N 316 
PRO OXT HXT  sing N N 317 
SER N   CA   sing N N 318 
SER N   H    sing N N 319 
SER N   H2   sing N N 320 
SER CA  C    sing N N 321 
SER CA  CB   sing N N 322 
SER CA  HA   sing N N 323 
SER C   O    doub N N 324 
SER C   OXT  sing N N 325 
SER CB  OG   sing N N 326 
SER CB  HB2  sing N N 327 
SER CB  HB3  sing N N 328 
SER OG  HG   sing N N 329 
SER OXT HXT  sing N N 330 
THR N   CA   sing N N 331 
THR N   H    sing N N 332 
THR N   H2   sing N N 333 
THR CA  C    sing N N 334 
THR CA  CB   sing N N 335 
THR CA  HA   sing N N 336 
THR C   O    doub N N 337 
THR C   OXT  sing N N 338 
THR CB  OG1  sing N N 339 
THR CB  CG2  sing N N 340 
THR CB  HB   sing N N 341 
THR OG1 HG1  sing N N 342 
THR CG2 HG21 sing N N 343 
THR CG2 HG22 sing N N 344 
THR CG2 HG23 sing N N 345 
THR OXT HXT  sing N N 346 
TRP N   CA   sing N N 347 
TRP N   H    sing N N 348 
TRP N   H2   sing N N 349 
TRP CA  C    sing N N 350 
TRP CA  CB   sing N N 351 
TRP CA  HA   sing N N 352 
TRP C   O    doub N N 353 
TRP C   OXT  sing N N 354 
TRP CB  CG   sing N N 355 
TRP CB  HB2  sing N N 356 
TRP CB  HB3  sing N N 357 
TRP CG  CD1  doub Y N 358 
TRP CG  CD2  sing Y N 359 
TRP CD1 NE1  sing Y N 360 
TRP CD1 HD1  sing N N 361 
TRP CD2 CE2  doub Y N 362 
TRP CD2 CE3  sing Y N 363 
TRP NE1 CE2  sing Y N 364 
TRP NE1 HE1  sing N N 365 
TRP CE2 CZ2  sing Y N 366 
TRP CE3 CZ3  doub Y N 367 
TRP CE3 HE3  sing N N 368 
TRP CZ2 CH2  doub Y N 369 
TRP CZ2 HZ2  sing N N 370 
TRP CZ3 CH2  sing Y N 371 
TRP CZ3 HZ3  sing N N 372 
TRP CH2 HH2  sing N N 373 
TRP OXT HXT  sing N N 374 
TYR N   CA   sing N N 375 
TYR N   H    sing N N 376 
TYR N   H2   sing N N 377 
TYR CA  C    sing N N 378 
TYR CA  CB   sing N N 379 
TYR CA  HA   sing N N 380 
TYR C   O    doub N N 381 
TYR C   OXT  sing N N 382 
TYR CB  CG   sing N N 383 
TYR CB  HB2  sing N N 384 
TYR CB  HB3  sing N N 385 
TYR CG  CD1  doub Y N 386 
TYR CG  CD2  sing Y N 387 
TYR CD1 CE1  sing Y N 388 
TYR CD1 HD1  sing N N 389 
TYR CD2 CE2  doub Y N 390 
TYR CD2 HD2  sing N N 391 
TYR CE1 CZ   doub Y N 392 
TYR CE1 HE1  sing N N 393 
TYR CE2 CZ   sing Y N 394 
TYR CE2 HE2  sing N N 395 
TYR CZ  OH   sing N N 396 
TYR OH  HH   sing N N 397 
TYR OXT HXT  sing N N 398 
VAL N   CA   sing N N 399 
VAL N   H    sing N N 400 
VAL N   H2   sing N N 401 
VAL CA  C    sing N N 402 
VAL CA  CB   sing N N 403 
VAL CA  HA   sing N N 404 
VAL C   O    doub N N 405 
VAL C   OXT  sing N N 406 
VAL CB  CG1  sing N N 407 
VAL CB  CG2  sing N N 408 
VAL CB  HB   sing N N 409 
VAL CG1 HG11 sing N N 410 
VAL CG1 HG12 sing N N 411 
VAL CG1 HG13 sing N N 412 
VAL CG2 HG21 sing N N 413 
VAL CG2 HG22 sing N N 414 
VAL CG2 HG23 sing N N 415 
VAL OXT HXT  sing N N 416 
# 
loop_
_pdbx_audit_support.funding_organization 
_pdbx_audit_support.country 
_pdbx_audit_support.grant_number 
_pdbx_audit_support.ordinal 
'Cancer Research UK' 'United Kingdom' C57659/A27310 1 
'Cancer Research UK' 'United Kingdom' C1362/A20263  2 
'Cancer Research UK' 'United Kingdom' C2215/A21421  3 
# 
_pdbx_entity_instance_feature.ordinal        1 
_pdbx_entity_instance_feature.comp_id        IS6 
_pdbx_entity_instance_feature.asym_id        ? 
_pdbx_entity_instance_feature.seq_num        ? 
_pdbx_entity_instance_feature.auth_comp_id   IS6 
_pdbx_entity_instance_feature.auth_asym_id   ? 
_pdbx_entity_instance_feature.auth_seq_num   ? 
_pdbx_entity_instance_feature.feature_type   'SUBJECT OF INVESTIGATION' 
_pdbx_entity_instance_feature.details        ? 
# 
_pdbx_initial_refinement_model.id               1 
_pdbx_initial_refinement_model.entity_id_list   ? 
_pdbx_initial_refinement_model.type             'experimental model' 
_pdbx_initial_refinement_model.source_name      PDB 
_pdbx_initial_refinement_model.accession_code   5LRQ 
_pdbx_initial_refinement_model.details          ? 
# 
_atom_sites.entry_id                    7ZFU 
_atom_sites.Cartn_transf_matrix[1][1]   ? 
_atom_sites.Cartn_transf_matrix[1][2]   ? 
_atom_sites.Cartn_transf_matrix[1][3]   ? 
_atom_sites.Cartn_transf_matrix[2][1]   ? 
_atom_sites.Cartn_transf_matrix[2][2]   ? 
_atom_sites.Cartn_transf_matrix[2][3]   ? 
_atom_sites.Cartn_transf_matrix[3][1]   ? 
_atom_sites.Cartn_transf_matrix[3][2]   ? 
_atom_sites.Cartn_transf_matrix[3][3]   ? 
_atom_sites.Cartn_transf_vector[1]      ? 
_atom_sites.Cartn_transf_vector[2]      ? 
_atom_sites.Cartn_transf_vector[3]      ? 
_atom_sites.fract_transf_matrix[1][1]   0.00934785 
_atom_sites.fract_transf_matrix[1][2]   0.00479704 
_atom_sites.fract_transf_matrix[1][3]   0.02422785 
_atom_sites.fract_transf_matrix[2][1]   -0.01174915 
_atom_sites.fract_transf_matrix[2][2]   -0.01808585 
_atom_sites.fract_transf_matrix[2][3]   0.00811413 
_atom_sites.fract_transf_matrix[3][1]   0.00975113 
_atom_sites.fract_transf_matrix[3][2]   -0.00736808 
_atom_sites.fract_transf_matrix[3][3]   -0.00230343 
_atom_sites.fract_transf_vector[1]      -0.313978 
_atom_sites.fract_transf_vector[2]      0.065441 
_atom_sites.fract_transf_vector[3]      -0.120972 
_atom_sites.solution_primary            ? 
_atom_sites.solution_secondary          ? 
_atom_sites.solution_hydrogens          ? 
_atom_sites.special_details             ? 
# 
loop_
_atom_type.symbol 
_atom_type.pdbx_scat_Z 
_atom_type.pdbx_N_electrons 
_atom_type.scat_Cromer_Mann_a1 
_atom_type.scat_Cromer_Mann_b1 
_atom_type.scat_Cromer_Mann_a2 
_atom_type.scat_Cromer_Mann_b2 
_atom_type.scat_Cromer_Mann_a3 
_atom_type.scat_Cromer_Mann_b3 
_atom_type.scat_Cromer_Mann_a4 
_atom_type.scat_Cromer_Mann_b4 
_atom_type.scat_Cromer_Mann_c 
BR 35 35 17.182 2.172  5.237 16.580 5.639 0.261  3.986 41.433 0.438   
C  6  6  2.310  20.844 1.020 10.208 1.589 0.569  0.865 51.651 0.216   
N  7  7  12.222 0.006  3.135 9.893  2.014 28.997 1.167 0.583  -11.538 
O  8  8  3.049  13.277 2.287 5.701  1.546 0.324  0.867 32.909 0.251   
S  16 16 6.905  1.468  5.203 22.215 1.438 0.254  1.586 56.172 1.049   
# 
loop_
_atom_site.group_PDB 
_atom_site.id 
_atom_site.type_symbol 
_atom_site.label_atom_id 
_atom_site.label_alt_id 
_atom_site.label_comp_id 
_atom_site.label_asym_id 
_atom_site.label_entity_id 
_atom_site.label_seq_id 
_atom_site.pdbx_PDB_ins_code 
_atom_site.Cartn_x 
_atom_site.Cartn_y 
_atom_site.Cartn_z 
_atom_site.occupancy 
_atom_site.B_iso_or_equiv 
_atom_site.pdbx_formal_charge 
_atom_site.auth_seq_id 
_atom_site.auth_comp_id 
_atom_site.auth_asym_id 
_atom_site.auth_atom_id 
_atom_site.pdbx_PDB_model_num 
_atom_site.calc_flag 
ATOM   1    N  N   . GLY A 1 1   ? 6.895   18.358  -2.167  1.000 36.979  ? 40  GLY AAA N   1 ? 
ATOM   2    C  CA  . GLY A 1 1   ? 8.224   17.952  -2.654  1.000 26.060  ? 40  GLY AAA CA  1 ? 
ATOM   3    C  C   . GLY A 1 1   ? 8.367   18.304  -4.131  1.000 24.462  ? 40  GLY AAA C   1 ? 
ATOM   4    O  O   . GLY A 1 1   ? 7.686   19.193  -4.640  1.000 27.417  ? 40  GLY AAA O   1 ? 
ATOM   5    N  N   . SER A 1 2   ? 9.214   17.540  -4.804  1.000 20.856  ? 41  SER AAA N   1 ? 
ATOM   6    C  CA  . SER A 1 2   ? 9.630   17.876  -6.159  1.000 17.621  ? 41  SER AAA CA  1 ? 
ATOM   7    C  C   . SER A 1 2   ? 8.460   17.828  -7.126  1.000 16.732  ? 41  SER AAA C   1 ? 
ATOM   8    O  O   . SER A 1 2   ? 7.663   16.886  -7.146  1.000 17.368  ? 41  SER AAA O   1 ? 
ATOM   9    C  CB  . SER A 1 2   ? 10.682  16.896  -6.616  1.000 16.338  ? 41  SER AAA CB  1 ? 
ATOM   10   O  OG  . SER A 1 2   ? 10.974  17.122  -7.989  1.000 17.614  ? 41  SER AAA OG  1 ? 
ATOM   11   N  N   . HIS A 1 3   ? 8.405   18.802  -8.034  1.000 15.750  ? 42  HIS AAA N   1 ? 
ATOM   12   C  CA  . HIS A 1 3   ? 7.489   18.784  -9.157  1.000 15.050  ? 42  HIS AAA CA  1 ? 
ATOM   13   C  C   . HIS A 1 3   ? 7.691   17.594  -10.092 1.000 15.769  ? 42  HIS AAA C   1 ? 
ATOM   14   O  O   . HIS A 1 3   ? 6.830   17.278  -10.906 1.000 17.178  ? 42  HIS AAA O   1 ? 
ATOM   15   C  CB  . HIS A 1 3   ? 7.610   20.124  -9.898  1.000 17.365  ? 42  HIS AAA CB  1 ? 
ATOM   16   C  CG  . HIS A 1 3   ? 8.783   20.206  -10.811 1.000 17.629  ? 42  HIS AAA CG  1 ? 
ATOM   17   N  ND1 . HIS A 1 3   ? 10.071  20.398  -10.373 1.000 17.264  ? 42  HIS AAA ND1 1 ? 
ATOM   18   C  CD2 . HIS A 1 3   ? 8.849   20.116  -12.168 1.000 19.114  ? 42  HIS AAA CD2 1 ? 
ATOM   19   C  CE1 . HIS A 1 3   ? 10.904  20.440  -11.406 1.000 18.393  ? 42  HIS AAA CE1 1 ? 
ATOM   20   N  NE2 . HIS A 1 3   ? 10.163  20.258  -12.528 1.000 20.747  ? 42  HIS AAA NE2 1 ? 
ATOM   21   N  N   . MET A 1 4   ? 8.839   16.907  -10.003 1.000 14.682  ? 43  MET AAA N   1 ? 
ATOM   22   C  CA  . MET A 1 4   ? 9.030   15.748  -10.860 1.000 16.258  ? 43  MET AAA CA  1 ? 
ATOM   23   C  C   . MET A 1 4   ? 8.453   14.461  -10.291 1.000 16.539  ? 43  MET AAA C   1 ? 
ATOM   24   O  O   . MET A 1 4   ? 8.443   13.446  -11.006 1.000 18.673  ? 43  MET AAA O   1 ? 
ATOM   25   C  CB  . MET A 1 4   ? 10.510  15.554  -11.194 1.000 18.724  ? 43  MET AAA CB  1 ? 
ATOM   26   C  CG  . MET A 1 4   ? 11.055  16.804  -11.847 1.000 18.294  ? 43  MET AAA CG  1 ? 
ATOM   27   S  SD  . MET A 1 4   ? 12.701  16.582  -12.529 1.000 26.285  ? 43  MET AAA SD  1 ? 
ATOM   28   C  CE  . MET A 1 4   ? 13.420  15.434  -11.370 1.000 31.966  ? 43  MET AAA CE  1 ? 
ATOM   29   N  N   . ASN A 1 5   ? 7.988   14.501  -9.038  1.000 14.722  ? 44  ASN AAA N   1 ? 
ATOM   30   C  CA  . ASN A 1 5   ? 7.241   13.350  -8.531  1.000 13.888  ? 44  ASN AAA CA  1 ? 
ATOM   31   C  C   . ASN A 1 5   ? 5.760   13.685  -8.657  1.000 14.464  ? 44  ASN AAA C   1 ? 
ATOM   32   O  O   . ASN A 1 5   ? 5.381   14.855  -8.549  1.000 15.899  ? 44  ASN AAA O   1 ? 
ATOM   33   C  CB  . ASN A 1 5   ? 7.536   13.088  -7.057  1.000 14.265  ? 44  ASN AAA CB  1 ? 
ATOM   34   C  CG  . ASN A 1 5   ? 8.927   12.520  -6.835  1.000 15.786  ? 44  ASN AAA CG  1 ? 
ATOM   35   O  OD1 . ASN A 1 5   ? 9.334   11.605  -7.524  1.000 17.782  ? 44  ASN AAA OD1 1 ? 
ATOM   36   N  ND2 . ASN A 1 5   ? 9.586   13.008  -5.801  1.000 16.027  ? 44  ASN AAA ND2 1 ? 
ATOM   37   N  N   . PRO A 1 6   ? 4.860   12.707  -8.862  1.000 12.872  ? 45  PRO AAA N   1 ? 
ATOM   38   C  CA  . PRO A 1 6   ? 3.454   12.987  -9.004  1.000 15.506  ? 45  PRO AAA CA  1 ? 
ATOM   39   C  C   . PRO A 1 6   ? 2.861   13.320  -7.648  1.000 15.173  ? 45  PRO AAA C   1 ? 
ATOM   40   O  O   . PRO A 1 6   ? 3.391   12.976  -6.581  1.000 15.816  ? 45  PRO AAA O   1 ? 
ATOM   41   C  CB  . PRO A 1 6   ? 2.854   11.663  -9.525  1.000 14.584  ? 45  PRO AAA CB  1 ? 
ATOM   42   C  CG  . PRO A 1 6   ? 3.811   10.583  -9.009  1.000 15.121  ? 45  PRO AAA CG  1 ? 
ATOM   43   C  CD  . PRO A 1 6   ? 5.176   11.267  -8.982  1.000 13.480  ? 45  PRO AAA CD  1 ? 
ATOM   44   N  N   . PRO A 1 7   ? 1.682   13.980  -7.629  1.000 17.124  ? 46  PRO AAA N   1 ? 
ATOM   45   C  CA  . PRO A 1 7   ? 0.975   14.119  -6.372  1.000 18.887  ? 46  PRO AAA CA  1 ? 
ATOM   46   C  C   . PRO A 1 7   ? 0.593   12.744  -5.826  1.000 17.725  ? 46  PRO AAA C   1 ? 
ATOM   47   O  O   . PRO A 1 7   ? 0.277   11.828  -6.613  1.000 17.705  ? 46  PRO AAA O   1 ? 
ATOM   48   C  CB  . PRO A 1 7   ? -0.306  14.868  -6.751  1.000 20.180  ? 46  PRO AAA CB  1 ? 
ATOM   49   C  CG  . PRO A 1 7   ? -0.431  14.741  -8.242  1.000 20.926  ? 46  PRO AAA CG  1 ? 
ATOM   50   C  CD  . PRO A 1 7   ? 0.961   14.447  -8.823  1.000 17.366  ? 46  PRO AAA CD  1 ? 
ATOM   51   N  N   . PRO A 1 8   ? 0.649   12.562  -4.499  1.000 18.385  ? 47  PRO AAA N   1 ? 
ATOM   52   C  CA  . PRO A 1 8   ? 0.393   11.248  -3.914  1.000 18.570  ? 47  PRO AAA CA  1 ? 
ATOM   53   C  C   . PRO A 1 8   ? -1.091  10.925  -4.037  1.000 18.386  ? 47  PRO AAA C   1 ? 
ATOM   54   O  O   . PRO A 1 8   ? -1.925  11.790  -4.300  1.000 19.335  ? 47  PRO AAA O   1 ? 
ATOM   55   C  CB  . PRO A 1 8   ? 0.820   11.415  -2.443  1.000 21.780  ? 47  PRO AAA CB  1 ? 
ATOM   56   C  CG  . PRO A 1 8   ? 0.666   12.888  -2.190  1.000 24.907  ? 47  PRO AAA CG  1 ? 
ATOM   57   C  CD  . PRO A 1 8   ? 1.060   13.562  -3.487  1.000 23.139  ? 47  PRO AAA CD  1 ? 
ATOM   58   N  N   . PRO A 1 9   ? -1.483  9.656   -3.857  1.000 16.560  ? 48  PRO AAA N   1 ? 
ATOM   59   C  CA  . PRO A 1 9   ? -2.903  9.300   -3.927  1.000 16.143  ? 48  PRO AAA CA  1 ? 
ATOM   60   C  C   . PRO A 1 9   ? -3.705  10.019  -2.844  1.000 15.321  ? 48  PRO AAA C   1 ? 
ATOM   61   O  O   . PRO A 1 9   ? -3.227  10.302  -1.767  1.000 16.400  ? 48  PRO AAA O   1 ? 
ATOM   62   C  CB  . PRO A 1 9   ? -2.894  7.790   -3.647  1.000 15.062  ? 48  PRO AAA CB  1 ? 
ATOM   63   C  CG  . PRO A 1 9   ? -1.503  7.375   -4.064  1.000 16.546  ? 48  PRO AAA CG  1 ? 
ATOM   64   C  CD  . PRO A 1 9   ? -0.600  8.500   -3.608  1.000 17.686  ? 48  PRO AAA CD  1 ? 
ATOM   65   N  N   . GLU A 1 10  ? -4.944  10.320  -3.196  1.000 16.279  ? 49  GLU AAA N   1 ? 
ATOM   66   C  CA  . GLU A 1 10  ? -5.941  10.949  -2.346  1.000 17.562  ? 49  GLU AAA CA  1 ? 
ATOM   67   C  C   . GLU A 1 10  ? -6.132  10.160  -1.051  1.000 16.547  ? 49  GLU AAA C   1 ? 
ATOM   68   O  O   . GLU A 1 10  ? -6.231  8.927   -1.133  1.000 16.028  ? 49  GLU AAA O   1 ? 
ATOM   69   C  CB  . GLU A 1 10  ? -7.232  10.813  -3.170  1.000 20.926  ? 49  GLU AAA CB  1 ? 
ATOM   70   C  CG  . GLU A 1 10  ? -8.441  11.390  -2.511  1.000 28.066  ? 49  GLU AAA CG  1 ? 
ATOM   71   C  CD  . GLU A 1 10  ? -9.555  11.439  -3.521  1.000 22.873  ? 49  GLU AAA CD  1 ? 
ATOM   72   O  OE1 . GLU A 1 10  ? -9.686  12.477  -4.160  1.000 28.651  ? 49  GLU AAA OE1 1 ? 
ATOM   73   O  OE2 . GLU A 1 10  ? -10.310 10.454  -3.606  1.000 21.753  ? 49  GLU AAA OE2 1 ? 
ATOM   74   N  N   . THR A 1 11  ? -6.201  10.858  0.090   1.000 15.963  ? 50  THR AAA N   1 ? 
ATOM   75   C  CA  . THR A 1 11  ? -6.541  10.205  1.346   1.000 16.190  ? 50  THR AAA CA  1 ? 
ATOM   76   C  C   . THR A 1 11  ? -7.793  10.789  1.992   1.000 15.568  ? 50  THR AAA C   1 ? 
ATOM   77   O  O   . THR A 1 11  ? -8.128  10.328  3.070   1.000 17.090  ? 50  THR AAA O   1 ? 
ATOM   78   C  CB  . THR A 1 11  ? -5.365  10.183  2.325   1.000 17.875  ? 50  THR AAA CB  1 ? 
ATOM   79   O  OG1 . THR A 1 11  ? -5.008  11.543  2.563   1.000 21.423  ? 50  THR AAA OG1 1 ? 
ATOM   80   C  CG2 . THR A 1 11  ? -4.153  9.445   1.773   1.000 18.672  ? 50  THR AAA CG2 1 ? 
ATOM   81   N  N   . SER A 1 12  ? -8.337  11.852  1.409   1.000 15.472  ? 51  SER AAA N   1 ? 
ATOM   82   C  CA  . SER A 1 12  ? -9.505  12.558  1.927   1.000 16.922  ? 51  SER AAA CA  1 ? 
ATOM   83   C  C   . SER A 1 12  ? -10.293 13.055  0.720   1.000 18.125  ? 51  SER AAA C   1 ? 
ATOM   84   O  O   . SER A 1 12  ? -9.717  13.528  -0.260  1.000 19.751  ? 51  SER AAA O   1 ? 
ATOM   85   C  CB  . SER A 1 12  ? -8.999  13.706  2.773   1.000 19.857  ? 51  SER AAA CB  1 ? 
ATOM   86   O  OG  . SER A 1 12  ? -10.003 14.699  2.975   1.000 24.889  ? 51  SER AAA OG  1 ? 
ATOM   87   N  N   . ASN A 1 13  ? -11.621 12.915  0.798   1.000 16.078  ? 52  ASN AAA N   1 ? 
ATOM   88   C  CA  . ASN A 1 13  ? -12.470 13.472  -0.244  1.000 17.514  ? 52  ASN AAA CA  1 ? 
ATOM   89   C  C   . ASN A 1 13  ? -13.897 13.481  0.290   1.000 16.936  ? 52  ASN AAA C   1 ? 
ATOM   90   O  O   . ASN A 1 13  ? -14.500 12.426  0.433   1.000 16.164  ? 52  ASN AAA O   1 ? 
ATOM   91   C  CB  . ASN A 1 13  ? -12.480 12.604  -1.500  1.000 20.212  ? 52  ASN AAA CB  1 ? 
ATOM   92   C  CG  . ASN A 1 13  ? -13.262 13.257  -2.617  1.000 21.763  ? 52  ASN AAA CG  1 ? 
ATOM   93   O  OD1 . ASN A 1 13  ? -14.133 14.080  -2.393  1.000 21.849  ? 52  ASN AAA OD1 1 ? 
ATOM   94   N  ND2 . ASN A 1 13  ? -12.910 12.914  -3.845  1.000 29.518  ? 52  ASN AAA ND2 1 ? 
ATOM   95   N  N   . PRO A 1 14  ? -14.484 14.646  0.585   1.000 16.759  ? 53  PRO AAA N   1 ? 
ATOM   96   C  CA  . PRO A 1 14  ? -15.827 14.667  1.150   1.000 17.141  ? 53  PRO AAA CA  1 ? 
ATOM   97   C  C   . PRO A 1 14  ? -16.895 14.115  0.220   1.000 17.538  ? 53  PRO AAA C   1 ? 
ATOM   98   O  O   . PRO A 1 14  ? -17.995 13.849  0.671   1.000 22.917  ? 53  PRO AAA O   1 ? 
ATOM   99   C  CB  . PRO A 1 14  ? -16.110 16.144  1.440   1.000 20.660  ? 53  PRO AAA CB  1 ? 
ATOM   100  C  CG  . PRO A 1 14  ? -14.759 16.793  1.424   1.000 24.406  ? 53  PRO AAA CG  1 ? 
ATOM   101  C  CD  . PRO A 1 14  ? -13.837 15.973  0.544   1.000 20.111  ? 53  PRO AAA CD  1 ? 
ATOM   102  N  N   . ASN A 1 15  ? -16.590 13.967  -1.051  1.000 16.952  ? 54  ASN AAA N   1 ? 
ATOM   103  C  CA  . ASN A 1 15  ? -17.597 13.503  -1.995  1.000 18.784  ? 54  ASN AAA CA  1 ? 
ATOM   104  C  C   . ASN A 1 15  ? -17.710 11.978  -1.996  1.000 20.636  ? 54  ASN AAA C   1 ? 
ATOM   105  O  O   . ASN A 1 15  ? -18.663 11.427  -2.560  1.000 21.288  ? 54  ASN AAA O   1 ? 
ATOM   106  C  CB  . ASN A 1 15  ? -17.284 13.975  -3.410  1.000 22.708  ? 54  ASN AAA CB  1 ? 
ATOM   107  C  CG  . ASN A 1 15  ? -17.341 15.484  -3.572  1.000 26.770  ? 54  ASN AAA CG  1 ? 
ATOM   108  O  OD1 . ASN A 1 15  ? -18.265 16.130  -3.104  1.000 28.793  ? 54  ASN AAA OD1 1 ? 
ATOM   109  N  ND2 . ASN A 1 15  ? -16.337 16.042  -4.218  1.000 34.455  ? 54  ASN AAA ND2 1 ? 
ATOM   110  N  N   . LYS A 1 16  ? -16.729 11.297  -1.413  1.000 16.644  ? 55  LYS AAA N   1 ? 
ATOM   111  C  CA  . LYS A 1 16  ? -16.698 9.836   -1.487  1.000 16.858  ? 55  LYS AAA CA  1 ? 
ATOM   112  C  C   . LYS A 1 16  ? -17.425 9.251   -0.282  1.000 16.339  ? 55  LYS AAA C   1 ? 
ATOM   113  O  O   . LYS A 1 16  ? -17.101 9.585   0.843   1.000 16.989  ? 55  LYS AAA O   1 ? 
ATOM   114  C  CB  . LYS A 1 16  ? -15.240 9.396   -1.505  1.000 15.244  ? 55  LYS AAA CB  1 ? 
ATOM   115  C  CG  . LYS A 1 16  ? -15.073 7.874   -1.595  1.000 15.116  ? 55  LYS AAA CG  1 ? 
ATOM   116  C  CD  . LYS A 1 16  ? -13.620 7.404   -1.520  1.000 16.397  ? 55  LYS AAA CD  1 ? 
ATOM   117  C  CE  . LYS A 1 16  ? -13.365 5.946   -1.805  1.000 16.657  ? 55  LYS AAA CE  1 ? 
ATOM   118  N  NZ  . LYS A 1 16  ? -14.066 5.077   -0.837  1.000 15.356  ? 55  LYS AAA NZ  1 ? 
ATOM   119  N  N   . PRO A 1 17  ? -18.419 8.347   -0.464  1.000 17.391  ? 56  PRO AAA N   1 ? 
ATOM   120  C  CA  . PRO A 1 17  ? -19.054 7.747   0.710   1.000 18.273  ? 56  PRO AAA CA  1 ? 
ATOM   121  C  C   . PRO A 1 17  ? -18.104 6.798   1.455   1.000 15.218  ? 56  PRO AAA C   1 ? 
ATOM   122  O  O   . PRO A 1 17  ? -17.225 6.188   0.854   1.000 16.643  ? 56  PRO AAA O   1 ? 
ATOM   123  C  CB  . PRO A 1 17  ? -20.259 7.015   0.098   1.000 20.265  ? 56  PRO AAA CB  1 ? 
ATOM   124  C  CG  . PRO A 1 17  ? -19.857 6.737   -1.331  1.000 25.179  ? 56  PRO AAA CG  1 ? 
ATOM   125  C  CD  . PRO A 1 17  ? -18.955 7.903   -1.743  1.000 19.239  ? 56  PRO AAA CD  1 ? 
ATOM   126  N  N   . LYS A 1 18  ? -18.224 6.804   2.773   1.000 16.336  ? 57  LYS AAA N   1 ? 
ATOM   127  C  CA  . LYS A 1 18  ? -17.241 6.167   3.655   1.000 17.606  ? 57  LYS AAA CA  1 ? 
ATOM   128  C  C   . LYS A 1 18  ? -18.001 5.377   4.693   1.000 16.551  ? 57  LYS AAA C   1 ? 
ATOM   129  O  O   . LYS A 1 18  ? -19.126 5.739   5.056   1.000 17.014  ? 57  LYS AAA O   1 ? 
ATOM   130  C  CB  . LYS A 1 18  ? -16.566 7.198   4.591   1.000 21.492  ? 57  LYS AAA CB  1 ? 
ATOM   131  C  CG  . LYS A 1 18  ? -16.255 8.558   4.026   1.000 22.002  ? 57  LYS AAA CG  1 ? 
ATOM   132  C  CD  . LYS A 1 18  ? -15.142 8.354   3.078   1.000 26.169  ? 57  LYS AAA CD  1 ? 
ATOM   133  C  CE  . LYS A 1 18  ? -14.291 9.587   2.967   1.000 23.457  ? 57  LYS AAA CE  1 ? 
ATOM   134  N  NZ  . LYS A 1 18  ? -15.105 10.694  2.428   1.000 18.124  ? 57  LYS AAA NZ  1 ? 
ATOM   135  N  N   . ARG A 1 19  ? -17.373 4.299   5.168   1.000 14.993  ? 58  ARG AAA N   1 ? 
ATOM   136  C  CA  . ARG A 1 19  ? -17.993 3.523   6.222   1.000 16.622  ? 58  ARG AAA CA  1 ? 
ATOM   137  C  C   . ARG A 1 19  ? -16.877 2.941   7.076   1.000 17.394  ? 58  ARG AAA C   1 ? 
ATOM   138  O  O   . ARG A 1 19  ? -15.745 2.861   6.634   1.000 21.746  ? 58  ARG AAA O   1 ? 
ATOM   139  C  CB  . ARG A 1 19  ? -18.731 2.409   5.436   1.000 21.248  ? 58  ARG AAA CB  1 ? 
ATOM   140  C  CG  . ARG A 1 19  ? -19.564 1.398   6.182   1.000 27.567  ? 58  ARG AAA CG  1 ? 
ATOM   141  C  CD  . ARG A 1 19  ? -20.319 0.751   5.042   1.000 18.927  ? 58  ARG AAA CD  1 ? 
ATOM   142  N  NE  . ARG A 1 19  ? -19.580 -0.170  4.208   1.000 15.284  ? 58  ARG AAA NE  1 ? 
ATOM   143  C  CZ  . ARG A 1 19  ? -20.067 -1.304  3.786   1.000 15.349  ? 58  ARG AAA CZ  1 ? 
ATOM   144  N  NH1 . ARG A 1 19  ? -21.324 -1.644  4.077   1.000 18.104  ? 58  ARG AAA NH1 1 ? 
ATOM   145  N  NH2 . ARG A 1 19  ? -19.292 -2.112  3.063   1.000 18.190  ? 58  ARG AAA NH2 1 ? 
ATOM   146  N  N   . GLN A 1 20  ? -17.208 2.644   8.328   1.000 19.037  ? 59  GLN AAA N   1 ? 
ATOM   147  C  CA  . GLN A 1 20  ? -16.381 1.798   9.155   1.000 20.773  ? 59  GLN AAA CA  1 ? 
ATOM   148  C  C   . GLN A 1 20  ? -17.053 0.438   9.121   1.000 20.864  ? 59  GLN AAA C   1 ? 
ATOM   149  O  O   . GLN A 1 20  ? -18.270 0.315   9.212   1.000 24.041  ? 59  GLN AAA O   1 ? 
ATOM   150  C  CB  . GLN A 1 20  ? -16.413 2.294   10.608  1.000 25.051  ? 59  GLN AAA CB  1 ? 
ATOM   151  C  CG  . GLN A 1 20  ? -15.975 3.738   10.762  1.000 30.888  ? 59  GLN AAA CG  1 ? 
ATOM   152  C  CD  . GLN A 1 20  ? -15.442 4.059   12.136  1.000 39.988  ? 59  GLN AAA CD  1 ? 
ATOM   153  O  OE1 . GLN A 1 20  ? -16.093 3.825   13.154  1.000 45.037  ? 59  GLN AAA OE1 1 ? 
ATOM   154  N  NE2 . GLN A 1 20  ? -14.245 4.621   12.174  1.000 42.997  ? 59  GLN AAA NE2 1 ? 
ATOM   155  N  N   . THR A 1 21  ? -16.268 -0.595  8.884   1.000 18.823  ? 60  THR AAA N   1 ? 
ATOM   156  C  CA  . THR A 1 21  ? -16.793 -1.945  9.055   1.000 17.099  ? 60  THR AAA CA  1 ? 
ATOM   157  C  C   . THR A 1 21  ? -15.826 -2.696  9.961   1.000 17.351  ? 60  THR AAA C   1 ? 
ATOM   158  O  O   . THR A 1 21  ? -14.679 -2.289  10.118  1.000 16.304  ? 60  THR AAA O   1 ? 
ATOM   159  C  CB  . THR A 1 21  ? -16.944 -2.711  7.732   1.000 17.324  ? 60  THR AAA CB  1 ? 
ATOM   160  O  OG1 . THR A 1 21  ? -15.657 -3.055  7.221   1.000 17.468  ? 60  THR AAA OG1 1 ? 
ATOM   161  C  CG2 . THR A 1 21  ? -17.678 -1.923  6.663   1.000 19.124  ? 60  THR AAA CG2 1 ? 
ATOM   162  N  N   . ASN A 1 22  ? -16.279 -3.839  10.484  1.000 16.803  ? 61  ASN AAA N   1 ? 
ATOM   163  C  CA  . ASN A 1 22  ? -15.371 -4.633  11.292  1.000 16.571  ? 61  ASN AAA CA  1 ? 
ATOM   164  C  C   . ASN A 1 22  ? -14.158 -5.120  10.489  1.000 15.392  ? 61  ASN AAA C   1 ? 
ATOM   165  O  O   . ASN A 1 22  ? -13.059 -5.247  11.042  1.000 16.250  ? 61  ASN AAA O   1 ? 
ATOM   166  C  CB  . ASN A 1 22  ? -16.086 -5.824  11.942  1.000 17.369  ? 61  ASN AAA CB  1 ? 
ATOM   167  C  CG  . ASN A 1 22  ? -16.587 -6.840  10.939  1.000 18.402  ? 61  ASN AAA CG  1 ? 
ATOM   168  O  OD1 . ASN A 1 22  ? -17.205 -6.485  9.930   1.000 22.548  ? 61  ASN AAA OD1 1 ? 
ATOM   169  N  ND2 . ASN A 1 22  ? -16.320 -8.115  11.189  1.000 20.042  ? 61  ASN AAA ND2 1 ? 
ATOM   170  N  N   . GLN A 1 23  ? -14.366 -5.372  9.178   1.000 14.100  ? 62  GLN AAA N   1 ? 
ATOM   171  C  CA  . GLN A 1 23  ? -13.234 -5.804  8.360   1.000 13.509  ? 62  GLN AAA CA  1 ? 
ATOM   172  C  C   . GLN A 1 23  ? -12.207 -4.690  8.223   1.000 12.856  ? 62  GLN AAA C   1 ? 
ATOM   173  O  O   . GLN A 1 23  ? -11.018 -4.970  8.241   1.000 13.365  ? 62  GLN AAA O   1 ? 
ATOM   174  C  CB  . GLN A 1 23  ? -13.703 -6.217  6.971   1.000 14.290  ? 62  GLN AAA CB  1 ? 
ATOM   175  C  CG  . GLN A 1 23  ? -14.618 -7.463  7.004   1.000 16.818  ? 62  GLN AAA CG  1 ? 
ATOM   176  C  CD  . GLN A 1 23  ? -14.982 -7.940  5.626   1.000 17.710  ? 62  GLN AAA CD  1 ? 
ATOM   177  O  OE1 . GLN A 1 23  ? -15.242 -7.143  4.716   1.000 18.740  ? 62  GLN AAA OE1 1 ? 
ATOM   178  N  NE2 . GLN A 1 23  ? -15.004 -9.256  5.450   1.000 18.081  ? 62  GLN AAA NE2 1 ? 
ATOM   179  N  N   . LEU A 1 24  ? -12.691 -3.463  8.010   1.000 13.430  ? 63  LEU AAA N   1 ? 
ATOM   180  C  CA  . LEU A 1 24  ? -11.766 -2.332  7.901   1.000 13.053  ? 63  LEU AAA CA  1 ? 
ATOM   181  C  C   . LEU A 1 24  ? -11.049 -2.061  9.223   1.000 14.170  ? 63  LEU AAA C   1 ? 
ATOM   182  O  O   . LEU A 1 24  ? -9.866  -1.760  9.193   1.000 14.828  ? 63  LEU AAA O   1 ? 
ATOM   183  C  CB  . LEU A 1 24  ? -12.488 -1.077  7.385   1.000 13.540  ? 63  LEU AAA CB  1 ? 
ATOM   184  C  CG  . LEU A 1 24  ? -12.784 -1.109  5.881   1.000 14.321  ? 63  LEU AAA CG  1 ? 
ATOM   185  C  CD1 . LEU A 1 24  ? -13.859 -0.074  5.533   1.000 15.193  ? 63  LEU AAA CD1 1 ? 
ATOM   186  C  CD2 . LEU A 1 24  ? -11.503 -0.861  5.087   1.000 14.223  ? 63  LEU AAA CD2 1 ? 
ATOM   187  N  N   . GLN A 1 25  ? -11.744 -2.281  10.359  1.000 14.638  ? 64  GLN AAA N   1 ? 
ATOM   188  C  CA  . GLN A 1 25  ? -11.089 -2.132  11.652  1.000 15.663  ? 64  GLN AAA CA  1 ? 
ATOM   189  C  C   . GLN A 1 25  ? -9.987  -3.191  11.787  1.000 15.323  ? 64  GLN AAA C   1 ? 
ATOM   190  O  O   . GLN A 1 25  ? -8.903  -2.877  12.252  1.000 17.236  ? 64  GLN AAA O   1 ? 
ATOM   191  C  CB  . GLN A 1 25  ? -12.145 -2.327  12.736  1.000 19.353  ? 64  GLN AAA CB  1 ? 
ATOM   192  C  CG  . GLN A 1 25  ? -13.118 -1.154  12.811  1.000 24.205  ? 64  GLN AAA CG  1 ? 
ATOM   193  C  CD  . GLN A 1 25  ? -14.379 -1.449  13.590  0.500 24.818  ? 64  GLN AAA CD  1 ? 
ATOM   194  O  OE1 . GLN A 1 25  ? -14.673 -2.589  13.943  0.500 29.890  ? 64  GLN AAA OE1 1 ? 
ATOM   195  N  NE2 . GLN A 1 25  ? -15.165 -0.411  13.828  0.500 27.925  ? 64  GLN AAA NE2 1 ? 
ATOM   196  N  N   . TYR A 1 26  ? -10.253 -4.414  11.352  1.000 13.860  ? 65  TYR AAA N   1 ? 
ATOM   197  C  CA  . TYR A 1 26  ? -9.254  -5.464  11.352  1.000 14.284  ? 65  TYR AAA CA  1 ? 
ATOM   198  C  C   . TYR A 1 26  ? -8.059  -5.072  10.477  1.000 14.895  ? 65  TYR AAA C   1 ? 
ATOM   199  O  O   . TYR A 1 26  ? -6.887  -5.308  10.800  1.000 15.085  ? 65  TYR AAA O   1 ? 
ATOM   200  C  CB  . TYR A 1 26  ? -9.887  -6.778  10.900  1.000 14.442  ? 65  TYR AAA CB  1 ? 
ATOM   201  C  CG  . TYR A 1 26  ? -8.927  -7.931  10.732  1.000 15.199  ? 65  TYR AAA CG  1 ? 
ATOM   202  C  CD1 . TYR A 1 26  ? -8.637  -8.768  11.788  1.000 16.177  ? 65  TYR AAA CD1 1 ? 
ATOM   203  C  CD2 . TYR A 1 26  ? -8.363  -8.223  9.488   1.000 15.882  ? 65  TYR AAA CD2 1 ? 
ATOM   204  C  CE1 . TYR A 1 26  ? -7.747  -9.838  11.643  1.000 16.685  ? 65  TYR AAA CE1 1 ? 
ATOM   205  C  CE2 . TYR A 1 26  ? -7.507  -9.296  9.293   1.000 15.906  ? 65  TYR AAA CE2 1 ? 
ATOM   206  C  CZ  . TYR A 1 26  ? -7.224  -10.117 10.374  1.000 16.211  ? 65  TYR AAA CZ  1 ? 
ATOM   207  O  OH  . TYR A 1 26  ? -6.393  -11.184 10.153  1.000 17.898  ? 65  TYR AAA OH  1 ? 
ATOM   208  N  N   . LEU A 1 27  ? -8.354  -4.532  9.283   1.000 13.548  ? 66  LEU AAA N   1 ? 
ATOM   209  C  CA  . LEU A 1 27  ? -7.254  -4.140  8.404   1.000 14.040  ? 66  LEU AAA CA  1 ? 
ATOM   210  C  C   . LEU A 1 27  ? -6.354  -3.078  9.042   1.000 14.596  ? 66  LEU AAA C   1 ? 
ATOM   211  O  O   . LEU A 1 27  ? -5.153  -3.122  8.783   1.000 16.606  ? 66  LEU AAA O   1 ? 
ATOM   212  C  CB  . LEU A 1 27  ? -7.823  -3.664  7.060   1.000 14.130  ? 66  LEU AAA CB  1 ? 
ATOM   213  C  CG  . LEU A 1 27  ? -8.280  -4.789  6.143   1.000 15.290  ? 66  LEU AAA CG  1 ? 
ATOM   214  C  CD1 . LEU A 1 27  ? -9.145  -4.243  5.016   1.000 18.928  ? 66  LEU AAA CD1 1 ? 
ATOM   215  C  CD2 . LEU A 1 27  ? -7.084  -5.479  5.528   1.000 19.402  ? 66  LEU AAA CD2 1 ? 
ATOM   216  N  N   . LEU A 1 28  ? -6.922  -2.164  9.811   1.000 14.354  ? 67  LEU AAA N   1 ? 
ATOM   217  C  CA  . LEU A 1 28  ? -6.074  -1.170  10.489  1.000 15.139  ? 67  LEU AAA CA  1 ? 
ATOM   218  C  C   . LEU A 1 28  ? -5.358  -1.750  11.713  1.000 17.598  ? 67  LEU AAA C   1 ? 
ATOM   219  O  O   . LEU A 1 28  ? -4.133  -1.661  11.807  1.000 19.300  ? 67  LEU AAA O   1 ? 
ATOM   220  C  CB  . LEU A 1 28  ? -6.920  0.036   10.879  1.000 17.165  ? 67  LEU AAA CB  1 ? 
ATOM   221  C  CG  . LEU A 1 28  ? -6.131  1.108   11.663  1.000 17.755  ? 67  LEU AAA CG  1 ? 
ATOM   222  C  CD1 . LEU A 1 28  ? -4.870  1.546   10.917  1.000 18.860  ? 67  LEU AAA CD1 1 ? 
ATOM   223  C  CD2 . LEU A 1 28  ? -7.032  2.287   11.942  1.000 22.380  ? 67  LEU AAA CD2 1 ? 
ATOM   224  N  N   . ARG A 1 29  ? -6.121  -2.428  12.567  1.000 16.710  ? 68  ARG AAA N   1 ? 
ATOM   225  C  CA  . ARG A 1 29  ? -5.629  -2.750  13.902  1.000 18.936  ? 68  ARG AAA CA  1 ? 
ATOM   226  C  C   . ARG A 1 29  ? -4.785  -4.008  13.867  1.000 19.216  ? 68  ARG AAA C   1 ? 
ATOM   227  O  O   . ARG A 1 29  ? -3.945  -4.178  14.764  1.000 23.189  ? 68  ARG AAA O   1 ? 
ATOM   228  C  CB  . ARG A 1 29  ? -6.797  -2.888  14.870  1.000 20.090  ? 68  ARG AAA CB  1 ? 
ATOM   229  C  CG  . ARG A 1 29  ? -7.536  -1.579  15.097  1.000 26.549  ? 68  ARG AAA CG  1 ? 
ATOM   230  C  CD  . ARG A 1 29  ? -8.817  -1.673  15.907  1.000 33.913  ? 68  ARG AAA CD  1 ? 
ATOM   231  N  NE  . ARG A 1 29  ? -9.769  -0.633  15.533  0.500 34.018  ? 68  ARG AAA NE  1 ? 
ATOM   232  C  CZ  . ARG A 1 29  ? -10.214 0.327   16.336  0.500 35.639  ? 68  ARG AAA CZ  1 ? 
ATOM   233  N  NH1 . ARG A 1 29  ? -9.811  0.384   17.594  0.500 38.024  ? 68  ARG AAA NH1 1 ? 
ATOM   234  N  NH2 . ARG A 1 29  ? -11.069 1.225   15.878  0.500 37.592  ? 68  ARG AAA NH2 1 ? 
ATOM   235  N  N   . VAL A 1 30  ? -5.021  -4.906  12.897  1.000 16.139  ? 69  VAL AAA N   1 ? 
ATOM   236  C  CA  . VAL A 1 30  ? -4.221  -6.106  12.815  1.000 16.198  ? 69  VAL AAA CA  1 ? 
ATOM   237  C  C   . VAL A 1 30  ? -3.302  -6.081  11.599  1.000 18.061  ? 69  VAL AAA C   1 ? 
ATOM   238  O  O   . VAL A 1 30  ? -2.090  -6.283  11.711  1.000 20.350  ? 69  VAL AAA O   1 ? 
ATOM   239  C  CB  . VAL A 1 30  ? -5.111  -7.368  12.779  1.000 17.691  ? 69  VAL AAA CB  1 ? 
ATOM   240  C  CG1 . VAL A 1 30  ? -4.274  -8.626  12.543  1.000 19.323  ? 69  VAL AAA CG1 1 ? 
ATOM   241  C  CG2 . VAL A 1 30  ? -5.973  -7.491  14.040  1.000 20.196  ? 69  VAL AAA CG2 1 ? 
ATOM   242  N  N   . VAL A 1 31  ? -3.866  -5.948  10.393  1.000 15.692  ? 70  VAL AAA N   1 ? 
ATOM   243  C  CA  . VAL A 1 31  ? -3.073  -6.147  9.199   1.000 16.669  ? 70  VAL AAA CA  1 ? 
ATOM   244  C  C   . VAL A 1 31  ? -2.049  -5.025  9.012   1.000 16.218  ? 70  VAL AAA C   1 ? 
ATOM   245  O  O   . VAL A 1 31  ? -0.874  -5.296  8.867   1.000 16.732  ? 70  VAL AAA O   1 ? 
ATOM   246  C  CB  . VAL A 1 31  ? -3.961  -6.305  7.958   1.000 18.427  ? 70  VAL AAA CB  1 ? 
ATOM   247  C  CG1 . VAL A 1 31  ? -3.121  -6.575  6.719   1.000 20.324  ? 70  VAL AAA CG1 1 ? 
ATOM   248  C  CG2 . VAL A 1 31  ? -5.056  -7.364  8.165   1.000 18.440  ? 70  VAL AAA CG2 1 ? 
ATOM   249  N  N   . LEU A 1 32  ? -2.525  -3.779  8.922   1.000 16.805  ? 71  LEU AAA N   1 ? 
ATOM   250  C  CA  . LEU A 1 32  ? -1.579  -2.680  8.727   1.000 18.740  ? 71  LEU AAA CA  1 ? 
ATOM   251  C  C   . LEU A 1 32  ? -0.597  -2.635  9.895   1.000 19.174  ? 71  LEU AAA C   1 ? 
ATOM   252  O  O   . LEU A 1 32  ? 0.593   -2.459  9.653   1.000 19.256  ? 71  LEU AAA O   1 ? 
ATOM   253  C  CB  . LEU A 1 32  ? -2.369  -1.380  8.603   1.000 18.426  ? 71  LEU AAA CB  1 ? 
ATOM   254  C  CG  . LEU A 1 32  ? -1.580  -0.105  8.250   1.000 21.632  ? 71  LEU AAA CG  1 ? 
ATOM   255  C  CD1 . LEU A 1 32  ? -0.856  0.510   9.431   1.000 26.740  ? 71  LEU AAA CD1 1 ? 
ATOM   256  C  CD2 . LEU A 1 32  ? -0.658  -0.286  7.062   1.000 23.030  ? 71  LEU AAA CD2 1 ? 
ATOM   257  N  N   . LYS A 1 33  ? -1.085  -2.776  11.147  1.000 19.370  ? 72  LYS AAA N   1 ? 
ATOM   258  C  CA  . LYS A 1 33  ? -0.206  -2.747  12.319  1.000 21.930  ? 72  LYS AAA CA  1 ? 
ATOM   259  C  C   . LYS A 1 33  ? 0.938   -3.758  12.173  1.000 21.885  ? 72  LYS AAA C   1 ? 
ATOM   260  O  O   . LYS A 1 33  ? 2.101   -3.445  12.445  1.000 21.850  ? 72  LYS AAA O   1 ? 
ATOM   261  C  CB  . LYS A 1 33  ? -0.997  -3.071  13.589  1.000 23.762  ? 72  LYS AAA CB  1 ? 
ATOM   262  C  CG  . LYS A 1 33  ? -0.299  -2.641  14.872  0.500 22.965  ? 72  LYS AAA CG  1 ? 
ATOM   263  C  CD  . LYS A 1 33  ? -1.212  -1.830  15.758  0.500 27.413  ? 72  LYS AAA CD  1 ? 
ATOM   264  C  CE  . LYS A 1 33  ? -2.080  -2.679  16.658  0.500 29.300  ? 72  LYS AAA CE  1 ? 
ATOM   265  N  NZ  . LYS A 1 33  ? -3.487  -2.209  16.689  0.500 30.420  ? 72  LYS AAA NZ  1 ? 
ATOM   266  N  N   . THR A 1 34  ? 0.614   -4.989  11.760  1.000 19.113  ? 73  THR AAA N   1 ? 
ATOM   267  C  CA  . THR A 1 34  ? 1.593   -6.050  11.651  1.000 19.804  ? 73  THR AAA CA  1 ? 
ATOM   268  C  C   . THR A 1 34  ? 2.600   -5.734  10.550  1.000 18.851  ? 73  THR AAA C   1 ? 
ATOM   269  O  O   . THR A 1 34  ? 3.808   -5.893  10.711  1.000 20.171  ? 73  THR AAA O   1 ? 
ATOM   270  C  CB  . THR A 1 34  ? 0.944   -7.410  11.388  1.000 23.116  ? 73  THR AAA CB  1 ? 
ATOM   271  O  OG1 . THR A 1 34  ? 0.112   -7.657  12.528  1.000 24.546  ? 73  THR AAA OG1 1 ? 
ATOM   272  C  CG2 . THR A 1 34  ? 1.965   -8.506  11.189  1.000 24.795  ? 73  THR AAA CG2 1 ? 
ATOM   273  N  N   . LEU A 1 35  ? 2.111   -5.290  9.390   1.000 16.229  ? 74  LEU AAA N   1 ? 
ATOM   274  C  CA  . LEU A 1 35  ? 3.035   -5.021  8.311   1.000 17.374  ? 74  LEU AAA CA  1 ? 
ATOM   275  C  C   . LEU A 1 35  ? 3.879   -3.769  8.577   1.000 15.983  ? 74  LEU AAA C   1 ? 
ATOM   276  O  O   . LEU A 1 35  ? 5.034   -3.779  8.161   1.000 16.651  ? 74  LEU AAA O   1 ? 
ATOM   277  C  CB  . LEU A 1 35  ? 2.227   -4.823  7.020   1.000 17.187  ? 74  LEU AAA CB  1 ? 
ATOM   278  C  CG  . LEU A 1 35  ? 1.728   -6.089  6.313   1.000 22.216  ? 74  LEU AAA CG  1 ? 
ATOM   279  C  CD1 . LEU A 1 35  ? 1.190   -7.159  7.243   1.000 30.922  ? 74  LEU AAA CD1 1 ? 
ATOM   280  C  CD2 . LEU A 1 35  ? 0.666   -5.695  5.279   1.000 25.219  ? 74  LEU AAA CD2 1 ? 
ATOM   281  N  N   . TRP A 1 36  ? 3.280   -2.735  9.173   1.000 16.653  ? 75  TRP AAA N   1 ? 
ATOM   282  C  CA  . TRP A 1 36  ? 3.967   -1.470  9.403   1.000 15.977  ? 75  TRP AAA CA  1 ? 
ATOM   283  C  C   . TRP A 1 36  ? 5.225   -1.666  10.234  1.000 19.426  ? 75  TRP AAA C   1 ? 
ATOM   284  O  O   . TRP A 1 36  ? 6.234   -1.010  9.962   1.000 20.234  ? 75  TRP AAA O   1 ? 
ATOM   285  C  CB  . TRP A 1 36  ? 3.016   -0.474  10.039  1.000 16.919  ? 75  TRP AAA CB  1 ? 
ATOM   286  C  CG  . TRP A 1 36  ? 3.595   0.905   10.086  1.000 17.846  ? 75  TRP AAA CG  1 ? 
ATOM   287  C  CD1 . TRP A 1 36  ? 4.317   1.456   11.105  1.000 20.361  ? 75  TRP AAA CD1 1 ? 
ATOM   288  C  CD2 . TRP A 1 36  ? 3.527   1.900   9.053   1.000 17.294  ? 75  TRP AAA CD2 1 ? 
ATOM   289  N  NE1 . TRP A 1 36  ? 4.645   2.745   10.800  1.000 20.291  ? 75  TRP AAA NE1 1 ? 
ATOM   290  C  CE2 . TRP A 1 36  ? 4.220   3.035   9.518   1.000 18.480  ? 75  TRP AAA CE2 1 ? 
ATOM   291  C  CE3 . TRP A 1 36  ? 2.949   1.941   7.774   1.000 17.335  ? 75  TRP AAA CE3 1 ? 
ATOM   292  C  CZ2 . TRP A 1 36  ? 4.324   4.214   8.789   1.000 18.344  ? 75  TRP AAA CZ2 1 ? 
ATOM   293  C  CZ3 . TRP A 1 36  ? 3.059   3.099   7.045   1.000 18.093  ? 75  TRP AAA CZ3 1 ? 
ATOM   294  C  CH2 . TRP A 1 36  ? 3.765   4.213   7.523   1.000 17.704  ? 75  TRP AAA CH2 1 ? 
ATOM   295  N  N   . LYS A 1 37  ? 5.172   -2.596  11.188  1.000 18.243  ? 76  LYS AAA N   1 ? 
ATOM   296  C  CA  . LYS A 1 37  ? 6.263   -2.738  12.144  1.000 20.874  ? 76  LYS AAA CA  1 ? 
ATOM   297  C  C   . LYS A 1 37  ? 7.267   -3.797  11.684  1.000 21.221  ? 76  LYS AAA C   1 ? 
ATOM   298  O  O   . LYS A 1 37  ? 8.272   -4.085  12.341  1.000 24.308  ? 76  LYS AAA O   1 ? 
ATOM   299  C  CB  . LYS A 1 37  ? 5.668   -2.990  13.540  1.000 23.847  ? 76  LYS AAA CB  1 ? 
ATOM   300  C  CG  . LYS A 1 37  ? 5.199   -4.419  13.795  1.000 30.879  ? 76  LYS AAA CG  1 ? 
ATOM   301  C  CD  . LYS A 1 37  ? 4.601   -4.565  15.201  1.000 33.516  ? 76  LYS AAA CD  1 ? 
ATOM   302  C  CE  . LYS A 1 37  ? 3.857   -5.861  15.477  1.000 38.301  ? 76  LYS AAA CE  1 ? 
ATOM   303  N  NZ  . LYS A 1 37  ? 4.502   -7.039  14.854  1.000 43.555  ? 76  LYS AAA NZ  1 ? 
ATOM   304  N  N   . HIS A 1 38  ? 7.026   -4.462  10.546  1.000 17.818  ? 77  HIS AAA N   1 ? 
ATOM   305  C  CA  . HIS A 1 38  ? 7.919   -5.504  10.064  1.000 17.036  ? 77  HIS AAA CA  1 ? 
ATOM   306  C  C   . HIS A 1 38  ? 9.286   -4.927  9.680   1.000 17.688  ? 77  HIS AAA C   1 ? 
ATOM   307  O  O   . HIS A 1 38  ? 9.382   -3.774  9.238   1.000 17.845  ? 77  HIS AAA O   1 ? 
ATOM   308  C  CB  . HIS A 1 38  ? 7.291   -6.161  8.815   1.000 17.130  ? 77  HIS AAA CB  1 ? 
ATOM   309  C  CG  . HIS A 1 38  ? 7.935   -7.425  8.370   1.000 16.831  ? 77  HIS AAA CG  1 ? 
ATOM   310  N  ND1 . HIS A 1 38  ? 9.114   -7.450  7.649   1.000 16.654  ? 77  HIS AAA ND1 1 ? 
ATOM   311  C  CD2 . HIS A 1 38  ? 7.578   -8.722  8.519   1.000 19.231  ? 77  HIS AAA CD2 1 ? 
ATOM   312  C  CE1 . HIS A 1 38  ? 9.452   -8.680  7.361   1.000 19.322  ? 77  HIS AAA CE1 1 ? 
ATOM   313  N  NE2 . HIS A 1 38  ? 8.516   -9.476  7.882   1.000 19.808  ? 77  HIS AAA NE2 1 ? 
ATOM   314  N  N   . GLN A 1 39  ? 10.333  -5.750  9.858   1.000 18.371  ? 78  GLN AAA N   1 ? 
ATOM   315  C  CA  . GLN A 1 39  ? 11.717  -5.412  9.568   1.000 20.202  ? 78  GLN AAA CA  1 ? 
ATOM   316  C  C   . GLN A 1 39  ? 11.870  -4.804  8.172   1.000 18.624  ? 78  GLN AAA C   1 ? 
ATOM   317  O  O   . GLN A 1 39  ? 12.719  -3.935  7.935   1.000 20.321  ? 78  GLN AAA O   1 ? 
ATOM   318  C  CB  . GLN A 1 39  ? 12.535  -6.710  9.675   1.000 24.940  ? 78  GLN AAA CB  1 ? 
ATOM   319  C  CG  . GLN A 1 39  ? 14.043  -6.540  9.571   1.000 34.380  ? 78  GLN AAA CG  1 ? 
ATOM   320  C  CD  . GLN A 1 39  ? 14.769  -7.820  9.197   1.000 43.699  ? 78  GLN AAA CD  1 ? 
ATOM   321  O  OE1 . GLN A 1 39  ? 15.899  -7.796  8.715   1.000 49.302  ? 78  GLN AAA OE1 1 ? 
ATOM   322  N  NE2 . GLN A 1 39  ? 14.130  -8.966  9.402   1.000 50.070  ? 78  GLN AAA NE2 1 ? 
ATOM   323  N  N   . PHE A 1 40  ? 11.058  -5.282  7.207   1.000 16.326  ? 79  PHE AAA N   1 ? 
ATOM   324  C  CA  . PHE A 1 40  ? 11.202  -4.920  5.805   1.000 16.304  ? 79  PHE AAA CA  1 ? 
ATOM   325  C  C   . PHE A 1 40  ? 10.168  -3.894  5.348   1.000 15.269  ? 79  PHE AAA C   1 ? 
ATOM   326  O  O   . PHE A 1 40  ? 10.093  -3.669  4.133   1.000 15.380  ? 79  PHE AAA O   1 ? 
ATOM   327  C  CB  . PHE A 1 40  ? 10.995  -6.169  4.940   1.000 16.648  ? 79  PHE AAA CB  1 ? 
ATOM   328  C  CG  . PHE A 1 40  ? 12.068  -7.215  5.023   1.000 18.904  ? 79  PHE AAA CG  1 ? 
ATOM   329  C  CD1 . PHE A 1 40  ? 13.345  -6.939  5.526   1.000 20.330  ? 79  PHE AAA CD1 1 ? 
ATOM   330  C  CD2 . PHE A 1 40  ? 11.791  -8.500  4.570   1.000 21.052  ? 79  PHE AAA CD2 1 ? 
ATOM   331  C  CE1 . PHE A 1 40  ? 14.332  -7.927  5.574   1.000 21.836  ? 79  PHE AAA CE1 1 ? 
ATOM   332  C  CE2 . PHE A 1 40  ? 12.789  -9.460  4.588   1.000 23.266  ? 79  PHE AAA CE2 1 ? 
ATOM   333  C  CZ  . PHE A 1 40  ? 14.038  -9.195  5.123   1.000 23.785  ? 79  PHE AAA CZ  1 ? 
ATOM   334  N  N   . ALA A 1 41  ? 9.440   -3.271  6.262   1.000 14.233  ? 80  ALA AAA N   1 ? 
ATOM   335  C  CA  . ALA A 1 41  ? 8.404   -2.307  5.929   1.000 15.355  ? 80  ALA AAA CA  1 ? 
ATOM   336  C  C   . ALA A 1 41  ? 8.973   -1.037  5.322   1.000 16.967  ? 80  ALA AAA C   1 ? 
ATOM   337  O  O   . ALA A 1 41  ? 8.272   -0.354  4.571   1.000 14.774  ? 80  ALA AAA O   1 ? 
ATOM   338  C  CB  . ALA A 1 41  ? 7.545   -1.999  7.116   1.000 17.575  ? 80  ALA AAA CB  1 ? 
ATOM   339  N  N   . TRP A 1 42  ? 10.202  -0.623  5.728   1.000 15.730  ? 81  TRP AAA N   1 ? 
ATOM   340  C  CA  . TRP A 1 42  ? 10.550  0.785   5.558   1.000 15.359  ? 81  TRP AAA CA  1 ? 
ATOM   341  C  C   . TRP A 1 42  ? 10.481  1.284   4.114   1.000 16.357  ? 81  TRP AAA C   1 ? 
ATOM   342  O  O   . TRP A 1 42  ? 10.099  2.443   3.930   1.000 16.530  ? 81  TRP AAA O   1 ? 
ATOM   343  C  CB  . TRP A 1 42  ? 11.907  1.105   6.218   1.000 18.322  ? 81  TRP AAA CB  1 ? 
ATOM   344  C  CG  . TRP A 1 42  ? 13.059  0.336   5.681   1.000 16.888  ? 81  TRP AAA CG  1 ? 
ATOM   345  C  CD1 . TRP A 1 42  ? 13.542  -0.865  6.107   1.000 17.645  ? 81  TRP AAA CD1 1 ? 
ATOM   346  C  CD2 . TRP A 1 42  ? 13.855  0.684   4.546   1.000 17.672  ? 81  TRP AAA CD2 1 ? 
ATOM   347  N  NE1 . TRP A 1 42  ? 14.586  -1.268  5.330   1.000 19.533  ? 81  TRP AAA NE1 1 ? 
ATOM   348  C  CE2 . TRP A 1 42  ? 14.800  -0.343  4.347   1.000 19.091  ? 81  TRP AAA CE2 1 ? 
ATOM   349  C  CE3 . TRP A 1 42  ? 13.840  1.791   3.677   1.000 20.935  ? 81  TRP AAA CE3 1 ? 
ATOM   350  C  CZ2 . TRP A 1 42  ? 15.764  -0.296  3.335   1.000 21.937  ? 81  TRP AAA CZ2 1 ? 
ATOM   351  C  CZ3 . TRP A 1 42  ? 14.762  1.812   2.653   1.000 22.327  ? 81  TRP AAA CZ3 1 ? 
ATOM   352  C  CH2 . TRP A 1 42  ? 15.701  0.794   2.485   1.000 23.331  ? 81  TRP AAA CH2 1 ? 
ATOM   353  N  N   . PRO A 1 43  ? 10.822  0.498   3.081   1.000 14.198  ? 82  PRO AAA N   1 ? 
ATOM   354  C  CA  . PRO A 1 43  ? 10.776  1.030   1.709   1.000 14.575  ? 82  PRO AAA CA  1 ? 
ATOM   355  C  C   . PRO A 1 43  ? 9.345   1.246   1.218   1.000 15.093  ? 82  PRO AAA C   1 ? 
ATOM   356  O  O   . PRO A 1 43  ? 9.171   1.972   0.242   1.000 16.592  ? 82  PRO AAA O   1 ? 
ATOM   357  C  CB  . PRO A 1 43  ? 11.382  -0.040  0.816   1.000 15.529  ? 82  PRO AAA CB  1 ? 
ATOM   358  C  CG  . PRO A 1 43  ? 12.141  -0.952  1.811   1.000 15.898  ? 82  PRO AAA CG  1 ? 
ATOM   359  C  CD  . PRO A 1 43  ? 11.346  -0.876  3.098   1.000 15.061  ? 82  PRO AAA CD  1 ? 
ATOM   360  N  N   . PHE A 1 44  ? 8.367   0.737   1.963   1.000 14.442  ? 83  PHE AAA N   1 ? 
ATOM   361  C  CA  . PHE A 1 44  ? 6.966   0.811   1.555   1.000 13.414  ? 83  PHE AAA CA  1 ? 
ATOM   362  C  C   . PHE A 1 44  ? 6.170   1.805   2.385   1.000 14.179  ? 83  PHE AAA C   1 ? 
ATOM   363  O  O   . PHE A 1 44  ? 4.946   1.909   2.251   1.000 15.035  ? 83  PHE AAA O   1 ? 
ATOM   364  C  CB  . PHE A 1 44  ? 6.345   -0.594  1.596   1.000 13.914  ? 83  PHE AAA CB  1 ? 
ATOM   365  C  CG  . PHE A 1 44  ? 7.170   -1.601  0.839   1.000 14.651  ? 83  PHE AAA CG  1 ? 
ATOM   366  C  CD1 . PHE A 1 44  ? 7.006   -1.722  -0.541  1.000 17.394  ? 83  PHE AAA CD1 1 ? 
ATOM   367  C  CD2 . PHE A 1 44  ? 8.074   -2.461  1.454   1.000 15.433  ? 83  PHE AAA CD2 1 ? 
ATOM   368  C  CE1 . PHE A 1 44  ? 7.777   -2.640  -1.247  1.000 18.105  ? 83  PHE AAA CE1 1 ? 
ATOM   369  C  CE2 . PHE A 1 44  ? 8.858   -3.351  0.739   1.000 17.485  ? 83  PHE AAA CE2 1 ? 
ATOM   370  C  CZ  . PHE A 1 44  ? 8.711   -3.432  -0.622  1.000 17.987  ? 83  PHE AAA CZ  1 ? 
ATOM   371  N  N   . GLN A 1 45  ? 6.802   2.504   3.357   1.000 12.882  ? 84  GLN AAA N   1 ? 
ATOM   372  C  CA  . GLN A 1 45  ? 6.059   3.329   4.290   1.000 14.157  ? 84  GLN AAA CA  1 ? 
ATOM   373  C  C   . GLN A 1 45  ? 5.751   4.734   3.771   1.000 14.829  ? 84  GLN AAA C   1 ? 
ATOM   374  O  O   . GLN A 1 45  ? 5.078   5.508   4.454   1.000 16.484  ? 84  GLN AAA O   1 ? 
ATOM   375  C  CB  . GLN A 1 45  ? 6.822   3.496   5.616   1.000 13.884  ? 84  GLN AAA CB  1 ? 
ATOM   376  C  CG  . GLN A 1 45  ? 6.763   2.203   6.430   1.000 15.456  ? 84  GLN AAA CG  1 ? 
ATOM   377  C  CD  . GLN A 1 45  ? 7.633   2.270   7.668   1.000 17.530  ? 84  GLN AAA CD  1 ? 
ATOM   378  O  OE1 . GLN A 1 45  ? 8.658   2.943   7.680   1.000 20.081  ? 84  GLN AAA OE1 1 ? 
ATOM   379  N  NE2 . GLN A 1 45  ? 7.278   1.504   8.683   1.000 18.692  ? 84  GLN AAA NE2 1 ? 
ATOM   380  N  N   . GLN A 1 46  ? 6.180   5.047   2.530   1.000 14.479  ? 85  GLN AAA N   1 ? 
ATOM   381  C  CA  . GLN A 1 46  ? 5.968   6.352   1.945   1.000 15.203  ? 85  GLN AAA CA  1 ? 
ATOM   382  C  C   . GLN A 1 46  ? 6.012   6.178   0.437   1.000 15.052  ? 85  GLN AAA C   1 ? 
ATOM   383  O  O   . GLN A 1 46  ? 6.580   5.205   -0.058  1.000 14.415  ? 85  GLN AAA O   1 ? 
ATOM   384  C  CB  . GLN A 1 46  ? 7.043   7.370   2.381   1.000 16.287  ? 85  GLN AAA CB  1 ? 
ATOM   385  C  CG  . GLN A 1 46  ? 8.483   6.955   2.084   1.000 16.438  ? 85  GLN AAA CG  1 ? 
ATOM   386  C  CD  . GLN A 1 46  ? 9.027   5.836   2.939   1.000 17.018  ? 85  GLN AAA CD  1 ? 
ATOM   387  O  OE1 . GLN A 1 46  ? 8.922   5.891   4.171   1.000 21.075  ? 85  GLN AAA OE1 1 ? 
ATOM   388  N  NE2 . GLN A 1 46  ? 9.571   4.791   2.316   1.000 18.061  ? 85  GLN AAA NE2 1 ? 
ATOM   389  N  N   . PRO A 1 47  ? 5.509   7.162   -0.326  1.000 14.142  ? 86  PRO AAA N   1 ? 
ATOM   390  C  CA  . PRO A 1 47  ? 5.625   7.094   -1.788  1.000 13.992  ? 86  PRO AAA CA  1 ? 
ATOM   391  C  C   . PRO A 1 47  ? 7.072   7.003   -2.244  1.000 16.376  ? 86  PRO AAA C   1 ? 
ATOM   392  O  O   . PRO A 1 47  ? 7.976   7.556   -1.644  1.000 16.265  ? 86  PRO AAA O   1 ? 
ATOM   393  C  CB  . PRO A 1 47  ? 4.998   8.429   -2.255  1.000 16.399  ? 86  PRO AAA CB  1 ? 
ATOM   394  C  CG  . PRO A 1 47  ? 3.978   8.671   -1.154  1.000 17.930  ? 86  PRO AAA CG  1 ? 
ATOM   395  C  CD  . PRO A 1 47  ? 4.718   8.322   0.119   1.000 17.094  ? 86  PRO AAA CD  1 ? 
ATOM   396  N  N   . VAL A 1 48  ? 7.271   6.390   -3.396  1.000 15.782  ? 87  VAL AAA N   1 ? 
ATOM   397  C  CA  . VAL A 1 48  ? 8.582   6.340   -4.006  1.000 16.054  ? 87  VAL AAA CA  1 ? 
ATOM   398  C  C   . VAL A 1 48  ? 8.969   7.751   -4.430  1.000 15.680  ? 87  VAL AAA C   1 ? 
ATOM   399  O  O   . VAL A 1 48  ? 8.283   8.394   -5.228  1.000 16.000  ? 87  VAL AAA O   1 ? 
ATOM   400  C  CB  . VAL A 1 48  ? 8.558   5.381   -5.209  1.000 15.381  ? 87  VAL AAA CB  1 ? 
ATOM   401  C  CG1 . VAL A 1 48  ? 9.889   5.460   -5.959  1.000 15.838  ? 87  VAL AAA CG1 1 ? 
ATOM   402  C  CG2 . VAL A 1 48  ? 8.384   3.946   -4.716  1.000 16.830  ? 87  VAL AAA CG2 1 ? 
ATOM   403  N  N   . ASP A 1 49  ? 10.087  8.228   -3.875  1.000 15.889  ? 88  ASP AAA N   1 ? 
ATOM   404  C  CA  . ASP A 1 49  ? 10.664  9.493   -4.306  1.000 15.597  ? 88  ASP AAA CA  1 ? 
ATOM   405  C  C   . ASP A 1 49  ? 11.659  9.186   -5.420  1.000 15.528  ? 88  ASP AAA C   1 ? 
ATOM   406  O  O   . ASP A 1 49  ? 12.837  8.863   -5.199  1.000 15.353  ? 88  ASP AAA O   1 ? 
ATOM   407  C  CB  . ASP A 1 49  ? 11.329  10.198  -3.127  1.000 18.368  ? 88  ASP AAA CB  1 ? 
ATOM   408  C  CG  . ASP A 1 49  ? 11.916  11.544  -3.483  1.000 19.656  ? 88  ASP AAA CG  1 ? 
ATOM   409  O  OD1 . ASP A 1 49  ? 12.083  11.822  -4.684  1.000 17.283  ? 88  ASP AAA OD1 1 ? 
ATOM   410  O  OD2 . ASP A 1 49  ? 12.272  12.292  -2.533  1.000 25.467  ? 88  ASP AAA OD2 1 ? 
ATOM   411  N  N   . ALA A 1 50  ? 11.154  9.227   -6.663  1.000 15.086  ? 89  ALA AAA N   1 ? 
ATOM   412  C  CA  . ALA A 1 50  ? 11.932  8.888   -7.842  1.000 16.788  ? 89  ALA AAA CA  1 ? 
ATOM   413  C  C   . ALA A 1 50  ? 13.104  9.835   -8.065  1.000 17.140  ? 89  ALA AAA C   1 ? 
ATOM   414  O  O   . ALA A 1 50  ? 14.103  9.444   -8.657  1.000 17.744  ? 89  ALA AAA O   1 ? 
ATOM   415  C  CB  . ALA A 1 50  ? 11.009  8.771   -9.051  1.000 17.897  ? 89  ALA AAA CB  1 ? 
ATOM   416  N  N   . VAL A 1 51  ? 13.004  11.076  -7.581  1.000 16.679  ? 90  VAL AAA N   1 ? 
ATOM   417  C  CA  . VAL A 1 51  ? 14.095  12.030  -7.724  1.000 17.537  ? 90  VAL AAA CA  1 ? 
ATOM   418  C  C   . VAL A 1 51  ? 15.242  11.652  -6.784  1.000 15.878  ? 90  VAL AAA C   1 ? 
ATOM   419  O  O   . VAL A 1 51  ? 16.390  11.518  -7.246  1.000 17.978  ? 90  VAL AAA O   1 ? 
ATOM   420  C  CB  . VAL A 1 51  ? 13.578  13.453  -7.438  1.000 18.691  ? 90  VAL AAA CB  1 ? 
ATOM   421  C  CG1 . VAL A 1 51  ? 14.741  14.436  -7.503  1.000 20.839  ? 90  VAL AAA CG1 1 ? 
ATOM   422  C  CG2 . VAL A 1 51  ? 12.484  13.859  -8.414  1.000 20.295  ? 90  VAL AAA CG2 1 ? 
ATOM   423  N  N   . LYS A 1 52  ? 14.932  11.422  -5.514  1.000 16.659  ? 91  LYS AAA N   1 ? 
ATOM   424  C  CA  . LYS A 1 52  ? 15.982  11.034  -4.575  1.000 18.040  ? 91  LYS AAA CA  1 ? 
ATOM   425  C  C   . LYS A 1 52  ? 16.648  9.707   -4.949  1.000 17.680  ? 91  LYS AAA C   1 ? 
ATOM   426  O  O   . LYS A 1 52  ? 17.863  9.567   -4.777  1.000 18.414  ? 91  LYS AAA O   1 ? 
ATOM   427  C  CB  . LYS A 1 52  ? 15.473  10.908  -3.150  1.000 20.274  ? 91  LYS AAA CB  1 ? 
ATOM   428  C  CG  . LYS A 1 52  ? 16.633  10.929  -2.150  1.000 22.976  ? 91  LYS AAA CG  1 ? 
ATOM   429  C  CD  . LYS A 1 52  ? 16.198  11.228  -0.744  1.000 26.586  ? 91  LYS AAA CD  1 ? 
ATOM   430  C  CE  . LYS A 1 52  ? 17.378  11.435  0.200   1.000 27.035  ? 91  LYS AAA CE  1 ? 
ATOM   431  N  NZ  . LYS A 1 52  ? 16.903  11.523  1.607   1.000 27.807  ? 91  LYS AAA NZ  1 ? 
ATOM   432  N  N   . LEU A 1 53  ? 15.889  8.764   -5.520  1.000 15.779  ? 92  LEU AAA N   1 ? 
ATOM   433  C  CA  . LEU A 1 53  ? 16.455  7.460   -5.877  1.000 16.416  ? 92  LEU AAA CA  1 ? 
ATOM   434  C  C   . LEU A 1 53  ? 17.100  7.492   -7.262  1.000 17.294  ? 92  LEU AAA C   1 ? 
ATOM   435  O  O   . LEU A 1 53  ? 17.685  6.491   -7.685  1.000 18.516  ? 92  LEU AAA O   1 ? 
ATOM   436  C  CB  . LEU A 1 53  ? 15.359  6.392   -5.876  1.000 18.245  ? 92  LEU AAA CB  1 ? 
ATOM   437  C  CG  . LEU A 1 53  ? 14.804  6.073   -4.490  1.000 19.271  ? 92  LEU AAA CG  1 ? 
ATOM   438  C  CD1 . LEU A 1 53  ? 13.686  5.043   -4.590  1.000 22.616  ? 92  LEU AAA CD1 1 ? 
ATOM   439  C  CD2 . LEU A 1 53  ? 15.889  5.632   -3.508  1.000 24.210  ? 92  LEU AAA CD2 1 ? 
ATOM   440  N  N   . ASN A 1 54  ? 16.997  8.624   -7.951  1.000 17.202  ? 93  ASN AAA N   1 ? 
ATOM   441  C  CA  . ASN A 1 54  ? 17.522  8.762   -9.299  1.000 18.256  ? 93  ASN AAA CA  1 ? 
ATOM   442  C  C   . ASN A 1 54  ? 16.963  7.674   -10.222 1.000 17.473  ? 93  ASN AAA C   1 ? 
ATOM   443  O  O   . ASN A 1 54  ? 17.699  6.977   -10.920 1.000 19.833  ? 93  ASN AAA O   1 ? 
ATOM   444  C  CB  . ASN A 1 54  ? 19.055  8.724   -9.302  1.000 22.302  ? 93  ASN AAA CB  1 ? 
ATOM   445  C  CG  . ASN A 1 54  ? 19.639  9.172   -10.617 1.000 29.398  ? 93  ASN AAA CG  1 ? 
ATOM   446  O  OD1 . ASN A 1 54  ? 18.997  9.911   -11.373 1.000 31.200  ? 93  ASN AAA OD1 1 ? 
ATOM   447  N  ND2 . ASN A 1 54  ? 20.866  8.743   -10.870 1.000 32.064  ? 93  ASN AAA ND2 1 ? 
ATOM   448  N  N   . LEU A 1 55  ? 15.639  7.546   -10.228 1.000 15.918  ? 94  LEU AAA N   1 ? 
ATOM   449  C  CA  . LEU A 1 55  ? 14.900  6.601   -11.054 1.000 15.885  ? 94  LEU AAA CA  1 ? 
ATOM   450  C  C   . LEU A 1 55  ? 13.940  7.419   -11.908 1.000 15.650  ? 94  LEU AAA C   1 ? 
ATOM   451  O  O   . LEU A 1 55  ? 12.720  7.409   -11.691 1.000 15.829  ? 94  LEU AAA O   1 ? 
ATOM   452  C  CB  . LEU A 1 55  ? 14.080  5.636   -10.186 1.000 17.705  ? 94  LEU AAA CB  1 ? 
ATOM   453  C  CG  . LEU A 1 55  ? 14.910  4.759   -9.246  1.000 21.328  ? 94  LEU AAA CG  1 ? 
ATOM   454  C  CD1 . LEU A 1 55  ? 14.001  3.903   -8.372  1.000 22.415  ? 94  LEU AAA CD1 1 ? 
ATOM   455  C  CD2 . LEU A 1 55  ? 15.935  3.931   -9.984  1.000 21.200  ? 94  LEU AAA CD2 1 ? 
ATOM   456  N  N   . PRO A 1 56  ? 14.421  8.140   -12.925 1.000 14.954  ? 95  PRO AAA N   1 ? 
ATOM   457  C  CA  . PRO A 1 56  ? 13.514  9.029   -13.654 1.000 15.034  ? 95  PRO AAA CA  1 ? 
ATOM   458  C  C   . PRO A 1 56  ? 12.461  8.278   -14.458 1.000 14.281  ? 95  PRO AAA C   1 ? 
ATOM   459  O  O   . PRO A 1 56  ? 11.445  8.881   -14.819 1.000 15.999  ? 95  PRO AAA O   1 ? 
ATOM   460  C  CB  . PRO A 1 56  ? 14.462  9.763   -14.624 1.000 16.109  ? 95  PRO AAA CB  1 ? 
ATOM   461  C  CG  . PRO A 1 56  ? 15.624  8.852   -14.751 1.000 16.386  ? 95  PRO AAA CG  1 ? 
ATOM   462  C  CD  . PRO A 1 56  ? 15.833  8.246   -13.363 1.000 16.637  ? 95  PRO AAA CD  1 ? 
ATOM   463  N  N   . ASP A 1 57  ? 12.628  6.982   -14.686 1.000 13.778  ? 96  ASP AAA N   1 ? 
ATOM   464  C  CA  . ASP A 1 57  ? 11.599  6.219   -15.380 1.000 15.409  ? 96  ASP AAA CA  1 ? 
ATOM   465  C  C   . ASP A 1 57  ? 10.542  5.619   -14.445 1.000 14.404  ? 96  ASP AAA C   1 ? 
ATOM   466  O  O   . ASP A 1 57  ? 9.635   4.953   -14.942 1.000 14.825  ? 96  ASP AAA O   1 ? 
ATOM   467  C  CB  . ASP A 1 57  ? 12.194  5.125   -16.275 1.000 17.607  ? 96  ASP AAA CB  1 ? 
ATOM   468  C  CG  . ASP A 1 57  ? 12.815  3.963   -15.536 1.000 20.189  ? 96  ASP AAA CG  1 ? 
ATOM   469  O  OD1 . ASP A 1 57  ? 13.032  4.078   -14.311 1.000 18.105  ? 96  ASP AAA OD1 1 ? 
ATOM   470  O  OD2 . ASP A 1 57  ? 13.055  2.939   -16.205 1.000 24.115  ? 96  ASP AAA OD2 1 ? 
ATOM   471  N  N   . TYR A 1 58  ? 10.679  5.773   -13.125 1.000 13.045  ? 97  TYR AAA N   1 ? 
ATOM   472  C  CA  . TYR A 1 58  ? 9.761   5.057   -12.239 1.000 13.236  ? 97  TYR AAA CA  1 ? 
ATOM   473  C  C   . TYR A 1 58  ? 8.290   5.348   -12.514 1.000 12.420  ? 97  TYR AAA C   1 ? 
ATOM   474  O  O   . TYR A 1 58  ? 7.499   4.407   -12.683 1.000 12.622  ? 97  TYR AAA O   1 ? 
ATOM   475  C  CB  . TYR A 1 58  ? 10.055  5.372   -10.770 1.000 13.067  ? 97  TYR AAA CB  1 ? 
ATOM   476  C  CG  . TYR A 1 58  ? 9.213   4.521   -9.841  1.000 12.850  ? 97  TYR AAA CG  1 ? 
ATOM   477  C  CD1 . TYR A 1 58  ? 9.609   3.205   -9.567  1.000 13.625  ? 97  TYR AAA CD1 1 ? 
ATOM   478  C  CD2 . TYR A 1 58  ? 7.997   4.985   -9.342  1.000 13.254  ? 97  TYR AAA CD2 1 ? 
ATOM   479  C  CE1 . TYR A 1 58  ? 8.805   2.413   -8.760  1.000 13.766  ? 97  TYR AAA CE1 1 ? 
ATOM   480  C  CE2 . TYR A 1 58  ? 7.192   4.188   -8.537  1.000 14.221  ? 97  TYR AAA CE2 1 ? 
ATOM   481  C  CZ  . TYR A 1 58  ? 7.608   2.897   -8.271  1.000 14.156  ? 97  TYR AAA CZ  1 ? 
ATOM   482  O  OH  . TYR A 1 58  ? 6.800   2.086   -7.499  1.000 16.678  ? 97  TYR AAA OH  1 ? 
ATOM   483  N  N   . TYR A 1 59  ? 7.934   6.646   -12.663 1.000 12.803  ? 98  TYR AAA N   1 ? 
ATOM   484  C  CA  . TYR A 1 59  ? 6.531   7.003   -12.883 1.000 12.619  ? 98  TYR AAA CA  1 ? 
ATOM   485  C  C   . TYR A 1 59  ? 6.192   6.995   -14.372 1.000 14.683  ? 98  TYR AAA C   1 ? 
ATOM   486  O  O   . TYR A 1 59  ? 5.068   7.328   -14.720 1.000 16.763  ? 98  TYR AAA O   1 ? 
ATOM   487  C  CB  . TYR A 1 59  ? 6.212   8.305   -12.152 1.000 13.156  ? 98  TYR AAA CB  1 ? 
ATOM   488  C  CG  . TYR A 1 59  ? 6.247   8.134   -10.649 1.000 11.967  ? 98  TYR AAA CG  1 ? 
ATOM   489  C  CD1 . TYR A 1 59  ? 5.245   7.419   -10.013 1.000 12.993  ? 98  TYR AAA CD1 1 ? 
ATOM   490  C  CD2 . TYR A 1 59  ? 7.194   8.741   -9.841  1.000 12.623  ? 98  TYR AAA CD2 1 ? 
ATOM   491  C  CE1 . TYR A 1 59  ? 5.256   7.250   -8.646  1.000 13.000  ? 98  TYR AAA CE1 1 ? 
ATOM   492  C  CE2 . TYR A 1 59  ? 7.212   8.587   -8.462  1.000 13.765  ? 98  TYR AAA CE2 1 ? 
ATOM   493  C  CZ  . TYR A 1 59  ? 6.194   7.872   -7.853  1.000 13.070  ? 98  TYR AAA CZ  1 ? 
ATOM   494  O  OH  . TYR A 1 59  ? 6.094   7.632   -6.494  1.000 14.902  ? 98  TYR AAA OH  1 ? 
ATOM   495  N  N   . LYS A 1 60  ? 7.148   6.648   -15.212 1.000 13.748  ? 99  LYS AAA N   1 ? 
ATOM   496  C  CA  . LYS A 1 60  ? 6.810   6.276   -16.577 1.000 15.065  ? 99  LYS AAA CA  1 ? 
ATOM   497  C  C   . LYS A 1 60  ? 6.280   4.842   -16.622 1.000 15.805  ? 99  LYS AAA C   1 ? 
ATOM   498  O  O   . LYS A 1 60  ? 5.394   4.526   -17.430 1.000 18.137  ? 99  LYS AAA O   1 ? 
ATOM   499  C  CB  . LYS A 1 60  ? 8.070   6.388   -17.446 1.000 17.074  ? 99  LYS AAA CB  1 ? 
ATOM   500  C  CG  . LYS A 1 60  ? 7.893   6.019   -18.922 1.000 21.748  ? 99  LYS AAA CG  1 ? 
ATOM   501  C  CD  . LYS A 1 60  ? 9.083   6.413   -19.789 1.000 25.845  ? 99  LYS AAA CD  1 ? 
ATOM   502  C  CE  . LYS A 1 60  ? 8.941   5.982   -21.242 1.000 29.523  ? 99  LYS AAA CE  1 ? 
ATOM   503  N  NZ  . LYS A 1 60  ? 10.161  6.315   -22.039 1.000 33.557  ? 99  LYS AAA NZ  1 ? 
ATOM   504  N  N   A ILE A 1 61  ? 6.846   3.968   -15.777 0.500 14.299  ? 100 ILE AAA N   1 ? 
ATOM   505  N  N   B ILE A 1 61  ? 6.785   3.968   -15.745 0.500 14.163  ? 100 ILE AAA N   1 ? 
ATOM   506  C  CA  A ILE A 1 61  ? 6.492   2.554   -15.713 0.500 14.457  ? 100 ILE AAA CA  1 ? 
ATOM   507  C  CA  B ILE A 1 61  ? 6.390   2.568   -15.796 0.500 14.116  ? 100 ILE AAA CA  1 ? 
ATOM   508  C  C   A ILE A 1 61  ? 5.244   2.381   -14.837 0.500 13.635  ? 100 ILE AAA C   1 ? 
ATOM   509  C  C   B ILE A 1 61  ? 5.309   2.239   -14.766 0.500 13.675  ? 100 ILE AAA C   1 ? 
ATOM   510  O  O   A ILE A 1 61  ? 4.261   1.751   -15.248 0.500 13.747  ? 100 ILE AAA O   1 ? 
ATOM   511  O  O   B ILE A 1 61  ? 4.565   1.286   -14.983 0.500 13.646  ? 100 ILE AAA O   1 ? 
ATOM   512  C  CB  A ILE A 1 61  ? 7.719   1.743   -15.207 0.500 14.400  ? 100 ILE AAA CB  1 ? 
ATOM   513  C  CB  B ILE A 1 61  ? 7.613   1.644   -15.616 0.500 13.667  ? 100 ILE AAA CB  1 ? 
ATOM   514  C  CG1 A ILE A 1 61  ? 8.923   1.897   -16.136 0.500 15.469  ? 100 ILE AAA CG1 1 ? 
ATOM   515  C  CG1 B ILE A 1 61  ? 8.678   1.873   -16.691 0.500 14.915  ? 100 ILE AAA CG1 1 ? 
ATOM   516  C  CG2 A ILE A 1 61  ? 7.414   0.272   -14.968 0.500 14.611  ? 100 ILE AAA CG2 1 ? 
ATOM   517  C  CG2 B ILE A 1 61  ? 7.196   0.189   -15.567 0.500 14.182  ? 100 ILE AAA CG2 1 ? 
ATOM   518  C  CD1 A ILE A 1 61  ? 8.591   1.587   -17.554 0.500 16.056  ? 100 ILE AAA CD1 1 ? 
ATOM   519  C  CD1 B ILE A 1 61  ? 10.052  1.405   -16.276 0.500 16.885  ? 100 ILE AAA CD1 1 ? 
ATOM   520  N  N   . ILE A 1 62  ? 5.327   2.944   -13.630 1.000 12.720  ? 101 ILE AAA N   1 ? 
ATOM   521  C  CA  . ILE A 1 62  ? 4.315   2.720   -12.596 1.000 12.452  ? 101 ILE AAA CA  1 ? 
ATOM   522  C  C   . ILE A 1 62  ? 3.299   3.867   -12.637 1.000 12.072  ? 101 ILE AAA C   1 ? 
ATOM   523  O  O   . ILE A 1 62  ? 3.600   5.005   -12.234 1.000 14.003  ? 101 ILE AAA O   1 ? 
ATOM   524  C  CB  . ILE A 1 62  ? 4.968   2.606   -11.204 1.000 12.473  ? 101 ILE AAA CB  1 ? 
ATOM   525  C  CG1 . ILE A 1 62  ? 5.921   1.393   -11.173 1.000 13.862  ? 101 ILE AAA CG1 1 ? 
ATOM   526  C  CG2 . ILE A 1 62  ? 3.895   2.522   -10.107 1.000 13.121  ? 101 ILE AAA CG2 1 ? 
ATOM   527  C  CD1 . ILE A 1 62  ? 5.301   0.047   -11.588 1.000 14.406  ? 101 ILE AAA CD1 1 ? 
ATOM   528  N  N   . LYS A 1 63  ? 2.125   3.530   -13.192 1.000 12.501  ? 102 LYS AAA N   1 ? 
ATOM   529  C  CA  . LYS A 1 63  ? 1.091   4.543   -13.331 1.000 13.006  ? 102 LYS AAA CA  1 ? 
ATOM   530  C  C   . LYS A 1 63  ? 0.009   4.401   -12.282 1.000 15.074  ? 102 LYS AAA C   1 ? 
ATOM   531  O  O   . LYS A 1 63  ? -0.896  5.246   -12.230 1.000 17.178  ? 102 LYS AAA O   1 ? 
ATOM   532  C  CB  . LYS A 1 63  ? 0.392   4.413   -14.685 1.000 14.868  ? 102 LYS AAA CB  1 ? 
ATOM   533  C  CG  . LYS A 1 63  ? 1.316   4.661   -15.874 1.000 17.055  ? 102 LYS AAA CG  1 ? 
ATOM   534  C  CD  . LYS A 1 63  ? 1.968   6.028   -15.799 1.000 17.551  ? 102 LYS AAA CD  1 ? 
ATOM   535  C  CE  . LYS A 1 63  ? 2.631   6.502   -17.071 1.000 19.637  ? 102 LYS AAA CE  1 ? 
ATOM   536  N  NZ  . LYS A 1 63  ? 3.342   7.774   -16.811 1.000 18.039  ? 102 LYS AAA NZ  1 ? 
ATOM   537  N  N   . THR A 1 64  ? 0.109   3.412   -11.385 1.000 13.582  ? 103 THR AAA N   1 ? 
ATOM   538  C  CA  . THR A 1 64  ? -0.859  3.281   -10.301 1.000 15.648  ? 103 THR AAA CA  1 ? 
ATOM   539  C  C   . THR A 1 64  ? -0.063  3.157   -9.015  1.000 14.463  ? 103 THR AAA C   1 ? 
ATOM   540  O  O   . THR A 1 64  ? -0.085  2.133   -8.335  1.000 14.371  ? 103 THR AAA O   1 ? 
ATOM   541  C  CB  . THR A 1 64  ? -1.804  2.091   -10.509 1.000 20.044  ? 103 THR AAA CB  1 ? 
ATOM   542  O  OG1 . THR A 1 64  ? -0.933  0.954   -10.481 1.000 29.975  ? 103 THR AAA OG1 1 ? 
ATOM   543  C  CG2 . THR A 1 64  ? -2.491  2.195   -11.853 1.000 21.597  ? 103 THR AAA CG2 1 ? 
ATOM   544  N  N   . PRO A 1 65  ? 0.677   4.188   -8.586  1.000 13.754  ? 104 PRO AAA N   1 ? 
ATOM   545  C  CA  . PRO A 1 65  ? 1.484   4.084   -7.371  1.000 13.957  ? 104 PRO AAA CA  1 ? 
ATOM   546  C  C   . PRO A 1 65  ? 0.618   3.882   -6.144  1.000 12.688  ? 104 PRO AAA C   1 ? 
ATOM   547  O  O   . PRO A 1 65  ? -0.494  4.370   -6.036  1.000 14.304  ? 104 PRO AAA O   1 ? 
ATOM   548  C  CB  . PRO A 1 65  ? 2.308   5.375   -7.294  1.000 15.139  ? 104 PRO AAA CB  1 ? 
ATOM   549  C  CG  . PRO A 1 65  ? 1.594   6.318   -8.278  1.000 15.076  ? 104 PRO AAA CG  1 ? 
ATOM   550  C  CD  . PRO A 1 65  ? 0.794   5.507   -9.264  1.000 13.614  ? 104 PRO AAA CD  1 ? 
ATOM   551  N  N   . MET A 1 66  ? 1.150   3.150   -5.166  1.000 13.064  ? 105 MET AAA N   1 ? 
ATOM   552  C  CA  . MET A 1 66  ? 0.496   3.010   -3.881  1.000 12.929  ? 105 MET AAA CA  1 ? 
ATOM   553  C  C   . MET A 1 66  ? 1.574   2.636   -2.892  1.000 13.843  ? 105 MET AAA C   1 ? 
ATOM   554  O  O   . MET A 1 66  ? 2.529   1.917   -3.228  1.000 15.785  ? 105 MET AAA O   1 ? 
ATOM   555  C  CB  . MET A 1 66  ? -0.542  1.880   -3.937  1.000 11.853  ? 105 MET AAA CB  1 ? 
ATOM   556  C  CG  . MET A 1 66  ? -1.316  1.764   -2.637  1.000 13.321  ? 105 MET AAA CG  1 ? 
ATOM   557  S  SD  . MET A 1 66  ? -2.130  3.236   -2.020  1.000 13.527  ? 105 MET AAA SD  1 ? 
ATOM   558  C  CE  . MET A 1 66  ? -3.028  3.857   -3.452  1.000 14.521  ? 105 MET AAA CE  1 ? 
ATOM   559  N  N   . ASP A 1 67  ? 1.396   3.041   -1.648  1.000 13.681  ? 106 ASP AAA N   1 ? 
ATOM   560  C  CA  . ASP A 1 67  ? 2.363   2.805   -0.589  1.000 13.662  ? 106 ASP AAA CA  1 ? 
ATOM   561  C  C   . ASP A 1 67  ? 1.605   2.587   0.696   1.000 12.777  ? 106 ASP AAA C   1 ? 
ATOM   562  O  O   . ASP A 1 67  ? 0.437   2.969   0.809   1.000 11.339  ? 106 ASP AAA O   1 ? 
ATOM   563  C  CB  . ASP A 1 67  ? 3.371   3.945   -0.468  1.000 15.423  ? 106 ASP AAA CB  1 ? 
ATOM   564  C  CG  . ASP A 1 67  ? 2.684   5.210   -0.046  1.000 17.543  ? 106 ASP AAA CG  1 ? 
ATOM   565  O  OD1 . ASP A 1 67  ? 2.024   5.860   -0.902  1.000 17.085  ? 106 ASP AAA OD1 1 ? 
ATOM   566  O  OD2 . ASP A 1 67  ? 2.704   5.506   1.165   1.000 16.164  ? 106 ASP AAA OD2 1 ? 
ATOM   567  N  N   . MET A 1 68  ? 2.253   2.010   1.723   1.000 13.209  ? 107 MET AAA N   1 ? 
ATOM   568  C  CA  . MET A 1 68  ? 1.574   1.741   2.977   1.000 13.533  ? 107 MET AAA CA  1 ? 
ATOM   569  C  C   . MET A 1 68  ? 1.353   2.986   3.827   1.000 14.049  ? 107 MET AAA C   1 ? 
ATOM   570  O  O   . MET A 1 68  ? 0.445   3.015   4.656   1.000 14.466  ? 107 MET AAA O   1 ? 
ATOM   571  C  CB  . MET A 1 68  ? 2.374   0.775   3.869   1.000 16.874  ? 107 MET AAA CB  1 ? 
ATOM   572  C  CG  . MET A 1 68  ? 2.377   -0.629  3.416   1.000 19.352  ? 107 MET AAA CG  1 ? 
ATOM   573  S  SD  . MET A 1 68  ? 2.595   -1.772  4.821   1.000 21.448  ? 107 MET AAA SD  1 ? 
ATOM   574  C  CE  . MET A 1 68  ? 4.244   -1.311  5.314   1.000 19.533  ? 107 MET AAA CE  1 ? 
ATOM   575  N  N   . GLY A 1 69  ? 2.096   4.069   3.580   1.000 13.461  ? 108 GLY AAA N   1 ? 
ATOM   576  C  CA  . GLY A 1 69  ? 1.756   5.323   4.221   1.000 14.791  ? 108 GLY AAA CA  1 ? 
ATOM   577  C  C   . GLY A 1 69  ? 0.399   5.856   3.782   1.000 13.310  ? 108 GLY AAA C   1 ? 
ATOM   578  O  O   . GLY A 1 69  ? -0.420  6.326   4.590   1.000 14.686  ? 108 GLY AAA O   1 ? 
ATOM   579  N  N   . THR A 1 70  ? 0.142   5.744   2.461   1.000 12.450  ? 109 THR AAA N   1 ? 
ATOM   580  C  CA  . THR A 1 70  ? -1.142  6.137   1.916   1.000 13.143  ? 109 THR AAA CA  1 ? 
ATOM   581  C  C   . THR A 1 70  ? -2.247  5.273   2.516   1.000 10.816  ? 109 THR AAA C   1 ? 
ATOM   582  O  O   . THR A 1 70  ? -3.334  5.745   2.871   1.000 11.573  ? 109 THR AAA O   1 ? 
ATOM   583  C  CB  . THR A 1 70  ? -1.117  6.077   0.386   1.000 13.286  ? 109 THR AAA CB  1 ? 
ATOM   584  O  OG1 . THR A 1 70  ? -0.153  7.037   -0.069  1.000 14.938  ? 109 THR AAA OG1 1 ? 
ATOM   585  C  CG2 . THR A 1 70  ? -2.486  6.402   -0.210  1.000 14.086  ? 109 THR AAA CG2 1 ? 
ATOM   586  N  N   . ILE A 1 71  ? -2.003  3.952   2.546   1.000 10.540  ? 110 ILE AAA N   1 ? 
ATOM   587  C  CA  . ILE A 1 71  ? -3.015  3.034   3.042   1.000 11.709  ? 110 ILE AAA CA  1 ? 
ATOM   588  C  C   . ILE A 1 71  ? -3.299  3.303   4.522   1.000 11.618  ? 110 ILE AAA C   1 ? 
ATOM   589  O  O   . ILE A 1 71  ? -4.461  3.339   4.944   1.000 12.285  ? 110 ILE AAA O   1 ? 
ATOM   590  C  CB  . ILE A 1 71  ? -2.560  1.589   2.831   1.000 11.786  ? 110 ILE AAA CB  1 ? 
ATOM   591  C  CG1 . ILE A 1 71  ? -2.483  1.271   1.331   1.000 12.377  ? 110 ILE AAA CG1 1 ? 
ATOM   592  C  CG2 . ILE A 1 71  ? -3.540  0.644   3.565   1.000 13.894  ? 110 ILE AAA CG2 1 ? 
ATOM   593  C  CD1 . ILE A 1 71  ? -1.787  -0.083  1.061   1.000 12.746  ? 110 ILE AAA CD1 1 ? 
ATOM   594  N  N   . LYS A 1 72  ? -2.267  3.608   5.324   1.000 12.388  ? 111 LYS AAA N   1 ? 
ATOM   595  C  CA  . LYS A 1 72  ? -2.456  3.902   6.736   1.000 13.879  ? 111 LYS AAA CA  1 ? 
ATOM   596  C  C   . LYS A 1 72  ? -3.305  5.174   6.887   1.000 13.958  ? 111 LYS AAA C   1 ? 
ATOM   597  O  O   . LYS A 1 72  ? -4.267  5.175   7.682   1.000 15.124  ? 111 LYS AAA O   1 ? 
ATOM   598  C  CB  . LYS A 1 72  ? -1.068  4.136   7.365   1.000 15.324  ? 111 LYS AAA CB  1 ? 
ATOM   599  C  CG  . LYS A 1 72  ? -1.091  4.498   8.840   1.000 18.227  ? 111 LYS AAA CG  1 ? 
ATOM   600  C  CD  . LYS A 1 72  ? 0.372   4.495   9.329   1.000 19.905  ? 111 LYS AAA CD  1 ? 
ATOM   601  C  CE  . LYS A 1 72  ? 0.508   4.604   10.832  1.000 25.210  ? 111 LYS AAA CE  1 ? 
ATOM   602  N  NZ  . LYS A 1 72  ? 0.048   5.958   11.205  1.000 28.530  ? 111 LYS AAA NZ  1 ? 
ATOM   603  N  N   . LYS A 1 73  ? -3.015  6.224   6.096   1.000 12.715  ? 112 LYS AAA N   1 ? 
ATOM   604  C  CA  . LYS A 1 73  ? -3.805  7.448   6.187   1.000 15.239  ? 112 LYS AAA CA  1 ? 
ATOM   605  C  C   . LYS A 1 73  ? -5.237  7.178   5.739   1.000 15.153  ? 112 LYS AAA C   1 ? 
ATOM   606  O  O   . LYS A 1 73  ? -6.187  7.715   6.307   1.000 16.012  ? 112 LYS AAA O   1 ? 
ATOM   607  C  CB  . LYS A 1 73  ? -3.175  8.539   5.324   1.000 17.309  ? 112 LYS AAA CB  1 ? 
ATOM   608  C  CG  . LYS A 1 73  ? -1.873  9.126   5.835   1.000 24.291  ? 112 LYS AAA CG  1 ? 
ATOM   609  C  CD  . LYS A 1 73  ? -1.445  10.358  5.041   1.000 32.128  ? 112 LYS AAA CD  1 ? 
ATOM   610  C  CE  . LYS A 1 73  ? 0.036   10.668  5.092   1.000 41.185  ? 112 LYS AAA CE  1 ? 
ATOM   611  N  NZ  . LYS A 1 73  ? 0.769   10.182  3.896   1.000 45.656  ? 112 LYS AAA NZ  1 ? 
ATOM   612  N  N   . ARG A 1 74  ? -5.418  6.376   4.677   1.000 12.392  ? 113 ARG AAA N   1 ? 
ATOM   613  C  CA  . ARG A 1 74  ? -6.761  6.063   4.233   1.000 12.614  ? 113 ARG AAA CA  1 ? 
ATOM   614  C  C   . ARG A 1 74  ? -7.535  5.362   5.343   1.000 12.809  ? 113 ARG AAA C   1 ? 
ATOM   615  O  O   . ARG A 1 74  ? -8.710  5.667   5.588   1.000 13.770  ? 113 ARG AAA O   1 ? 
ATOM   616  C  CB  . ARG A 1 74  ? -6.822  5.264   2.929   1.000 11.678  ? 113 ARG AAA CB  1 ? 
ATOM   617  C  CG  . ARG A 1 74  ? -6.404  6.088   1.726   1.000 12.103  ? 113 ARG AAA CG  1 ? 
ATOM   618  C  CD  . ARG A 1 74  ? -6.378  5.244   0.456   1.000 11.589  ? 113 ARG AAA CD  1 ? 
ATOM   619  N  NE  . ARG A 1 74  ? -6.217  6.113   -0.693  1.000 11.356  ? 113 ARG AAA NE  1 ? 
ATOM   620  C  CZ  . ARG A 1 74  ? -6.369  5.757   -1.940  1.000 12.328  ? 113 ARG AAA CZ  1 ? 
ATOM   621  N  NH1 . ARG A 1 74  ? -6.542  4.494   -2.263  1.000 13.671  ? 113 ARG AAA NH1 1 ? 
ATOM   622  N  NH2 . ARG A 1 74  ? -6.311  6.688   -2.884  1.000 15.103  ? 113 ARG AAA NH2 1 ? 
ATOM   623  N  N   . LEU A 1 75  ? -6.917  4.379   6.015   1.000 13.091  ? 114 LEU AAA N   1 ? 
ATOM   624  C  CA  . LEU A 1 75  ? -7.621  3.681   7.090   1.000 13.980  ? 114 LEU AAA CA  1 ? 
ATOM   625  C  C   . LEU A 1 75  ? -7.905  4.625   8.266   1.000 14.407  ? 114 LEU AAA C   1 ? 
ATOM   626  O  O   . LEU A 1 75  ? -9.025  4.625   8.792   1.000 16.013  ? 114 LEU AAA O   1 ? 
ATOM   627  C  CB  . LEU A 1 75  ? -6.776  2.472   7.535   1.000 14.085  ? 114 LEU AAA CB  1 ? 
ATOM   628  C  CG  . LEU A 1 75  ? -6.773  1.291   6.566   1.000 13.616  ? 114 LEU AAA CG  1 ? 
ATOM   629  C  CD1 . LEU A 1 75  ? -5.657  0.298   6.894   1.000 14.047  ? 114 LEU AAA CD1 1 ? 
ATOM   630  C  CD2 . LEU A 1 75  ? -8.147  0.606   6.574   1.000 14.414  ? 114 LEU AAA CD2 1 ? 
ATOM   631  N  N   . GLU A 1 76  ? -6.938  5.452   8.635   1.000 15.440  ? 115 GLU AAA N   1 ? 
ATOM   632  C  CA  . GLU A 1 76  ? -7.112  6.333   9.787   1.000 18.322  ? 115 GLU AAA CA  1 ? 
ATOM   633  C  C   . GLU A 1 76  ? -8.175  7.379   9.487   1.000 19.636  ? 115 GLU AAA C   1 ? 
ATOM   634  O  O   . GLU A 1 76  ? -8.939  7.785   10.384  1.000 22.993  ? 115 GLU AAA O   1 ? 
ATOM   635  C  CB  . GLU A 1 76  ? -5.788  7.015   10.116  1.000 19.866  ? 115 GLU AAA CB  1 ? 
ATOM   636  C  CG  . GLU A 1 76  ? -4.814  6.026   10.704  1.000 22.473  ? 115 GLU AAA CG  1 ? 
ATOM   637  C  CD  . GLU A 1 76  ? -3.422  6.589   10.948  1.000 27.184  ? 115 GLU AAA CD  1 ? 
ATOM   638  O  OE1 . GLU A 1 76  ? -3.085  7.654   10.362  1.000 34.500  ? 115 GLU AAA OE1 1 ? 
ATOM   639  O  OE2 . GLU A 1 76  ? -2.664  5.900   11.651  1.000 32.842  ? 115 GLU AAA OE2 1 ? 
ATOM   640  N  N   . ASN A 1 77  ? -8.304  7.757   8.212   1.000 17.350  ? 116 ASN AAA N   1 ? 
ATOM   641  C  CA  . ASN A 1 77  ? -9.245  8.796   7.809   1.000 19.147  ? 116 ASN AAA CA  1 ? 
ATOM   642  C  C   . ASN A 1 77  ? -10.594 8.216   7.417   1.000 18.244  ? 116 ASN AAA C   1 ? 
ATOM   643  O  O   . ASN A 1 77  ? -11.456 8.943   6.906   1.000 21.819  ? 116 ASN AAA O   1 ? 
ATOM   644  C  CB  . ASN A 1 77  ? -8.776  9.492   6.521   1.000 20.918  ? 116 ASN AAA CB  1 ? 
ATOM   645  C  CG  . ASN A 1 77  ? -7.745  10.558  6.775   1.000 27.242  ? 116 ASN AAA CG  1 ? 
ATOM   646  O  OD1 . ASN A 1 77  ? -7.341  10.772  7.919   1.000 29.703  ? 116 ASN AAA OD1 1 ? 
ATOM   647  N  ND2 . ASN A 1 77  ? -7.255  11.179  5.702   1.000 28.380  ? 116 ASN AAA ND2 1 ? 
ATOM   648  N  N   . ASN A 1 78  ? -10.757 6.900   7.561   1.000 16.574  ? 117 ASN AAA N   1 ? 
ATOM   649  C  CA  . ASN A 1 78  ? -11.990 6.232   7.185   1.000 16.738  ? 117 ASN AAA CA  1 ? 
ATOM   650  C  C   . ASN A 1 78  ? -12.385 6.485   5.737   1.000 18.640  ? 117 ASN AAA C   1 ? 
ATOM   651  O  O   . ASN A 1 78  ? -13.562 6.654   5.437   1.000 22.634  ? 117 ASN AAA O   1 ? 
ATOM   652  C  CB  . ASN A 1 78  ? -13.172 6.595   8.098   1.000 20.763  ? 117 ASN AAA CB  1 ? 
ATOM   653  C  CG  . ASN A 1 78  ? -12.885 6.219   9.536   1.000 26.570  ? 117 ASN AAA CG  1 ? 
ATOM   654  O  OD1 . ASN A 1 78  ? -12.587 5.068   9.827   1.000 30.037  ? 117 ASN AAA OD1 1 ? 
ATOM   655  N  ND2 . ASN A 1 78  ? -12.912 7.198   10.422  1.000 33.749  ? 117 ASN AAA ND2 1 ? 
ATOM   656  N  N   . TYR A 1 79  ? -11.403 6.427   4.844   1.000 13.156  ? 118 TYR AAA N   1 ? 
ATOM   657  C  CA  . TYR A 1 79  ? -11.584 6.776   3.449   1.000 13.189  ? 118 TYR AAA CA  1 ? 
ATOM   658  C  C   . TYR A 1 79  ? -12.397 5.725   2.697   1.000 13.094  ? 118 TYR AAA C   1 ? 
ATOM   659  O  O   . TYR A 1 79  ? -12.945 6.014   1.649   1.000 13.062  ? 118 TYR AAA O   1 ? 
ATOM   660  C  CB  . TYR A 1 79  ? -10.194 6.944   2.836   1.000 13.500  ? 118 TYR AAA CB  1 ? 
ATOM   661  C  CG  . TYR A 1 79  ? -10.149 7.260   1.359   1.000 12.444  ? 118 TYR AAA CG  1 ? 
ATOM   662  C  CD1 . TYR A 1 79  ? -10.359 8.555   0.882   1.000 13.082  ? 118 TYR AAA CD1 1 ? 
ATOM   663  C  CD2 . TYR A 1 79  ? -9.916  6.259   0.440   1.000 14.865  ? 118 TYR AAA CD2 1 ? 
ATOM   664  C  CE1 . TYR A 1 79  ? -10.299 8.852   -0.474  1.000 14.444  ? 118 TYR AAA CE1 1 ? 
ATOM   665  C  CE2 . TYR A 1 79  ? -9.813  6.539   -0.912  1.000 15.096  ? 118 TYR AAA CE2 1 ? 
ATOM   666  C  CZ  . TYR A 1 79  ? -10.045 7.819   -1.358  1.000 14.534  ? 118 TYR AAA CZ  1 ? 
ATOM   667  O  OH  . TYR A 1 79  ? -9.983  8.096   -2.701  1.000 18.356  ? 118 TYR AAA OH  1 ? 
ATOM   668  N  N   . TYR A 1 80  ? -12.267 4.454   3.108   1.000 12.586  ? 119 TYR AAA N   1 ? 
ATOM   669  C  CA  . TYR A 1 80  ? -12.826 3.358   2.336   1.000 11.572  ? 119 TYR AAA CA  1 ? 
ATOM   670  C  C   . TYR A 1 80  ? -14.311 3.099   2.654   1.000 12.969  ? 119 TYR AAA C   1 ? 
ATOM   671  O  O   . TYR A 1 80  ? -14.783 3.419   3.747   1.000 15.094  ? 119 TYR AAA O   1 ? 
ATOM   672  C  CB  . TYR A 1 80  ? -12.074 2.069   2.680   1.000 11.957  ? 119 TYR AAA CB  1 ? 
ATOM   673  C  CG  . TYR A 1 80  ? -10.591 2.078   2.331   1.000 11.514  ? 119 TYR AAA CG  1 ? 
ATOM   674  C  CD1 . TYR A 1 80  ? -10.141 2.176   1.033   1.000 11.118  ? 119 TYR AAA CD1 1 ? 
ATOM   675  C  CD2 . TYR A 1 80  ? -9.629  2.041   3.361   1.000 12.735  ? 119 TYR AAA CD2 1 ? 
ATOM   676  C  CE1 . TYR A 1 80  ? -8.775  2.110   0.689   1.000 11.601  ? 119 TYR AAA CE1 1 ? 
ATOM   677  C  CE2 . TYR A 1 80  ? -8.267  1.986   3.060   1.000 12.829  ? 119 TYR AAA CE2 1 ? 
ATOM   678  C  CZ  . TYR A 1 80  ? -7.874  2.058   1.740   1.000 11.473  ? 119 TYR AAA CZ  1 ? 
ATOM   679  O  OH  . TYR A 1 80  ? -6.545  1.923   1.429   1.000 13.431  ? 119 TYR AAA OH  1 ? 
ATOM   680  N  N   . TRP A 1 81  ? -14.971 2.470   1.673   1.000 11.650  ? 120 TRP AAA N   1 ? 
ATOM   681  C  CA  . TRP A 1 81  ? -16.334 1.960   1.912   1.000 12.342  ? 120 TRP AAA CA  1 ? 
ATOM   682  C  C   . TRP A 1 81  ? -16.241 0.491   2.287   1.000 14.120  ? 120 TRP AAA C   1 ? 
ATOM   683  O  O   . TRP A 1 81  ? -17.003 0.001   3.119   1.000 14.618  ? 120 TRP AAA O   1 ? 
ATOM   684  C  CB  . TRP A 1 81  ? -17.181 2.086   0.652   1.000 13.509  ? 120 TRP AAA CB  1 ? 
ATOM   685  C  CG  . TRP A 1 81  ? -18.606 1.635   0.856   1.000 12.709  ? 120 TRP AAA CG  1 ? 
ATOM   686  C  CD1 . TRP A 1 81  ? -19.154 0.433   0.472   1.000 14.355  ? 120 TRP AAA CD1 1 ? 
ATOM   687  C  CD2 . TRP A 1 81  ? -19.666 2.395   1.454   1.000 12.020  ? 120 TRP AAA CD2 1 ? 
ATOM   688  N  NE1 . TRP A 1 81  ? -20.469 0.421   0.851   1.000 13.932  ? 120 TRP AAA NE1 1 ? 
ATOM   689  C  CE2 . TRP A 1 81  ? -20.837 1.601   1.421   1.000 12.879  ? 120 TRP AAA CE2 1 ? 
ATOM   690  C  CE3 . TRP A 1 81  ? -19.770 3.672   2.013   1.000 11.828  ? 120 TRP AAA CE3 1 ? 
ATOM   691  C  CZ2 . TRP A 1 81  ? -22.056 2.049   1.958   1.000 12.141  ? 120 TRP AAA CZ2 1 ? 
ATOM   692  C  CZ3 . TRP A 1 81  ? -20.980 4.118   2.516   1.000 12.850  ? 120 TRP AAA CZ3 1 ? 
ATOM   693  C  CH2 . TRP A 1 81  ? -22.134 3.308   2.503   1.000 12.397  ? 120 TRP AAA CH2 1 ? 
ATOM   694  N  N   . ASN A 1 82  ? -15.269 -0.258  1.763   1.000 15.252  ? 121 ASN AAA N   1 ? 
ATOM   695  C  CA  . ASN A 1 82  ? -15.215 -1.646  2.156   1.000 14.681  ? 121 ASN AAA CA  1 ? 
ATOM   696  C  C   . ASN A 1 82  ? -13.783 -2.145  2.123   1.000 15.003  ? 121 ASN AAA C   1 ? 
ATOM   697  O  O   . ASN A 1 82  ? -12.819 -1.463  1.730   1.000 15.924  ? 121 ASN AAA O   1 ? 
ATOM   698  C  CB  . ASN A 1 82  ? -16.096 -2.479  1.240   1.000 14.809  ? 121 ASN AAA CB  1 ? 
ATOM   699  C  CG  . ASN A 1 82  ? -15.683 -2.468  -0.203  1.000 15.474  ? 121 ASN AAA CG  1 ? 
ATOM   700  O  OD1 . ASN A 1 82  ? -14.490 -2.415  -0.527  1.000 17.843  ? 121 ASN AAA OD1 1 ? 
ATOM   701  N  ND2 . ASN A 1 82  ? -16.606 -2.619  -1.130  1.000 17.955  ? 121 ASN AAA ND2 1 ? 
ATOM   702  N  N   . ALA A 1 83  ? -13.643 -3.366  2.616   1.000 14.073  ? 122 ALA AAA N   1 ? 
ATOM   703  C  CA  . ALA A 1 83  ? -12.347 -3.985  2.799   1.000 14.158  ? 122 ALA AAA CA  1 ? 
ATOM   704  C  C   . ALA A 1 83  ? -11.684 -4.246  1.469   1.000 12.997  ? 122 ALA AAA C   1 ? 
ATOM   705  O  O   . ALA A 1 83  ? -10.451 -4.190  1.401   1.000 12.757  ? 122 ALA AAA O   1 ? 
ATOM   706  C  CB  . ALA A 1 83  ? -12.532 -5.278  3.583   1.000 17.010  ? 122 ALA AAA CB  1 ? 
ATOM   707  N  N   . GLN A 1 84  ? -12.449 -4.593  0.444   1.000 12.502  ? 123 GLN AAA N   1 ? 
ATOM   708  C  CA  . GLN A 1 84  ? -11.879 -4.881  -0.851  1.000 14.148  ? 123 GLN AAA CA  1 ? 
ATOM   709  C  C   . GLN A 1 84  ? -11.098 -3.702  -1.412  1.000 12.668  ? 123 GLN AAA C   1 ? 
ATOM   710  O  O   . GLN A 1 84  ? -10.057 -3.913  -2.037  1.000 12.425  ? 123 GLN AAA O   1 ? 
ATOM   711  C  CB  . GLN A 1 84  ? -12.895 -5.458  -1.849  1.000 15.817  ? 123 GLN AAA CB  1 ? 
ATOM   712  C  CG  . GLN A 1 84  ? -12.225 -5.987  -3.127  1.000 20.326  ? 123 GLN AAA CG  1 ? 
ATOM   713  C  CD  . GLN A 1 84  ? -11.221 -7.115  -2.941  0.500 17.863  ? 123 GLN AAA CD  1 ? 
ATOM   714  O  OE1 . GLN A 1 84  ? -10.277 -7.251  -3.717  0.500 23.017  ? 123 GLN AAA OE1 1 ? 
ATOM   715  N  NE2 . GLN A 1 84  ? -11.375 -7.922  -1.905  0.500 18.425  ? 123 GLN AAA NE2 1 ? 
ATOM   716  N  N   . GLU A 1 85  ? -11.556 -2.467  -1.199  1.000 11.853  ? 124 GLU AAA N   1 ? 
ATOM   717  C  CA  . GLU A 1 85  ? -10.821 -1.301  -1.679  1.000 12.708  ? 124 GLU AAA CA  1 ? 
ATOM   718  C  C   . GLU A 1 85  ? -9.442  -1.251  -1.050  1.000 12.191  ? 124 GLU AAA C   1 ? 
ATOM   719  O  O   . GLU A 1 85  ? -8.440  -0.967  -1.728  1.000 13.037  ? 124 GLU AAA O   1 ? 
ATOM   720  C  CB  . GLU A 1 85  ? -11.544 -0.014  -1.275  1.000 13.420  ? 124 GLU AAA CB  1 ? 
ATOM   721  C  CG  . GLU A 1 85  ? -12.839 0.275   -2.058  1.000 17.037  ? 124 GLU AAA CG  1 ? 
ATOM   722  C  CD  . GLU A 1 85  ? -13.377 1.579   -1.486  1.000 19.863  ? 124 GLU AAA CD  1 ? 
ATOM   723  O  OE1 . GLU A 1 85  ? -12.890 2.661   -1.838  1.000 26.868  ? 124 GLU AAA OE1 1 ? 
ATOM   724  O  OE2 . GLU A 1 85  ? -14.074 1.493   -0.546  1.000 25.128  ? 124 GLU AAA OE2 1 ? 
ATOM   725  N  N   . CYS A 1 86  ? -9.372  -1.565  0.245   1.000 11.711  ? 125 CYS AAA N   1 ? 
ATOM   726  C  CA  . CYS A 1 86  ? -8.087  -1.487  0.918   1.000 11.246  ? 125 CYS AAA CA  1 ? 
ATOM   727  C  C   . CYS A 1 86  ? -7.187  -2.674  0.548   1.000 10.575  ? 125 CYS AAA C   1 ? 
ATOM   728  O  O   . CYS A 1 86  ? -5.999  -2.495  0.255   1.000 11.466  ? 125 CYS AAA O   1 ? 
ATOM   729  C  CB  . CYS A 1 86  ? -8.375  -1.543  2.407   1.000 12.160  ? 125 CYS AAA CB  1 ? 
ATOM   730  S  SG  . CYS A 1 86  ? -6.879  -1.542  3.442   1.000 15.349  ? 125 CYS AAA SG  1 ? 
ATOM   731  N  N   . ILE A 1 87  ? -7.716  -3.896  0.418   1.000 11.033  ? 126 ILE AAA N   1 ? 
ATOM   732  C  CA  . ILE A 1 87  ? -6.956  -5.059  -0.015  1.000 11.542  ? 126 ILE AAA CA  1 ? 
ATOM   733  C  C   . ILE A 1 87  ? -6.406  -4.754  -1.408  1.000 11.171  ? 126 ILE AAA C   1 ? 
ATOM   734  O  O   . ILE A 1 87  ? -5.236  -5.101  -1.705  1.000 11.285  ? 126 ILE AAA O   1 ? 
ATOM   735  C  CB  . ILE A 1 87  ? -7.856  -6.312  -0.014  1.000 11.988  ? 126 ILE AAA CB  1 ? 
ATOM   736  C  CG1 . ILE A 1 87  ? -8.120  -6.690  1.450   1.000 13.176  ? 126 ILE AAA CG1 1 ? 
ATOM   737  C  CG2 . ILE A 1 87  ? -7.216  -7.480  -0.781  1.000 13.991  ? 126 ILE AAA CG2 1 ? 
ATOM   738  C  CD1 . ILE A 1 87  ? -9.316  -7.661  1.646   1.000 15.535  ? 126 ILE AAA CD1 1 ? 
ATOM   739  N  N   . GLN A 1 88  ? -7.177  -4.134  -2.328  1.000 11.338  ? 127 GLN AAA N   1 ? 
ATOM   740  C  CA  . GLN A 1 88  ? -6.730  -3.836  -3.667  1.000 12.589  ? 127 GLN AAA CA  1 ? 
ATOM   741  C  C   . GLN A 1 88  ? -5.571  -2.848  -3.576  1.000 11.522  ? 127 GLN AAA C   1 ? 
ATOM   742  O  O   . GLN A 1 88  ? -4.586  -2.996  -4.313  1.000 11.649  ? 127 GLN AAA O   1 ? 
ATOM   743  C  CB  . GLN A 1 88  ? -7.853  -3.224  -4.505  1.000 14.154  ? 127 GLN AAA CB  1 ? 
ATOM   744  C  CG  . GLN A 1 88  ? -7.389  -2.808  -5.904  1.000 20.956  ? 127 GLN AAA CG  1 ? 
ATOM   745  C  CD  . GLN A 1 88  ? -6.780  -3.957  -6.667  1.000 28.815  ? 127 GLN AAA CD  1 ? 
ATOM   746  O  OE1 . GLN A 1 88  ? -5.564  -4.018  -6.908  1.000 32.843  ? 127 GLN AAA OE1 1 ? 
ATOM   747  N  NE2 . GLN A 1 88  ? -7.623  -4.906  -7.041  1.000 31.465  ? 127 GLN AAA NE2 1 ? 
ATOM   748  N  N   . ASP A 1 89  ? -5.568  -1.922  -2.612  1.000 10.284  ? 128 ASP AAA N   1 ? 
ATOM   749  C  CA  . ASP A 1 89  ? -4.453  -0.994  -2.512  1.000 11.471  ? 128 ASP AAA CA  1 ? 
ATOM   750  C  C   . ASP A 1 89  ? -3.184  -1.745  -2.110  1.000 10.937  ? 128 ASP AAA C   1 ? 
ATOM   751  O  O   . ASP A 1 89  ? -2.093  -1.513  -2.653  1.000 10.561  ? 128 ASP AAA O   1 ? 
ATOM   752  C  CB  . ASP A 1 89  ? -4.722  0.131   -1.504  1.000 12.134  ? 128 ASP AAA CB  1 ? 
ATOM   753  C  CG  . ASP A 1 89  ? -5.632  1.234   -1.979  1.000 14.637  ? 128 ASP AAA CG  1 ? 
ATOM   754  O  OD1 . ASP A 1 89  ? -5.862  1.295   -3.207  1.000 14.361  ? 128 ASP AAA OD1 1 ? 
ATOM   755  O  OD2 . ASP A 1 89  ? -6.106  1.985   -1.111  1.000 14.366  ? 128 ASP AAA OD2 1 ? 
ATOM   756  N  N   . PHE A 1 90  ? -3.287  -2.669  -1.144  1.000 10.501  ? 129 PHE AAA N   1 ? 
ATOM   757  C  CA  . PHE A 1 90  ? -2.107  -3.489  -0.850  1.000 11.960  ? 129 PHE AAA CA  1 ? 
ATOM   758  C  C   . PHE A 1 90  ? -1.630  -4.315  -2.032  1.000 11.180  ? 129 PHE AAA C   1 ? 
ATOM   759  O  O   . PHE A 1 90  ? -0.417  -4.353  -2.336  1.000 11.153  ? 129 PHE AAA O   1 ? 
ATOM   760  C  CB  . PHE A 1 90  ? -2.421  -4.464  0.299   1.000 12.652  ? 129 PHE AAA CB  1 ? 
ATOM   761  C  CG  . PHE A 1 90  ? -2.324  -3.895  1.695   1.000 12.279  ? 129 PHE AAA CG  1 ? 
ATOM   762  C  CD1 . PHE A 1 90  ? -1.082  -3.673  2.271   1.000 16.111  ? 129 PHE AAA CD1 1 ? 
ATOM   763  C  CD2 . PHE A 1 90  ? -3.462  -3.538  2.394   1.000 13.777  ? 129 PHE AAA CD2 1 ? 
ATOM   764  C  CE1 . PHE A 1 90  ? -1.006  -3.159  3.565   1.000 17.141  ? 129 PHE AAA CE1 1 ? 
ATOM   765  C  CE2 . PHE A 1 90  ? -3.382  -3.085  3.711   1.000 15.792  ? 129 PHE AAA CE2 1 ? 
ATOM   766  C  CZ  . PHE A 1 90  ? -2.137  -2.877  4.263   1.000 16.579  ? 129 PHE AAA CZ  1 ? 
ATOM   767  N  N   . ASN A 1 91  ? -2.540  -4.940  -2.763  1.000 11.446  ? 130 ASN AAA N   1 ? 
ATOM   768  C  CA  . ASN A 1 91  ? -2.167  -5.710  -3.940  1.000 13.456  ? 130 ASN AAA CA  1 ? 
ATOM   769  C  C   . ASN A 1 91  ? -1.501  -4.858  -5.021  1.000 11.854  ? 130 ASN AAA C   1 ? 
ATOM   770  O  O   . ASN A 1 91  ? -0.478  -5.287  -5.593  1.000 12.881  ? 130 ASN AAA O   1 ? 
ATOM   771  C  CB  . ASN A 1 91  ? -3.375  -6.465  -4.504  1.000 14.881  ? 130 ASN AAA CB  1 ? 
ATOM   772  C  CG  . ASN A 1 91  ? -3.789  -7.636  -3.625  1.000 19.782  ? 130 ASN AAA CG  1 ? 
ATOM   773  O  OD1 . ASN A 1 91  ? -2.995  -8.184  -2.865  1.000 27.538  ? 130 ASN AAA OD1 1 ? 
ATOM   774  N  ND2 . ASN A 1 91  ? -5.056  -7.994  -3.686  1.000 25.688  ? 130 ASN AAA ND2 1 ? 
ATOM   775  N  N   . THR A 1 92  ? -1.934  -3.608  -5.165  1.000 12.032  ? 131 THR AAA N   1 ? 
ATOM   776  C  CA  . THR A 1 92  ? -1.358  -2.707  -6.146  1.000 11.756  ? 131 THR AAA CA  1 ? 
ATOM   777  C  C   . THR A 1 92  ? 0.078   -2.353  -5.690  1.000 11.754  ? 131 THR AAA C   1 ? 
ATOM   778  O  O   . THR A 1 92  ? 1.020   -2.363  -6.518  1.000 11.757  ? 131 THR AAA O   1 ? 
ATOM   779  C  CB  . THR A 1 92  ? -2.151  -1.399  -6.154  1.000 12.122  ? 131 THR AAA CB  1 ? 
ATOM   780  O  OG1 . THR A 1 92  ? -3.397  -1.780  -6.743  1.000 15.373  ? 131 THR AAA OG1 1 ? 
ATOM   781  C  CG2 . THR A 1 92  ? -1.485  -0.371  -7.054  1.000 14.733  ? 131 THR AAA CG2 1 ? 
ATOM   782  N  N   . MET A 1 93  ? 0.290   -2.129  -4.393  1.000 11.218  ? 132 MET AAA N   1 ? 
ATOM   783  C  CA  . MET A 1 93  ? 1.632   -1.801  -3.914  1.000 12.043  ? 132 MET AAA CA  1 ? 
ATOM   784  C  C   . MET A 1 93  ? 2.592   -2.953  -4.183  1.000 11.971  ? 132 MET AAA C   1 ? 
ATOM   785  O  O   . MET A 1 93  ? 3.702   -2.751  -4.705  1.000 12.162  ? 132 MET AAA O   1 ? 
ATOM   786  C  CB  . MET A 1 93  ? 1.536   -1.623  -2.414  1.000 12.510  ? 132 MET AAA CB  1 ? 
ATOM   787  C  CG  . MET A 1 93  ? 2.924   -1.285  -1.781  1.000 13.576  ? 132 MET AAA CG  1 ? 
ATOM   788  S  SD  . MET A 1 93  ? 2.762   -1.101  0.014   1.000 15.366  ? 132 MET AAA SD  1 ? 
ATOM   789  C  CE  . MET A 1 93  ? 2.631   -2.830  0.472   1.000 17.754  ? 132 MET AAA CE  1 ? 
ATOM   790  N  N   . PHE A 1 94  ? 2.192   -4.207  -3.876  1.000 10.599  ? 133 PHE AAA N   1 ? 
ATOM   791  C  CA  . PHE A 1 94  ? 3.106   -5.317  -4.134  1.000 12.133  ? 133 PHE AAA CA  1 ? 
ATOM   792  C  C   . PHE A 1 94  ? 3.333   -5.443  -5.639  1.000 12.566  ? 133 PHE AAA C   1 ? 
ATOM   793  O  O   . PHE A 1 94  ? 4.471   -5.684  -6.074  1.000 12.543  ? 133 PHE AAA O   1 ? 
ATOM   794  C  CB  . PHE A 1 94  ? 2.525   -6.617  -3.557  1.000 13.063  ? 133 PHE AAA CB  1 ? 
ATOM   795  C  CG  . PHE A 1 94  ? 2.440   -6.651  -2.054  1.000 13.735  ? 133 PHE AAA CG  1 ? 
ATOM   796  C  CD1 . PHE A 1 94  ? 3.559   -6.384  -1.291  1.000 16.730  ? 133 PHE AAA CD1 1 ? 
ATOM   797  C  CD2 . PHE A 1 94  ? 1.229   -6.857  -1.397  1.000 13.698  ? 133 PHE AAA CD2 1 ? 
ATOM   798  C  CE1 . PHE A 1 94  ? 3.498   -6.422  0.097   1.000 17.221  ? 133 PHE AAA CE1 1 ? 
ATOM   799  C  CE2 . PHE A 1 94  ? 1.175   -6.911  -0.001  1.000 14.539  ? 133 PHE AAA CE2 1 ? 
ATOM   800  C  CZ  . PHE A 1 94  ? 2.305   -6.621  0.733   1.000 16.416  ? 133 PHE AAA CZ  1 ? 
ATOM   801  N  N   . THR A 1 95  ? 2.275   -5.397  -6.445  1.000 12.754  ? 134 THR AAA N   1 ? 
ATOM   802  C  CA  A THR A 1 95  ? 2.470   -5.607  -7.865  0.500 13.870  ? 134 THR AAA CA  1 ? 
ATOM   803  C  CA  B THR A 1 95  ? 2.380   -5.535  -7.897  0.500 12.060  ? 134 THR AAA CA  1 ? 
ATOM   804  C  C   . THR A 1 95  ? 3.369   -4.536  -8.464  1.000 12.933  ? 134 THR AAA C   1 ? 
ATOM   805  O  O   . THR A 1 95  ? 4.172   -4.854  -9.345  1.000 13.422  ? 134 THR AAA O   1 ? 
ATOM   806  C  CB  A THR A 1 95  ? 1.148   -5.917  -8.559  0.500 16.010  ? 134 THR AAA CB  1 ? 
ATOM   807  C  CB  B THR A 1 95  ? 1.048   -5.336  -8.635  0.500 11.218  ? 134 THR AAA CB  1 ? 
ATOM   808  O  OG1 A THR A 1 95  ? 0.335   -4.778  -8.329  0.500 19.689  ? 134 THR AAA OG1 1 ? 
ATOM   809  O  OG1 B THR A 1 95  ? 0.154   -6.317  -8.118  0.500 12.284  ? 134 THR AAA OG1 1 ? 
ATOM   810  C  CG2 A THR A 1 95  ? 0.457   -7.104  -7.935  0.500 15.476  ? 134 THR AAA CG2 1 ? 
ATOM   811  C  CG2 B THR A 1 95  ? 1.101   -5.592  -10.129 0.500 11.608  ? 134 THR AAA CG2 1 ? 
ATOM   812  N  N   . ASN A 1 96  ? 3.283   -3.285  -7.990  1.000 11.648  ? 135 ASN AAA N   1 ? 
ATOM   813  C  CA  . ASN A 1 96  ? 4.155   -2.275  -8.571  1.000 12.698  ? 135 ASN AAA CA  1 ? 
ATOM   814  C  C   . ASN A 1 96  ? 5.611   -2.653  -8.342  1.000 12.237  ? 135 ASN AAA C   1 ? 
ATOM   815  O  O   . ASN A 1 96  ? 6.469   -2.452  -9.204  1.000 11.978  ? 135 ASN AAA O   1 ? 
ATOM   816  C  CB  . ASN A 1 96  ? 3.926   -0.920  -7.913  1.000 12.533  ? 135 ASN AAA CB  1 ? 
ATOM   817  C  CG  . ASN A 1 96  ? 2.568   -0.309  -8.198  1.000 14.438  ? 135 ASN AAA CG  1 ? 
ATOM   818  O  OD1 . ASN A 1 96  ? 1.995   -0.594  -9.235  1.000 16.339  ? 135 ASN AAA OD1 1 ? 
ATOM   819  N  ND2 . ASN A 1 96  ? 2.210   0.614   -7.347  1.000 16.478  ? 135 ASN AAA ND2 1 ? 
ATOM   820  N  N   . CYS A 1 97  ? 5.895   -3.171  -7.136  1.000 11.635  ? 136 CYS AAA N   1 ? 
ATOM   821  C  CA  . CYS A 1 97  ? 7.275   -3.524  -6.829  1.000 12.678  ? 136 CYS AAA CA  1 ? 
ATOM   822  C  C   . CYS A 1 97  ? 7.751   -4.653  -7.731  1.000 11.192  ? 136 CYS AAA C   1 ? 
ATOM   823  O  O   . CYS A 1 97  ? 8.885   -4.594  -8.244  1.000 12.158  ? 136 CYS AAA O   1 ? 
ATOM   824  C  CB  . CYS A 1 97  ? 7.293   -3.984  -5.380  1.000 13.422  ? 136 CYS AAA CB  1 ? 
ATOM   825  S  SG  . CYS A 1 97  ? 8.973   -4.361  -4.782  1.000 16.762  ? 136 CYS AAA SG  1 ? 
ATOM   826  N  N   . TYR A 1 98  ? 6.889   -5.634  -7.996  1.000 11.940  ? 137 TYR AAA N   1 ? 
ATOM   827  C  CA  . TYR A 1 98  ? 7.303   -6.753  -8.819  1.000 12.723  ? 137 TYR AAA CA  1 ? 
ATOM   828  C  C   . TYR A 1 98  ? 7.410   -6.347  -10.284 1.000 13.139  ? 137 TYR AAA C   1 ? 
ATOM   829  O  O   . TYR A 1 98  ? 8.307   -6.827  -10.977 1.000 14.719  ? 137 TYR AAA O   1 ? 
ATOM   830  C  CB  . TYR A 1 98  ? 6.268   -7.878  -8.707  1.000 12.436  ? 137 TYR AAA CB  1 ? 
ATOM   831  C  CG  . TYR A 1 98  ? 6.060   -8.418  -7.314  1.000 12.082  ? 137 TYR AAA CG  1 ? 
ATOM   832  C  CD1 . TYR A 1 98  ? 7.102   -8.430  -6.391  1.000 14.060  ? 137 TYR AAA CD1 1 ? 
ATOM   833  C  CD2 . TYR A 1 98  ? 4.807   -8.861  -6.876  1.000 12.771  ? 137 TYR AAA CD2 1 ? 
ATOM   834  C  CE1 . TYR A 1 98  ? 6.933   -8.909  -5.113  1.000 14.801  ? 137 TYR AAA CE1 1 ? 
ATOM   835  C  CE2 . TYR A 1 98  ? 4.629   -9.382  -5.613  1.000 13.280  ? 137 TYR AAA CE2 1 ? 
ATOM   836  C  CZ  . TYR A 1 98  ? 5.694   -9.389  -4.733  1.000 13.824  ? 137 TYR AAA CZ  1 ? 
ATOM   837  O  OH  . TYR A 1 98  ? 5.566   -9.865  -3.448  1.000 17.904  ? 137 TYR AAA OH  1 ? 
ATOM   838  N  N   . ILE A 1 99  ? 6.633   -5.377  -10.756 1.000 12.047  ? 138 ILE AAA N   1 ? 
ATOM   839  C  CA  . ILE A 1 99  ? 6.719   -4.919  -12.129 1.000 12.513  ? 138 ILE AAA CA  1 ? 
ATOM   840  C  C   . ILE A 1 99  ? 7.994   -4.104  -12.302 1.000 14.080  ? 138 ILE AAA C   1 ? 
ATOM   841  O  O   . ILE A 1 99  ? 8.750   -4.320  -13.249 1.000 15.768  ? 138 ILE AAA O   1 ? 
ATOM   842  C  CB  . ILE A 1 99  ? 5.493   -4.042  -12.459 1.000 15.064  ? 138 ILE AAA CB  1 ? 
ATOM   843  C  CG1 . ILE A 1 99  ? 4.231   -4.884  -12.606 1.000 15.178  ? 138 ILE AAA CG1 1 ? 
ATOM   844  C  CG2 . ILE A 1 99  ? 5.751   -3.242  -13.730 1.000 15.548  ? 138 ILE AAA CG2 1 ? 
ATOM   845  C  CD1 . ILE A 1 99  ? 2.962   -4.063  -12.669 1.000 22.132  ? 138 ILE AAA CD1 1 ? 
ATOM   846  N  N   . TYR A 1 100 ? 8.320   -3.215  -11.364 1.000 13.127  ? 139 TYR AAA N   1 ? 
ATOM   847  C  CA  . TYR A 1 100 ? 9.437   -2.320  -11.637 1.000 14.112  ? 139 TYR AAA CA  1 ? 
ATOM   848  C  C   . TYR A 1 100 ? 10.778  -3.052  -11.503 1.000 14.619  ? 139 TYR AAA C   1 ? 
ATOM   849  O  O   . TYR A 1 100 ? 11.748  -2.743  -12.216 1.000 15.374  ? 139 TYR AAA O   1 ? 
ATOM   850  C  CB  . TYR A 1 100 ? 9.378   -1.063  -10.747 1.000 14.701  ? 139 TYR AAA CB  1 ? 
ATOM   851  C  CG  . TYR A 1 100 ? 10.431  -0.069  -11.128 1.000 13.976  ? 139 TYR AAA CG  1 ? 
ATOM   852  C  CD1 . TYR A 1 100 ? 10.287  0.706   -12.281 1.000 14.247  ? 139 TYR AAA CD1 1 ? 
ATOM   853  C  CD2 . TYR A 1 100 ? 11.616  -0.020  -10.419 1.000 15.155  ? 139 TYR AAA CD2 1 ? 
ATOM   854  C  CE1 . TYR A 1 100 ? 11.302  1.579   -12.654 1.000 15.753  ? 139 TYR AAA CE1 1 ? 
ATOM   855  C  CE2 . TYR A 1 100 ? 12.624  0.853   -10.784 1.000 14.981  ? 139 TYR AAA CE2 1 ? 
ATOM   856  C  CZ  . TYR A 1 100 ? 12.457  1.623   -11.920 1.000 15.733  ? 139 TYR AAA CZ  1 ? 
ATOM   857  O  OH  . TYR A 1 100 ? 13.475  2.466   -12.278 1.000 19.478  ? 139 TYR AAA OH  1 ? 
ATOM   858  N  N   . ASN A 1 101 ? 10.870  -3.954  -10.528 1.000 14.077  ? 140 ASN AAA N   1 ? 
ATOM   859  C  CA  . ASN A 1 101 ? 12.117  -4.616  -10.168 1.000 13.407  ? 140 ASN AAA CA  1 ? 
ATOM   860  C  C   . ASN A 1 101 ? 12.232  -6.005  -10.792 1.000 16.840  ? 140 ASN AAA C   1 ? 
ATOM   861  O  O   . ASN A 1 101 ? 11.422  -6.386  -11.602 1.000 18.487  ? 140 ASN AAA O   1 ? 
ATOM   862  C  CB  . ASN A 1 101 ? 12.219  -4.626  -8.633  1.000 13.925  ? 140 ASN AAA CB  1 ? 
ATOM   863  C  CG  . ASN A 1 101 ? 12.196  -3.226  -8.085  1.000 14.815  ? 140 ASN AAA CG  1 ? 
ATOM   864  O  OD1 . ASN A 1 101 ? 13.193  -2.503  -8.194  1.000 16.427  ? 140 ASN AAA OD1 1 ? 
ATOM   865  N  ND2 . ASN A 1 101 ? 11.050  -2.816  -7.556  1.000 14.496  ? 140 ASN AAA ND2 1 ? 
ATOM   866  N  N   . LYS A 1 102 ? 13.324  -6.718  -10.483 1.000 18.824  ? 141 LYS AAA N   1 ? 
ATOM   867  C  CA  . LYS A 1 102 ? 13.572  -8.020  -11.099 1.000 20.251  ? 141 LYS AAA CA  1 ? 
ATOM   868  C  C   . LYS A 1 102 ? 13.439  -9.096  -10.040 1.000 18.571  ? 141 LYS AAA C   1 ? 
ATOM   869  O  O   . LYS A 1 102 ? 13.661  -8.852  -8.858  1.000 17.884  ? 141 LYS AAA O   1 ? 
ATOM   870  C  CB  . LYS A 1 102 ? 15.012  -8.100  -11.620 1.000 22.544  ? 141 LYS AAA CB  1 ? 
ATOM   871  C  CG  . LYS A 1 102 ? 15.403  -7.123  -12.723 1.000 30.676  ? 141 LYS AAA CG  1 ? 
ATOM   872  C  CD  . LYS A 1 102 ? 16.702  -7.550  -13.387 0.500 31.569  ? 141 LYS AAA CD  1 ? 
ATOM   873  C  CE  . LYS A 1 102 ? 17.244  -6.548  -14.379 0.500 37.633  ? 141 LYS AAA CE  1 ? 
ATOM   874  N  NZ  . LYS A 1 102 ? 18.177  -5.599  -13.731 1.000 45.965  ? 141 LYS AAA NZ  1 ? 
ATOM   875  N  N   . PRO A 1 103 ? 13.111  -10.364 -10.421 1.000 19.971  ? 142 PRO AAA N   1 ? 
ATOM   876  C  CA  . PRO A 1 103 ? 13.100  -11.475 -9.473  1.000 22.107  ? 142 PRO AAA CA  1 ? 
ATOM   877  C  C   . PRO A 1 103 ? 14.323  -11.604 -8.559  1.000 22.007  ? 142 PRO AAA C   1 ? 
ATOM   878  O  O   . PRO A 1 103 ? 14.175  -11.831 -7.362  1.000 27.799  ? 142 PRO AAA O   1 ? 
ATOM   879  C  CB  . PRO A 1 103 ? 12.817  -12.733 -10.341 1.000 23.785  ? 142 PRO AAA CB  1 ? 
ATOM   880  C  CG  . PRO A 1 103 ? 12.134  -12.152 -11.583 1.000 26.548  ? 142 PRO AAA CG  1 ? 
ATOM   881  C  CD  . PRO A 1 103 ? 12.688  -10.750 -11.772 1.000 21.854  ? 142 PRO AAA CD  1 ? 
ATOM   882  N  N   . GLY A 1 104 ? 15.545  -11.381 -8.998  1.000 22.943  ? 143 GLY AAA N   1 ? 
ATOM   883  C  CA  . GLY A 1 104 ? 16.520  -11.446 -7.875  1.000 31.946  ? 143 GLY AAA CA  1 ? 
ATOM   884  C  C   . GLY A 1 104 ? 16.355  -10.554 -6.602  1.000 27.780  ? 143 GLY AAA C   1 ? 
ATOM   885  O  O   . GLY A 1 104 ? 16.903  -10.808 -5.508  1.000 26.503  ? 143 GLY AAA O   1 ? 
ATOM   886  N  N   . ASP A 1 105 ? 15.662  -9.421  -6.732  1.000 18.880  ? 144 ASP AAA N   1 ? 
ATOM   887  C  CA  . ASP A 1 105 ? 16.187  -8.180  -6.183  1.000 17.404  ? 144 ASP AAA CA  1 ? 
ATOM   888  C  C   . ASP A 1 105 ? 15.867  -8.066  -4.703  1.000 17.178  ? 144 ASP AAA C   1 ? 
ATOM   889  O  O   . ASP A 1 105 ? 14.837  -8.554  -4.248  1.000 17.584  ? 144 ASP AAA O   1 ? 
ATOM   890  C  CB  . ASP A 1 105 ? 15.586  -6.948  -6.861  1.000 17.489  ? 144 ASP AAA CB  1 ? 
ATOM   891  C  CG  . ASP A 1 105 ? 16.113  -6.684  -8.256  1.000 21.511  ? 144 ASP AAA CG  1 ? 
ATOM   892  O  OD1 . ASP A 1 105 ? 17.112  -7.337  -8.626  1.000 26.438  ? 144 ASP AAA OD1 1 ? 
ATOM   893  O  OD2 . ASP A 1 105 ? 15.558  -5.791  -8.977  1.000 21.369  ? 144 ASP AAA OD2 1 ? 
ATOM   894  N  N   . ASP A 1 106 ? 16.694  -7.326  -3.953  1.000 15.974  ? 145 ASP AAA N   1 ? 
ATOM   895  C  CA  . ASP A 1 106 ? 16.470  -7.193  -2.535  1.000 17.280  ? 145 ASP AAA CA  1 ? 
ATOM   896  C  C   . ASP A 1 106 ? 15.047  -6.696  -2.276  1.000 16.005  ? 145 ASP AAA C   1 ? 
ATOM   897  O  O   . ASP A 1 106 ? 14.376  -7.208  -1.384  1.000 15.983  ? 145 ASP AAA O   1 ? 
ATOM   898  C  CB  . ASP A 1 106 ? 17.483  -6.232  -1.912  1.000 18.759  ? 145 ASP AAA CB  1 ? 
ATOM   899  C  CG  . ASP A 1 106 ? 18.835  -6.888  -1.697  1.000 20.716  ? 145 ASP AAA CG  1 ? 
ATOM   900  O  OD1 . ASP A 1 106 ? 18.909  -8.108  -1.723  1.000 22.011  ? 145 ASP AAA OD1 1 ? 
ATOM   901  O  OD2 . ASP A 1 106 ? 19.801  -6.103  -1.572  1.000 23.288  ? 145 ASP AAA OD2 1 ? 
ATOM   902  N  N   . ILE A 1 107 ? 14.628  -5.648  -2.983  1.000 14.761  ? 146 ILE AAA N   1 ? 
ATOM   903  C  CA  . ILE A 1 107 ? 13.333  -5.087  -2.648  1.000 14.327  ? 146 ILE AAA CA  1 ? 
ATOM   904  C  C   . ILE A 1 107 ? 12.220  -6.091  -2.959  1.000 13.853  ? 146 ILE AAA C   1 ? 
ATOM   905  O  O   . ILE A 1 107 ? 11.179  -6.061  -2.279  1.000 12.977  ? 146 ILE AAA O   1 ? 
ATOM   906  C  CB  . ILE A 1 107 ? 13.142  -3.747  -3.366  1.000 14.612  ? 146 ILE AAA CB  1 ? 
ATOM   907  C  CG1 . ILE A 1 107 ? 11.947  -2.967  -2.808  1.000 17.682  ? 146 ILE AAA CG1 1 ? 
ATOM   908  C  CG2 . ILE A 1 107 ? 13.017  -3.905  -4.887  1.000 16.041  ? 146 ILE AAA CG2 1 ? 
ATOM   909  C  CD1 . ILE A 1 107 ? 12.111  -2.493  -1.410  1.000 21.583  ? 146 ILE AAA CD1 1 ? 
ATOM   910  N  N   . VAL A 1 108 ? 12.402  -6.929  -3.970  1.000 13.261  ? 147 VAL AAA N   1 ? 
ATOM   911  C  CA  . VAL A 1 108 ? 11.424  -7.970  -4.290  1.000 12.837  ? 147 VAL AAA CA  1 ? 
ATOM   912  C  C   . VAL A 1 108 ? 11.384  -9.019  -3.178  1.000 15.078  ? 147 VAL AAA C   1 ? 
ATOM   913  O  O   . VAL A 1 108 ? 10.314  -9.461  -2.774  1.000 14.800  ? 147 VAL AAA O   1 ? 
ATOM   914  C  CB  . VAL A 1 108 ? 11.699  -8.531  -5.680  1.000 14.742  ? 147 VAL AAA CB  1 ? 
ATOM   915  C  CG1 . VAL A 1 108 ? 10.850  -9.776  -5.947  1.000 15.676  ? 147 VAL AAA CG1 1 ? 
ATOM   916  C  CG2 . VAL A 1 108 ? 11.457  -7.465  -6.757  1.000 14.209  ? 147 VAL AAA CG2 1 ? 
ATOM   917  N  N   . LEU A 1 109 ? 12.528  -9.441  -2.651  1.000 14.971  ? 148 LEU AAA N   1 ? 
ATOM   918  C  CA  . LEU A 1 109 ? 12.530  -10.402 -1.567  1.000 16.220  ? 148 LEU AAA CA  1 ? 
ATOM   919  C  C   . LEU A 1 109 ? 11.815  -9.818  -0.359  1.000 15.583  ? 148 LEU AAA C   1 ? 
ATOM   920  O  O   . LEU A 1 109 ? 11.094  -10.510 0.354   1.000 17.006  ? 148 LEU AAA O   1 ? 
ATOM   921  C  CB  . LEU A 1 109 ? 13.987  -10.702 -1.187  1.000 18.783  ? 148 LEU AAA CB  1 ? 
ATOM   922  C  CG  . LEU A 1 109 ? 14.786  -11.417 -2.271  1.000 21.195  ? 148 LEU AAA CG  1 ? 
ATOM   923  C  CD1 . LEU A 1 109 ? 16.244  -11.571 -1.849  1.000 21.991  ? 148 LEU AAA CD1 1 ? 
ATOM   924  C  CD2 . LEU A 1 109 ? 14.157  -12.735 -2.666  1.000 22.913  ? 148 LEU AAA CD2 1 ? 
ATOM   925  N  N   . MET A 1 110 ? 11.981  -8.512  -0.131  1.000 14.161  ? 149 MET AAA N   1 ? 
ATOM   926  C  CA  . MET A 1 110 ? 11.324  -7.855  0.978   1.000 14.285  ? 149 MET AAA CA  1 ? 
ATOM   927  C  C   . MET A 1 110 ? 9.813   -7.787  0.766   1.000 14.073  ? 149 MET AAA C   1 ? 
ATOM   928  O  O   . MET A 1 110 ? 9.028   -8.108  1.679   1.000 14.161  ? 149 MET AAA O   1 ? 
ATOM   929  C  CB  . MET A 1 110 ? 11.862  -6.439  1.140   1.000 14.527  ? 149 MET AAA CB  1 ? 
ATOM   930  C  CG  . MET A 1 110 ? 13.352  -6.479  1.540   1.000 16.509  ? 149 MET AAA CG  1 ? 
ATOM   931  S  SD  . MET A 1 110 ? 14.165  -4.855  1.504   1.000 21.770  ? 149 MET AAA SD  1 ? 
ATOM   932  C  CE  . MET A 1 110 ? 13.563  -4.178  3.025   1.000 21.380  ? 149 MET AAA CE  1 ? 
ATOM   933  N  N   . ALA A 1 111 ? 9.407   -7.434  -0.469  1.000 13.820  ? 150 ALA AAA N   1 ? 
ATOM   934  C  CA  . ALA A 1 111 ? 7.971   -7.362  -0.753  1.000 13.109  ? 150 ALA AAA CA  1 ? 
ATOM   935  C  C   . ALA A 1 111 ? 7.365   -8.753  -0.645  1.000 14.493  ? 150 ALA AAA C   1 ? 
ATOM   936  O  O   . ALA A 1 111 ? 6.246   -8.863  -0.127  1.000 14.267  ? 150 ALA AAA O   1 ? 
ATOM   937  C  CB  . ALA A 1 111 ? 7.746   -6.776  -2.137  1.000 13.868  ? 150 ALA AAA CB  1 ? 
ATOM   938  N  N   . GLU A 1 112 ? 8.070   -9.802  -1.064  1.000 13.656  ? 151 GLU AAA N   1 ? 
ATOM   939  C  CA  . GLU A 1 112 ? 7.521   -11.161 -1.006  1.000 15.267  ? 151 GLU AAA CA  1 ? 
ATOM   940  C  C   . GLU A 1 112 ? 7.311   -11.594 0.434   1.000 15.644  ? 151 GLU AAA C   1 ? 
ATOM   941  O  O   . GLU A 1 112 ? 6.290   -12.220 0.747   1.000 15.845  ? 151 GLU AAA O   1 ? 
ATOM   942  C  CB  . GLU A 1 112 ? 8.461   -12.155 -1.668  1.000 17.483  ? 151 GLU AAA CB  1 ? 
ATOM   943  C  CG  . GLU A 1 112 ? 8.420   -12.085 -3.183  1.000 20.038  ? 151 GLU AAA CG  1 ? 
ATOM   944  C  CD  . GLU A 1 112 ? 9.518   -12.856 -3.918  1.000 30.108  ? 151 GLU AAA CD  1 ? 
ATOM   945  O  OE1 . GLU A 1 112 ? 10.545  -13.183 -3.298  1.000 33.440  ? 151 GLU AAA OE1 1 ? 
ATOM   946  O  OE2 . GLU A 1 112 ? 9.365   -13.086 -5.127  1.000 38.254  ? 151 GLU AAA OE2 1 ? 
ATOM   947  N  N   . ALA A 1 113 ? 8.208   -11.202 1.354   1.000 15.255  ? 152 ALA AAA N   1 ? 
ATOM   948  C  CA  . ALA A 1 113 ? 8.029   -11.535 2.766   1.000 15.620  ? 152 ALA AAA CA  1 ? 
ATOM   949  C  C   . ALA A 1 113 ? 6.786   -10.831 3.296   1.000 15.658  ? 152 ALA AAA C   1 ? 
ATOM   950  O  O   . ALA A 1 113 ? 5.991   -11.419 4.046   1.000 16.183  ? 152 ALA AAA O   1 ? 
ATOM   951  C  CB  . ALA A 1 113 ? 9.266   -11.157 3.561   1.000 17.423  ? 152 ALA AAA CB  1 ? 
ATOM   952  N  N   . LEU A 1 114 ? 6.645   -9.525  3.019   1.000 13.900  ? 153 LEU AAA N   1 ? 
ATOM   953  C  CA  . LEU A 1 114 ? 5.497   -8.771  3.466   1.000 13.237  ? 153 LEU AAA CA  1 ? 
ATOM   954  C  C   . LEU A 1 114 ? 4.219   -9.332  2.855   1.000 12.814  ? 153 LEU AAA C   1 ? 
ATOM   955  O  O   . LEU A 1 114 ? 3.192   -9.353  3.530   1.000 12.915  ? 153 LEU AAA O   1 ? 
ATOM   956  C  CB  . LEU A 1 114 ? 5.647   -7.301  3.081   1.000 14.054  ? 153 LEU AAA CB  1 ? 
ATOM   957  C  CG  . LEU A 1 114 ? 6.776   -6.582  3.807   1.000 17.382  ? 153 LEU AAA CG  1 ? 
ATOM   958  C  CD1 . LEU A 1 114 ? 7.019   -5.255  3.093   1.000 18.732  ? 153 LEU AAA CD1 1 ? 
ATOM   959  C  CD2 . LEU A 1 114 ? 6.410   -6.383  5.266   1.000 18.831  ? 153 LEU AAA CD2 1 ? 
ATOM   960  N  N   . GLU A 1 115 ? 4.249   -9.667  1.569   1.000 13.414  ? 154 GLU AAA N   1 ? 
ATOM   961  C  CA  . GLU A 1 115 ? 3.057   -10.215 0.932   1.000 13.915  ? 154 GLU AAA CA  1 ? 
ATOM   962  C  C   . GLU A 1 115 ? 2.628   -11.539 1.572   1.000 14.184  ? 154 GLU AAA C   1 ? 
ATOM   963  O  O   . GLU A 1 115 ? 1.420   -11.782 1.700   1.000 13.851  ? 154 GLU AAA O   1 ? 
ATOM   964  C  CB  . GLU A 1 115 ? 3.285   -10.351 -0.580  1.000 14.245  ? 154 GLU AAA CB  1 ? 
ATOM   965  C  CG  . GLU A 1 115 ? 1.946   -10.642 -1.290  1.000 16.448  ? 154 GLU AAA CG  1 ? 
ATOM   966  C  CD  . GLU A 1 115 ? 2.084   -10.800 -2.790  1.000 22.341  ? 154 GLU AAA CD  1 ? 
ATOM   967  O  OE1 . GLU A 1 115 ? 3.188   -11.162 -3.253  1.000 21.701  ? 154 GLU AAA OE1 1 ? 
ATOM   968  O  OE2 . GLU A 1 115 ? 1.032   -10.684 -3.467  1.000 28.135  ? 154 GLU AAA OE2 1 ? 
ATOM   969  N  N   . LYS A 1 116 ? 3.578   -12.424 1.871   1.000 14.056  ? 155 LYS AAA N   1 ? 
ATOM   970  C  CA  . LYS A 1 116 ? 3.192   -13.663 2.530   1.000 14.819  ? 155 LYS AAA CA  1 ? 
ATOM   971  C  C   . LYS A 1 116 ? 2.482   -13.386 3.852   1.000 14.319  ? 155 LYS AAA C   1 ? 
ATOM   972  O  O   . LYS A 1 116 ? 1.418   -13.987 4.128   1.000 15.081  ? 155 LYS AAA O   1 ? 
ATOM   973  C  CB  . LYS A 1 116 ? 4.430   -14.532 2.735   1.000 17.203  ? 155 LYS AAA CB  1 ? 
ATOM   974  C  CG  . LYS A 1 116 ? 4.174   -15.840 3.476   1.000 22.131  ? 155 LYS AAA CG  1 ? 
ATOM   975  C  CD  . LYS A 1 116 ? 5.377   -16.712 3.618   1.000 26.825  ? 155 LYS AAA CD  1 ? 
ATOM   976  C  CE  . LYS A 1 116 ? 5.022   -17.987 4.360   1.000 31.972  ? 155 LYS AAA CE  1 ? 
ATOM   977  N  NZ  . LYS A 1 116 ? 6.072   -19.027 4.232   1.000 38.744  ? 155 LYS AAA NZ  1 ? 
ATOM   978  N  N   . LEU A 1 117 ? 2.977   -12.418 4.648   1.000 13.830  ? 156 LEU AAA N   1 ? 
ATOM   979  C  CA  . LEU A 1 117 ? 2.357   -12.077 5.915   1.000 14.209  ? 156 LEU AAA CA  1 ? 
ATOM   980  C  C   . LEU A 1 117 ? 0.978   -11.467 5.674   1.000 13.937  ? 156 LEU AAA C   1 ? 
ATOM   981  O  O   . LEU A 1 117 ? 0.003   -11.780 6.350   1.000 14.278  ? 156 LEU AAA O   1 ? 
ATOM   982  C  CB  . LEU A 1 117 ? 3.283   -11.099 6.664   1.000 16.095  ? 156 LEU AAA CB  1 ? 
ATOM   983  C  CG  . LEU A 1 117 ? 2.828   -10.644 8.033   1.000 19.016  ? 156 LEU AAA CG  1 ? 
ATOM   984  C  CD1 . LEU A 1 117 ? 2.423   -11.846 8.882   1.000 20.682  ? 156 LEU AAA CD1 1 ? 
ATOM   985  C  CD2 . LEU A 1 117 ? 4.002   -9.904  8.674   1.000 19.783  ? 156 LEU AAA CD2 1 ? 
ATOM   986  N  N   . PHE A 1 118 ? 0.881   -10.573 4.670   1.000 13.340  ? 157 PHE AAA N   1 ? 
ATOM   987  C  CA  . PHE A 1 118 ? -0.406  -9.967  4.341   1.000 13.172  ? 157 PHE AAA CA  1 ? 
ATOM   988  C  C   . PHE A 1 118 ? -1.427  -11.046 3.975   1.000 14.242  ? 157 PHE AAA C   1 ? 
ATOM   989  O  O   . PHE A 1 118 ? -2.555  -10.990 4.500   1.000 14.255  ? 157 PHE AAA O   1 ? 
ATOM   990  C  CB  . PHE A 1 118 ? -0.166  -9.082  3.102   1.000 13.175  ? 157 PHE AAA CB  1 ? 
ATOM   991  C  CG  . PHE A 1 118 ? -1.438  -8.503  2.537   1.000 13.136  ? 157 PHE AAA CG  1 ? 
ATOM   992  C  CD1 . PHE A 1 118 ? -2.148  -7.560  3.252   1.000 15.258  ? 157 PHE AAA CD1 1 ? 
ATOM   993  C  CD2 . PHE A 1 118 ? -1.911  -8.921  1.292   1.000 15.632  ? 157 PHE AAA CD2 1 ? 
ATOM   994  C  CE1 . PHE A 1 118 ? -3.339  -7.034  2.752   1.000 16.061  ? 157 PHE AAA CE1 1 ? 
ATOM   995  C  CE2 . PHE A 1 118 ? -3.058  -8.301  0.760   1.000 15.816  ? 157 PHE AAA CE2 1 ? 
ATOM   996  C  CZ  . PHE A 1 118 ? -3.781  -7.428  1.521   1.000 17.211  ? 157 PHE AAA CZ  1 ? 
ATOM   997  N  N   . LEU A 1 119 ? -1.043  -12.033 3.182   1.000 12.813  ? 158 LEU AAA N   1 ? 
ATOM   998  C  CA  . LEU A 1 119 ? -2.002  -13.069 2.777   1.000 14.798  ? 158 LEU AAA CA  1 ? 
ATOM   999  C  C   . LEU A 1 119 ? -2.392  -13.898 3.985   1.000 15.450  ? 158 LEU AAA C   1 ? 
ATOM   1000 O  O   . LEU A 1 119 ? -3.595  -14.215 4.083   1.000 15.509  ? 158 LEU AAA O   1 ? 
ATOM   1001 C  CB  . LEU A 1 119 ? -1.422  -13.914 1.663   1.000 16.901  ? 158 LEU AAA CB  1 ? 
ATOM   1002 C  CG  . LEU A 1 119 ? -1.304  -13.135 0.353   1.000 22.103  ? 158 LEU AAA CG  1 ? 
ATOM   1003 C  CD1 . LEU A 1 119 ? -0.503  -13.942 -0.644  1.000 24.471  ? 158 LEU AAA CD1 1 ? 
ATOM   1004 C  CD2 . LEU A 1 119 ? -2.664  -12.753 -0.239  1.000 24.320  ? 158 LEU AAA CD2 1 ? 
ATOM   1005 N  N   . GLN A 1 120 ? -1.459  -14.220 4.888   1.000 14.520  ? 159 GLN AAA N   1 ? 
ATOM   1006 C  CA  . GLN A 1 120 ? -1.866  -14.948 6.087   1.000 15.762  ? 159 GLN AAA CA  1 ? 
ATOM   1007 C  C   . GLN A 1 120 ? -2.910  -14.153 6.878   1.000 17.413  ? 159 GLN AAA C   1 ? 
ATOM   1008 O  O   . GLN A 1 120 ? -3.895  -14.693 7.407   1.000 18.451  ? 159 GLN AAA O   1 ? 
ATOM   1009 C  CB  . GLN A 1 120 ? -0.641  -15.185 6.958   1.000 16.517  ? 159 GLN AAA CB  1 ? 
ATOM   1010 C  CG  . GLN A 1 120 ? 0.286   -16.213 6.332   1.000 19.971  ? 159 GLN AAA CG  1 ? 
ATOM   1011 C  CD  . GLN A 1 120 ? 1.613   -16.422 7.017   0.500 19.952  ? 159 GLN AAA CD  1 ? 
ATOM   1012 O  OE1 . GLN A 1 120 ? 2.296   -15.491 7.419   0.500 22.663  ? 159 GLN AAA OE1 1 ? 
ATOM   1013 N  NE2 . GLN A 1 120 ? 2.022   -17.675 7.103   0.500 23.740  ? 159 GLN AAA NE2 1 ? 
ATOM   1014 N  N   . LYS A 1 121 ? -2.743  -12.839 6.982   1.000 15.596  ? 160 LYS AAA N   1 ? 
ATOM   1015 C  CA  . LYS A 1 121 ? -3.696  -12.002 7.693   1.000 16.759  ? 160 LYS AAA CA  1 ? 
ATOM   1016 C  C   . LYS A 1 121 ? -5.027  -11.902 6.975   1.000 16.665  ? 160 LYS AAA C   1 ? 
ATOM   1017 O  O   . LYS A 1 121 ? -6.064  -11.878 7.637   1.000 16.800  ? 160 LYS AAA O   1 ? 
ATOM   1018 C  CB  . LYS A 1 121 ? -3.120  -10.600 7.874   1.000 18.161  ? 160 LYS AAA CB  1 ? 
ATOM   1019 C  CG  . LYS A 1 121 ? -1.917  -10.589 8.803   1.000 21.101  ? 160 LYS AAA CG  1 ? 
ATOM   1020 C  CD  . LYS A 1 121 ? -2.288  -11.225 10.114  1.000 26.661  ? 160 LYS AAA CD  1 ? 
ATOM   1021 C  CE  . LYS A 1 121 ? -1.413  -10.858 11.281  1.000 29.759  ? 160 LYS AAA CE  1 ? 
ATOM   1022 N  NZ  . LYS A 1 121 ? -1.774  -11.815 12.359  1.000 27.915  ? 160 LYS AAA NZ  1 ? 
ATOM   1023 N  N   . ILE A 1 122 ? -5.016  -11.853 5.643   1.000 15.460  ? 161 ILE AAA N   1 ? 
ATOM   1024 C  CA  . ILE A 1 122 ? -6.274  -11.828 4.897   1.000 16.369  ? 161 ILE AAA CA  1 ? 
ATOM   1025 C  C   . ILE A 1 122 ? -7.027  -13.155 5.017   1.000 16.034  ? 161 ILE AAA C   1 ? 
ATOM   1026 O  O   . ILE A 1 122 ? -8.263  -13.164 5.069   1.000 16.039  ? 161 ILE AAA O   1 ? 
ATOM   1027 C  CB  . ILE A 1 122 ? -6.116  -11.352 3.442   1.000 17.665  ? 161 ILE AAA CB  1 ? 
ATOM   1028 C  CG1 . ILE A 1 122 ? -5.538  -9.938  3.391   1.000 18.869  ? 161 ILE AAA CG1 1 ? 
ATOM   1029 C  CG2 . ILE A 1 122 ? -7.476  -11.366 2.724   1.000 20.059  ? 161 ILE AAA CG2 1 ? 
ATOM   1030 C  CD1 . ILE A 1 122 ? -6.347  -8.909  4.174   1.000 19.381  ? 161 ILE AAA CD1 1 ? 
ATOM   1031 N  N   . ASN A 1 123 ? -6.295  -14.259 5.182   1.000 16.114  ? 162 ASN AAA N   1 ? 
ATOM   1032 C  CA  . ASN A 1 123 ? -6.947  -15.557 5.362   1.000 17.182  ? 162 ASN AAA CA  1 ? 
ATOM   1033 C  C   . ASN A 1 123 ? -7.744  -15.523 6.664   1.000 16.743  ? 162 ASN AAA C   1 ? 
ATOM   1034 O  O   . ASN A 1 123 ? -8.713  -16.291 6.805   1.000 19.447  ? 162 ASN AAA O   1 ? 
ATOM   1035 C  CB  . ASN A 1 123 ? -5.908  -16.671 5.430   1.000 17.968  ? 162 ASN AAA CB  1 ? 
ATOM   1036 C  CG  . ASN A 1 123 ? -5.306  -17.016 4.090   1.000 19.419  ? 162 ASN AAA CG  1 ? 
ATOM   1037 O  OD1 . ASN A 1 123 ? -5.782  -16.618 3.035   1.000 22.646  ? 162 ASN AAA OD1 1 ? 
ATOM   1038 N  ND2 . ASN A 1 123 ? -4.222  -17.779 4.146   1.000 24.379  ? 162 ASN AAA ND2 1 ? 
ATOM   1039 N  N   . GLU A 1 124 ? -7.376  -14.660 7.613   1.000 15.253  ? 163 GLU AAA N   1 ? 
ATOM   1040 C  CA  . GLU A 1 124 ? -8.051  -14.594 8.902   1.000 16.740  ? 163 GLU AAA CA  1 ? 
ATOM   1041 C  C   . GLU A 1 124 ? -8.990  -13.397 8.969   1.000 16.252  ? 163 GLU AAA C   1 ? 
ATOM   1042 O  O   . GLU A 1 124 ? -9.586  -13.139 10.012  1.000 18.492  ? 163 GLU AAA O   1 ? 
ATOM   1043 C  CB  . GLU A 1 124 ? -7.019  -14.483 10.030  1.000 19.862  ? 163 GLU AAA CB  1 ? 
ATOM   1044 C  CG  . GLU A 1 124 ? -6.103  -15.705 10.092  1.000 24.700  ? 163 GLU AAA CG  1 ? 
ATOM   1045 C  CD  . GLU A 1 124 ? -4.892  -15.505 10.996  1.000 33.816  ? 163 GLU AAA CD  1 ? 
ATOM   1046 O  OE1 . GLU A 1 124 ? -3.770  -15.952 10.604  1.000 37.421  ? 163 GLU AAA OE1 1 ? 
ATOM   1047 O  OE2 . GLU A 1 124 ? -5.078  -14.935 12.121  1.000 34.063  ? 163 GLU AAA OE2 1 ? 
ATOM   1048 N  N   . LEU A 1 125 ? -9.202  -12.725 7.835   1.000 14.375  ? 164 LEU AAA N   1 ? 
ATOM   1049 C  CA  . LEU A 1 125 ? -10.112 -11.587 7.838   1.000 14.476  ? 164 LEU AAA CA  1 ? 
ATOM   1050 C  C   . LEU A 1 125 ? -11.515 -12.022 8.278   1.000 14.573  ? 164 LEU AAA C   1 ? 
ATOM   1051 O  O   . LEU A 1 125 ? -12.073 -12.947 7.658   1.000 14.716  ? 164 LEU AAA O   1 ? 
ATOM   1052 C  CB  . LEU A 1 125 ? -10.191 -11.004 6.411   1.000 15.540  ? 164 LEU AAA CB  1 ? 
ATOM   1053 C  CG  . LEU A 1 125 ? -11.107 -9.792  6.212   1.000 15.561  ? 164 LEU AAA CG  1 ? 
ATOM   1054 C  CD1 . LEU A 1 125 ? -10.455 -8.512  6.727   1.000 20.195  ? 164 LEU AAA CD1 1 ? 
ATOM   1055 C  CD2 . LEU A 1 125 ? -11.405 -9.617  4.712   1.000 18.321  ? 164 LEU AAA CD2 1 ? 
ATOM   1056 N  N   . PRO A 1 126 ? -12.164 -11.372 9.271   1.000 15.216  ? 165 PRO AAA N   1 ? 
ATOM   1057 C  CA  . PRO A 1 126 ? -13.495 -11.816 9.683   1.000 17.428  ? 165 PRO AAA CA  1 ? 
ATOM   1058 C  C   . PRO A 1 126 ? -14.545 -11.557 8.618   1.000 18.164  ? 165 PRO AAA C   1 ? 
ATOM   1059 O  O   . PRO A 1 126 ? -14.397 -10.678 7.780   1.000 18.489  ? 165 PRO AAA O   1 ? 
ATOM   1060 C  CB  . PRO A 1 126 ? -13.793 -10.958 10.927  1.000 20.256  ? 165 PRO AAA CB  1 ? 
ATOM   1061 C  CG  . PRO A 1 126 ? -12.930 -9.727  10.746  1.000 20.541  ? 165 PRO AAA CG  1 ? 
ATOM   1062 C  CD  . PRO A 1 126 ? -11.652 -10.254 10.095  1.000 18.431  ? 165 PRO AAA CD  1 ? 
ATOM   1063 N  N   . THR A 1 127 ? -15.646 -12.356 8.680   1.000 22.149  ? 166 THR AAA N   1 ? 
ATOM   1064 C  CA  . THR A 1 127 ? -16.838 -12.034 7.908   1.000 25.001  ? 166 THR AAA CA  1 ? 
ATOM   1065 C  C   . THR A 1 127 ? -17.338 -10.663 8.348   1.000 22.912  ? 166 THR AAA C   1 ? 
ATOM   1066 O  O   . THR A 1 127 ? -17.231 -10.336 9.530   1.000 23.864  ? 166 THR AAA O   1 ? 
ATOM   1067 C  CB  . THR A 1 127 ? -17.988 -13.024 8.162   1.000 29.012  ? 166 THR AAA CB  1 ? 
ATOM   1068 O  OG1 . THR A 1 127 ? -17.518 -14.281 7.684   1.000 35.495  ? 166 THR AAA OG1 1 ? 
ATOM   1069 C  CG2 . THR A 1 127 ? -19.199 -12.693 7.322   1.000 31.224  ? 166 THR AAA CG2 1 ? 
ATOM   1070 N  N   . GLU A 1 128 ? -17.849 -9.918  7.369   1.000 25.245  ? 167 GLU AAA N   1 ? 
ATOM   1071 C  CA  . GLU A 1 128 ? -18.407 -8.602  7.601   1.000 30.442  ? 167 GLU AAA CA  1 ? 
ATOM   1072 C  C   . GLU A 1 128 ? -19.620 -8.763  8.510   1.000 34.339  ? 167 GLU AAA C   1 ? 
ATOM   1073 O  O   . GLU A 1 128 ? -20.448 -9.647  8.283   1.000 36.820  ? 167 GLU AAA O   1 ? 
ATOM   1074 C  CB  . GLU A 1 128 ? -18.817 -7.991  6.267   1.000 30.312  ? 167 GLU AAA CB  1 ? 
ATOM   1075 C  CG  . GLU A 1 128 ? -18.733 -6.481  6.334   1.000 35.908  ? 167 GLU AAA CG  1 ? 
ATOM   1076 C  CD  . GLU A 1 128 ? -19.573 -5.655  5.380   1.000 38.423  ? 167 GLU AAA CD  1 ? 
ATOM   1077 O  OE1 . GLU A 1 128 ? -20.793 -5.906  5.266   1.000 42.693  ? 167 GLU AAA OE1 1 ? 
ATOM   1078 O  OE2 . GLU A 1 128 ? -18.994 -4.743  4.784   1.000 40.917  ? 167 GLU AAA OE2 1 ? 
ATOM   1079 N  N   . GLU A 1 129 ? -19.692 -7.951  9.568   1.000 35.871  ? 168 GLU AAA N   1 ? 
ATOM   1080 C  CA  . GLU A 1 129 ? -20.809 -8.081  10.487  1.000 47.310  ? 168 GLU AAA CA  1 ? 
ATOM   1081 C  C   . GLU A 1 129 ? -21.429 -6.702  10.741  1.000 57.789  ? 168 GLU AAA C   1 ? 
ATOM   1082 O  O   . GLU A 1 129 ? -20.709 -5.704  10.866  1.000 63.007  ? 168 GLU AAA O   1 ? 
ATOM   1083 C  CB  . GLU A 1 129 ? -20.387 -8.802  11.767  1.000 53.247  ? 168 GLU AAA CB  1 ? 
ATOM   1084 C  CG  . GLU A 1 129 ? -19.372 -8.037  12.600  1.000 60.929  ? 168 GLU AAA CG  1 ? 
ATOM   1085 C  CD  . GLU A 1 129 ? -18.967 -8.723  13.895  1.000 67.137  ? 168 GLU AAA CD  1 ? 
ATOM   1086 O  OE1 . GLU A 1 129 ? -19.871 -9.077  14.680  1.000 69.403  ? 168 GLU AAA OE1 1 ? 
ATOM   1087 O  OE2 . GLU A 1 129 ? -17.746 -8.907  14.113  1.000 70.516  ? 168 GLU AAA OE2 1 ? 
ATOM   1088 O  OXT . GLU A 1 129 ? -22.659 -6.573  10.816  1.000 54.953  ? 168 GLU AAA OXT 1 ? 
HETATM 1089 C  C4  . IS6 B 2 .   ? 9.256   0.397   -2.279  1.000 48.517  ? 201 IS6 AAA C4  1 ? 
HETATM 1090 C  C5  . IS6 B 2 .   ? 10.420  1.104   -2.922  1.000 49.052  ? 201 IS6 AAA C5  1 ? 
HETATM 1091 C  C6  . IS6 B 2 .   ? 10.671  0.234   -4.153  1.000 49.244  ? 201 IS6 AAA C6  1 ? 
HETATM 1092 C  C7  . IS6 B 2 .   ? 11.615  0.913   -5.161  1.000 59.830  ? 201 IS6 AAA C7  1 ? 
HETATM 1093 C  C8  . IS6 B 2 .   ? 13.492  0.041   -3.821  1.000 72.351  ? 201 IS6 AAA C8  1 ? 
HETATM 1094 C  C9  . IS6 B 2 .   ? 14.681  -0.659  -4.500  1.000 93.787  ? 201 IS6 AAA C9  1 ? 
HETATM 1095 C  C10 . IS6 B 2 .   ? 15.359  -0.701  -5.873  1.000 109.630 ? 201 IS6 AAA C10 1 ? 
HETATM 1096 N  N1  . IS6 B 2 .   ? 9.297   -0.058  -4.589  1.000 46.133  ? 201 IS6 AAA N1  1 ? 
HETATM 1097 N  N2  . IS6 B 2 .   ? 12.886  1.081   -4.724  1.000 65.900  ? 201 IS6 AAA N2  1 ? 
HETATM 1098 C  C3  . IS6 B 2 .   ? 8.381   -0.073  -3.436  1.000 47.108  ? 201 IS6 AAA C3  1 ? 
HETATM 1099 C  C1  . IS6 B 2 .   ? 7.598   -0.189  -6.397  1.000 20.273  ? 201 IS6 AAA C1  1 ? 
HETATM 1100 C  C2  . IS6 B 2 .   ? 9.034   -0.253  -5.895  1.000 24.570  ? 201 IS6 AAA C2  1 ? 
HETATM 1101 O  O1  . IS6 B 2 .   ? 10.013  -0.373  -6.629  1.000 33.936  ? 201 IS6 AAA O1  1 ? 
HETATM 1102 O  O2  . IS6 B 2 .   ? 11.257  1.255   -6.293  1.000 54.384  ? 201 IS6 AAA O2  1 ? 
HETATM 1103 BR BR1 . IS6 B 2 .   ? 16.030  -0.444  -7.736  1.000 148.848 ? 201 IS6 AAA BR1 1 ? 
HETATM 1104 C  C1  . GOL C 3 .   ? -3.045  5.834   -6.763  1.000 34.517  ? 202 GOL AAA C1  1 ? 
HETATM 1105 O  O1  . GOL C 3 .   ? -2.009  5.678   -7.719  1.000 20.470  ? 202 GOL AAA O1  1 ? 
HETATM 1106 C  C2  . GOL C 3 .   ? -4.195  5.009   -7.231  1.000 40.149  ? 202 GOL AAA C2  1 ? 
HETATM 1107 O  O2  . GOL C 3 .   ? -3.711  3.670   -7.301  1.000 44.113  ? 202 GOL AAA O2  1 ? 
HETATM 1108 C  C3  . GOL C 3 .   ? -4.655  5.484   -8.592  1.000 39.539  ? 202 GOL AAA C3  1 ? 
HETATM 1109 O  O3  . GOL C 3 .   ? -4.292  6.847   -8.779  1.000 33.161  ? 202 GOL AAA O3  1 ? 
HETATM 1110 C  C1  . GOL D 3 .   ? 0.910   -0.318  -12.489 1.000 28.021  ? 203 GOL AAA C1  1 ? 
HETATM 1111 O  O1  . GOL D 3 .   ? 1.351   0.745   -11.646 1.000 21.819  ? 203 GOL AAA O1  1 ? 
HETATM 1112 C  C2  . GOL D 3 .   ? 1.776   -0.313  -13.718 1.000 27.665  ? 203 GOL AAA C2  1 ? 
HETATM 1113 O  O2  . GOL D 3 .   ? 1.466   -1.448  -14.522 1.000 42.582  ? 203 GOL AAA O2  1 ? 
HETATM 1114 C  C3  . GOL D 3 .   ? 1.584   0.965   -14.506 1.000 26.188  ? 203 GOL AAA C3  1 ? 
HETATM 1115 O  O3  . GOL D 3 .   ? 0.262   1.449   -14.313 1.000 41.063  ? 203 GOL AAA O3  1 ? 
HETATM 1116 C  C1  . GOL E 3 .   ? -0.567  -15.556 11.400  1.000 43.478  ? 204 GOL AAA C1  1 ? 
HETATM 1117 O  O1  . GOL E 3 .   ? -1.470  -14.489 11.692  1.000 42.595  ? 204 GOL AAA O1  1 ? 
HETATM 1118 C  C2  . GOL E 3 .   ? 0.768   -15.022 10.934  1.000 47.451  ? 204 GOL AAA C2  1 ? 
HETATM 1119 O  O2  . GOL E 3 .   ? 1.198   -13.968 11.800  1.000 43.685  ? 204 GOL AAA O2  1 ? 
HETATM 1120 C  C3  . GOL E 3 .   ? 1.830   -16.095 10.802  1.000 50.529  ? 204 GOL AAA C3  1 ? 
HETATM 1121 O  O3  . GOL E 3 .   ? 3.146   -15.545 10.841  1.000 53.212  ? 204 GOL AAA O3  1 ? 
HETATM 1122 O  O   . HOH F 4 .   ? -17.989 -4.810  3.611   1.000 39.942  ? 301 HOH AAA O   1 ? 
HETATM 1123 O  O   . HOH F 4 .   ? 9.602   -6.702  -12.974 1.000 13.760  ? 302 HOH AAA O   1 ? 
HETATM 1124 O  O   . HOH F 4 .   ? -19.157 -4.063  10.295  1.000 32.194  ? 303 HOH AAA O   1 ? 
HETATM 1125 O  O   . HOH F 4 .   ? -6.756  -6.756  -5.896  1.000 47.965  ? 304 HOH AAA O   1 ? 
HETATM 1126 O  O   . HOH F 4 .   ? -15.056 14.655  -5.682  1.000 34.426  ? 305 HOH AAA O   1 ? 
HETATM 1127 O  O   . HOH F 4 .   ? 2.232   -11.888 12.560  1.000 50.820  ? 306 HOH AAA O   1 ? 
HETATM 1128 O  O   . HOH F 4 .   ? -17.568 -11.544 11.640  1.000 53.430  ? 307 HOH AAA O   1 ? 
HETATM 1129 O  O   . HOH F 4 .   ? -10.757 -14.168 11.996  1.000 49.900  ? 308 HOH AAA O   1 ? 
HETATM 1130 O  O   . HOH F 4 .   ? 5.194   -7.443  12.456  1.000 34.403  ? 309 HOH AAA O   1 ? 
HETATM 1131 O  O   . HOH F 4 .   ? 4.419   7.938   4.719   1.000 38.562  ? 310 HOH AAA O   1 ? 
HETATM 1132 O  O   . HOH F 4 .   ? 15.535  9.681   2.685   1.000 37.964  ? 311 HOH AAA O   1 ? 
HETATM 1133 O  O   . HOH F 4 .   ? -14.791 -7.682  2.259   1.000 42.376  ? 312 HOH AAA O   1 ? 
HETATM 1134 O  O   . HOH F 4 .   ? -4.811  -12.372 12.092  1.000 28.490  ? 313 HOH AAA O   1 ? 
HETATM 1135 O  O   . HOH F 4 .   ? -3.328  -15.424 13.959  1.000 33.072  ? 314 HOH AAA O   1 ? 
HETATM 1136 O  O   . HOH F 4 .   ? 19.827  11.246  -4.622  1.000 34.956  ? 315 HOH AAA O   1 ? 
HETATM 1137 O  O   . HOH F 4 .   ? 8.351   9.765   -0.345  1.000 29.421  ? 316 HOH AAA O   1 ? 
HETATM 1138 O  O   . HOH F 4 .   ? 9.859   11.243  -10.751 1.000 27.475  ? 317 HOH AAA O   1 ? 
HETATM 1139 O  O   . HOH F 4 .   ? 15.766  -3.657  -7.437  1.000 34.258  ? 318 HOH AAA O   1 ? 
HETATM 1140 O  O   . HOH F 4 .   ? -5.007  0.630   -5.622  1.000 30.183  ? 319 HOH AAA O   1 ? 
HETATM 1141 O  O   . HOH F 4 .   ? 0.811   9.247   -6.877  1.000 20.058  ? 320 HOH AAA O   1 ? 
HETATM 1142 O  O   . HOH F 4 .   ? 10.894  -14.711 -1.158  1.000 44.960  ? 321 HOH AAA O   1 ? 
HETATM 1143 O  O   . HOH F 4 .   ? 21.010  -9.742  -1.802  1.000 22.910  ? 322 HOH AAA O   1 ? 
HETATM 1144 O  O   . HOH F 4 .   ? -0.001  -2.668  -9.964  1.000 35.185  ? 323 HOH AAA O   1 ? 
HETATM 1145 O  O   . HOH F 4 .   ? 6.976   2.873   -1.388  1.000 22.385  ? 324 HOH AAA O   1 ? 
HETATM 1146 O  O   . HOH F 4 .   ? -10.521 3.345   -2.983  1.000 32.413  ? 325 HOH AAA O   1 ? 
HETATM 1147 O  O   . HOH F 4 .   ? 11.389  -13.186 0.746   1.000 32.596  ? 326 HOH AAA O   1 ? 
HETATM 1148 O  O   . HOH F 4 .   ? 8.248   -12.175 7.587   1.000 37.173  ? 327 HOH AAA O   1 ? 
HETATM 1149 O  O   . HOH F 4 .   ? 12.088  -13.123 -6.167  1.000 33.388  ? 328 HOH AAA O   1 ? 
HETATM 1150 O  O   . HOH F 4 .   ? -16.815 4.906   -1.525  1.000 22.468  ? 329 HOH AAA O   1 ? 
HETATM 1151 O  O   . HOH F 4 .   ? -5.566  13.288  4.596   1.000 50.117  ? 330 HOH AAA O   1 ? 
HETATM 1152 O  O   . HOH F 4 .   ? -1.039  9.643   -0.067  1.000 21.349  ? 331 HOH AAA O   1 ? 
HETATM 1153 O  O   . HOH F 4 .   ? 10.269  4.748   6.358   1.000 26.967  ? 332 HOH AAA O   1 ? 
HETATM 1154 O  O   . HOH F 4 .   ? 17.554  12.586  -9.509  1.000 42.513  ? 333 HOH AAA O   1 ? 
HETATM 1155 O  O   . HOH F 4 .   ? -2.781  -17.758 12.452  1.000 31.672  ? 334 HOH AAA O   1 ? 
HETATM 1156 O  O   . HOH F 4 .   ? 2.344   6.109   -3.645  1.000 18.782  ? 335 HOH AAA O   1 ? 
HETATM 1157 O  O   . HOH F 4 .   ? 4.555   2.692   -5.971  1.000 21.001  ? 336 HOH AAA O   1 ? 
HETATM 1158 O  O   . HOH F 4 .   ? 6.893   -13.461 5.718   1.000 29.687  ? 337 HOH AAA O   1 ? 
HETATM 1159 O  O   . HOH F 4 .   ? -10.219 16.657  0.982   1.000 40.823  ? 338 HOH AAA O   1 ? 
HETATM 1160 O  O   . HOH F 4 .   ? -15.812 -4.394  4.652   1.000 19.013  ? 339 HOH AAA O   1 ? 
HETATM 1161 O  O   . HOH F 4 .   ? -9.117  15.161  -3.478  1.000 58.456  ? 340 HOH AAA O   1 ? 
HETATM 1162 O  O   . HOH F 4 .   ? 4.003   10.823  -4.837  1.000 23.183  ? 341 HOH AAA O   1 ? 
HETATM 1163 O  O   . HOH F 4 .   ? 4.892   8.534   -19.064 1.000 45.398  ? 342 HOH AAA O   1 ? 
HETATM 1164 O  O   . HOH F 4 .   ? 5.096   -14.945 7.363   1.000 44.049  ? 343 HOH AAA O   1 ? 
HETATM 1165 O  O   . HOH F 4 .   ? 6.842   10.785  -4.632  1.000 23.160  ? 344 HOH AAA O   1 ? 
HETATM 1166 O  O   . HOH F 4 .   ? -1.490  8.479   -7.968  1.000 20.943  ? 345 HOH AAA O   1 ? 
HETATM 1167 O  O   . HOH F 4 .   ? 5.562   -0.589  -4.464  1.000 25.551  ? 346 HOH AAA O   1 ? 
HETATM 1168 O  O   . HOH F 4 .   ? 19.154  -6.470  -5.145  1.000 31.529  ? 347 HOH AAA O   1 ? 
HETATM 1169 O  O   . HOH F 4 .   ? -6.019  13.725  0.013   1.000 28.101  ? 348 HOH AAA O   1 ? 
HETATM 1170 O  O   . HOH F 4 .   ? -10.945 10.170  4.357   1.000 38.761  ? 349 HOH AAA O   1 ? 
HETATM 1171 O  O   . HOH F 4 .   ? -3.680  10.276  9.319   1.000 48.809  ? 350 HOH AAA O   1 ? 
HETATM 1172 O  O   . HOH F 4 .   ? 0.232   -12.275 14.396  1.000 36.729  ? 351 HOH AAA O   1 ? 
HETATM 1173 O  O   . HOH F 4 .   ? 11.211  2.963   -1.578  1.000 37.500  ? 352 HOH AAA O   1 ? 
HETATM 1174 O  O   . HOH F 4 .   ? 9.819   -9.193  -10.223 1.000 26.541  ? 353 HOH AAA O   1 ? 
HETATM 1175 O  O   . HOH F 4 .   ? 15.651  5.287   -14.697 1.000 38.453  ? 354 HOH AAA O   1 ? 
HETATM 1176 O  O   . HOH F 4 .   ? -8.757  1.499   -3.524  1.000 31.114  ? 355 HOH AAA O   1 ? 
HETATM 1177 O  O   . HOH F 4 .   ? 9.819   -8.225  11.339  1.000 28.408  ? 356 HOH AAA O   1 ? 
HETATM 1178 O  O   . HOH F 4 .   ? -15.191 -5.665  0.630   1.000 24.678  ? 357 HOH AAA O   1 ? 
HETATM 1179 O  O   . HOH F 4 .   ? 0.314   -20.070 6.840   1.000 52.145  ? 358 HOH AAA O   1 ? 
HETATM 1180 O  O   . HOH F 4 .   ? -12.652 3.250   5.796   1.000 24.839  ? 359 HOH AAA O   1 ? 
HETATM 1181 O  O   . HOH F 4 .   ? 11.345  6.772   -1.622  1.000 30.685  ? 360 HOH AAA O   1 ? 
HETATM 1182 O  O   . HOH F 4 .   ? -19.563 -2.790  -1.084  1.000 24.821  ? 361 HOH AAA O   1 ? 
HETATM 1183 O  O   . HOH F 4 .   ? 9.808   8.929   -12.344 1.000 22.622  ? 362 HOH AAA O   1 ? 
HETATM 1184 O  O   . HOH F 4 .   ? 9.504   4.958   -0.650  1.000 26.670  ? 363 HOH AAA O   1 ? 
HETATM 1185 O  O   . HOH F 4 .   ? 12.639  3.088   -19.154 1.000 38.153  ? 364 HOH AAA O   1 ? 
HETATM 1186 O  O   . HOH F 4 .   ? -14.763 -8.569  13.693  1.000 33.758  ? 365 HOH AAA O   1 ? 
HETATM 1187 O  O   . HOH F 4 .   ? 4.856   5.259   -4.763  1.000 23.455  ? 366 HOH AAA O   1 ? 
HETATM 1188 O  O   . HOH F 4 .   ? 15.554  -2.931  -10.016 1.000 54.745  ? 367 HOH AAA O   1 ? 
HETATM 1189 O  O   . HOH F 4 .   ? 11.172  -1.406  8.545   1.000 26.638  ? 368 HOH AAA O   1 ? 
HETATM 1190 O  O   . HOH F 4 .   ? 8.045   14.877  -3.963  1.000 43.455  ? 369 HOH AAA O   1 ? 
HETATM 1191 O  O   . HOH F 4 .   ? -7.838  1.717   15.720  1.000 48.167  ? 370 HOH AAA O   1 ? 
HETATM 1192 O  O   . HOH F 4 .   ? -17.702 -10.992 4.521   1.000 41.597  ? 371 HOH AAA O   1 ? 
HETATM 1193 O  O   . HOH F 4 .   ? 12.618  4.881   -20.935 1.000 29.277  ? 372 HOH AAA O   1 ? 
HETATM 1194 O  O   . HOH F 4 .   ? -12.643 -6.331  13.866  1.000 39.675  ? 373 HOH AAA O   1 ? 
HETATM 1195 O  O   . HOH F 4 .   ? 5.229   -14.138 -1.394  1.000 38.029  ? 374 HOH AAA O   1 ? 
HETATM 1196 O  O   . HOH F 4 .   ? 5.504   1.398   -2.692  1.000 28.962  ? 375 HOH AAA O   1 ? 
HETATM 1197 O  O   . HOH F 4 .   ? 14.523  11.117  -11.196 1.000 45.126  ? 376 HOH AAA O   1 ? 
HETATM 1198 O  O   . HOH F 4 .   ? 16.528  -3.891  -4.637  1.000 22.554  ? 377 HOH AAA O   1 ? 
HETATM 1199 O  O   . HOH F 4 .   ? -13.786 2.815   -4.776  1.000 38.966  ? 378 HOH AAA O   1 ? 
HETATM 1200 O  O   . HOH F 4 .   ? -6.663  4.793   -5.336  1.000 31.649  ? 379 HOH AAA O   1 ? 
HETATM 1201 O  O   . HOH F 4 .   ? 1.026   7.733   6.946   1.000 39.248  ? 380 HOH AAA O   1 ? 
HETATM 1202 O  O   . HOH F 4 .   ? 4.271   2.820   -19.774 1.000 45.742  ? 381 HOH AAA O   1 ? 
HETATM 1203 O  O   . HOH F 4 .   ? -3.096  -17.808 8.185   1.000 40.557  ? 382 HOH AAA O   1 ? 
HETATM 1204 O  O   . HOH F 4 .   ? 11.204  -6.382  -14.729 1.000 35.683  ? 383 HOH AAA O   1 ? 
HETATM 1205 O  O   . HOH F 4 .   ? 5.309   10.226  -17.085 1.000 24.870  ? 384 HOH AAA O   1 ? 
HETATM 1206 O  O   . HOH F 4 .   ? 18.942  -9.808  -9.338  1.000 67.209  ? 385 HOH AAA O   1 ? 
HETATM 1207 O  O   . HOH F 4 .   ? -2.877  12.723  0.424   1.000 41.463  ? 386 HOH AAA O   1 ? 
HETATM 1208 O  O   . HOH F 4 .   ? -8.436  6.693   -5.382  1.000 45.596  ? 387 HOH AAA O   1 ? 
HETATM 1209 O  O   . HOH F 4 .   ? -11.032 -4.684  -5.624  1.000 45.166  ? 388 HOH AAA O   1 ? 
HETATM 1210 O  O   . HOH F 4 .   ? 13.009  18.710  -13.199 1.000 41.366  ? 389 HOH AAA O   1 ? 
HETATM 1211 O  O   . HOH F 4 .   ? -5.960  -10.730 -1.996  1.000 41.249  ? 390 HOH AAA O   1 ? 
HETATM 1212 O  O   . HOH F 4 .   ? 5.059   -10.002 13.386  1.000 48.064  ? 391 HOH AAA O   1 ? 
HETATM 1213 O  O   . HOH F 4 .   ? 13.077  -4.931  -14.442 1.000 49.113  ? 392 HOH AAA O   1 ? 
HETATM 1214 O  O   . HOH F 4 .   ? 8.758   -7.150  13.753  1.000 51.744  ? 393 HOH AAA O   1 ? 
HETATM 1215 O  O   . HOH F 4 .   ? 2.948   8.380   -5.296  1.000 21.509  ? 394 HOH AAA O   1 ? 
HETATM 1216 O  O   . HOH F 4 .   ? -22.063 -3.182  7.104   1.000 62.619  ? 395 HOH AAA O   1 ? 
HETATM 1217 O  O   . HOH F 4 .   ? -13.664 1.116   10.430  1.000 47.837  ? 396 HOH AAA O   1 ? 
HETATM 1218 O  O   . HOH F 4 .   ? 9.280   -14.708 1.725   1.000 45.776  ? 397 HOH AAA O   1 ? 
HETATM 1219 O  O   . HOH F 4 .   ? 3.228   -15.053 -0.695  1.000 43.842  ? 398 HOH AAA O   1 ? 
HETATM 1220 O  O   . HOH F 4 .   ? -21.728 -0.936  8.545   1.000 52.934  ? 399 HOH AAA O   1 ? 
HETATM 1221 O  O   . HOH F 4 .   ? -17.615 6.535   8.892   1.000 42.831  ? 400 HOH AAA O   1 ? 
HETATM 1222 O  O   . HOH F 4 .   ? 8.029   11.542  -2.429  1.000 42.078  ? 401 HOH AAA O   1 ? 
HETATM 1223 O  O   . HOH F 4 .   ? -9.859  -5.951  15.086  1.000 21.668  ? 402 HOH AAA O   1 ? 
HETATM 1224 O  O   . HOH F 4 .   ? 12.445  11.893  -11.765 1.000 34.415  ? 403 HOH AAA O   1 ? 
HETATM 1225 O  O   . HOH F 4 .   ? 0.486   1.359   12.188  1.000 43.502  ? 404 HOH AAA O   1 ? 
HETATM 1226 O  O   . HOH F 4 .   ? 17.082  2.007   -6.296  1.000 48.989  ? 405 HOH AAA O   1 ? 
HETATM 1227 O  O   . HOH F 4 .   ? 11.492  -12.674 6.433   1.000 60.883  ? 406 HOH AAA O   1 ? 
HETATM 1228 O  O   . HOH F 4 .   ? 6.520   11.213  1.812   1.000 54.814  ? 407 HOH AAA O   1 ? 
# 
